data_3ID1
# 
_entry.id   3ID1 
# 
_audit_conform.dict_name       mmcif_pdbx.dic 
_audit_conform.dict_version    5.388 
_audit_conform.dict_location   http://mmcif.pdb.org/dictionaries/ascii/mmcif_pdbx.dic 
# 
loop_
_database_2.database_id 
_database_2.database_code 
_database_2.pdbx_database_accession 
_database_2.pdbx_DOI 
PDB   3ID1         pdb_00003id1 10.2210/pdb3id1/pdb 
RCSB  RCSB054258   ?            ?                   
WWPDB D_1000054258 ?            ?                   
# 
loop_
_pdbx_audit_revision_history.ordinal 
_pdbx_audit_revision_history.data_content_type 
_pdbx_audit_revision_history.major_revision 
_pdbx_audit_revision_history.minor_revision 
_pdbx_audit_revision_history.revision_date 
1 'Structure model' 1 0 2009-08-11 
2 'Structure model' 1 1 2011-07-13 
3 'Structure model' 1 2 2024-03-20 
# 
_pdbx_audit_revision_details.ordinal             1 
_pdbx_audit_revision_details.revision_ordinal    1 
_pdbx_audit_revision_details.data_content_type   'Structure model' 
_pdbx_audit_revision_details.provider            repository 
_pdbx_audit_revision_details.type                'Initial release' 
_pdbx_audit_revision_details.description         ? 
_pdbx_audit_revision_details.details             ? 
# 
loop_
_pdbx_audit_revision_group.ordinal 
_pdbx_audit_revision_group.revision_ordinal 
_pdbx_audit_revision_group.data_content_type 
_pdbx_audit_revision_group.group 
1 2 'Structure model' 'Version format compliance' 
2 3 'Structure model' 'Data collection'           
3 3 'Structure model' 'Database references'       
# 
loop_
_pdbx_audit_revision_category.ordinal 
_pdbx_audit_revision_category.revision_ordinal 
_pdbx_audit_revision_category.data_content_type 
_pdbx_audit_revision_category.category 
1 3 'Structure model' chem_comp_atom     
2 3 'Structure model' chem_comp_bond     
3 3 'Structure model' database_2         
4 3 'Structure model' struct_ref_seq_dif 
# 
loop_
_pdbx_audit_revision_item.ordinal 
_pdbx_audit_revision_item.revision_ordinal 
_pdbx_audit_revision_item.data_content_type 
_pdbx_audit_revision_item.item 
1 3 'Structure model' '_database_2.pdbx_DOI'                
2 3 'Structure model' '_database_2.pdbx_database_accession' 
3 3 'Structure model' '_struct_ref_seq_dif.details'         
# 
_pdbx_database_status.status_code                     REL 
_pdbx_database_status.entry_id                        3ID1 
_pdbx_database_status.recvd_initial_deposition_date   2009-07-20 
_pdbx_database_status.deposit_site                    RCSB 
_pdbx_database_status.process_site                    PDBJ 
_pdbx_database_status.status_code_sf                  REL 
_pdbx_database_status.status_code_mr                  ? 
_pdbx_database_status.SG_entry                        ? 
_pdbx_database_status.pdb_format_compatible           Y 
_pdbx_database_status.status_code_cs                  ? 
_pdbx_database_status.status_code_nmr_data            ? 
_pdbx_database_status.methods_development_category    ? 
# 
loop_
_pdbx_database_related.db_name 
_pdbx_database_related.db_id 
_pdbx_database_related.details 
_pdbx_database_related.content_type 
PDB 3ID2 'RseP PDZ2 domain'                      unspecified 
PDB 3ID3 'RseP PDZ2 I304A domain'                unspecified 
PDB 3ID4 'RseP PDZ2 fused GKASPV peptide domain' unspecified 
# 
loop_
_audit_author.name 
_audit_author.pdbx_ordinal 
'Li, X.'   1 
'Wang, B.' 2 
'Feng, L.' 3 
'Wang, J.' 4 
'Shi, Y.'  5 
# 
_citation.id                        primary 
_citation.title                     
'Cleavage of RseA by RseP requires a carboxyl-terminal hydrophobic amino acid following DegS cleavage' 
_citation.journal_abbrev            Proc.Natl.Acad.Sci.USA 
_citation.journal_volume            106 
_citation.page_first                14837 
_citation.page_last                 14842 
_citation.year                      2009 
_citation.journal_id_ASTM           PNASA6 
_citation.country                   US 
_citation.journal_id_ISSN           0027-8424 
_citation.journal_id_CSD            0040 
_citation.book_publisher            ? 
_citation.pdbx_database_id_PubMed   19706448 
_citation.pdbx_database_id_DOI      10.1073/pnas.0903289106 
# 
loop_
_citation_author.citation_id 
_citation_author.name 
_citation_author.ordinal 
_citation_author.identifier_ORCID 
primary 'Li, X.'   1 ? 
primary 'Wang, B.' 2 ? 
primary 'Feng, L.' 3 ? 
primary 'Kang, H.' 4 ? 
primary 'Qi, Y.'   5 ? 
primary 'Wang, J.' 6 ? 
primary 'Shi, Y.'  7 ? 
# 
loop_
_entity.id 
_entity.type 
_entity.src_method 
_entity.pdbx_description 
_entity.formula_weight 
_entity.pdbx_number_of_molecules 
_entity.pdbx_ec 
_entity.pdbx_mutation 
_entity.pdbx_fragment 
_entity.details 
1 polymer man 'Regulator of sigma E protease' 10315.558 1   3.4.24.- ? 'PDZ1 domain, residues 127-220' ? 
2 water   nat water                           18.015    131 ?        ? ?                               ? 
# 
_entity_poly.entity_id                      1 
_entity_poly.type                           'polypeptide(L)' 
_entity_poly.nstd_linkage                   no 
_entity_poly.nstd_monomer                   no 
_entity_poly.pdbx_seq_one_letter_code       
;MVRPVVGEIAANSIAAEAQIAPGTELKAVDGIETPDWDAVRLQLVDKIGDESTTITVAPFGSDQRRDVKLDLRHWAFEPD
KEDPVSSLGIRPRGP
;
_entity_poly.pdbx_seq_one_letter_code_can   
;MVRPVVGEIAANSIAAEAQIAPGTELKAVDGIETPDWDAVRLQLVDKIGDESTTITVAPFGSDQRRDVKLDLRHWAFEPD
KEDPVSSLGIRPRGP
;
_entity_poly.pdbx_strand_id                 A 
_entity_poly.pdbx_target_identifier         ? 
# 
_pdbx_entity_nonpoly.entity_id   2 
_pdbx_entity_nonpoly.name        water 
_pdbx_entity_nonpoly.comp_id     HOH 
# 
loop_
_entity_poly_seq.entity_id 
_entity_poly_seq.num 
_entity_poly_seq.mon_id 
_entity_poly_seq.hetero 
1 1  MET n 
1 2  VAL n 
1 3  ARG n 
1 4  PRO n 
1 5  VAL n 
1 6  VAL n 
1 7  GLY n 
1 8  GLU n 
1 9  ILE n 
1 10 ALA n 
1 11 ALA n 
1 12 ASN n 
1 13 SER n 
1 14 ILE n 
1 15 ALA n 
1 16 ALA n 
1 17 GLU n 
1 18 ALA n 
1 19 GLN n 
1 20 ILE n 
1 21 ALA n 
1 22 PRO n 
1 23 GLY n 
1 24 THR n 
1 25 GLU n 
1 26 LEU n 
1 27 LYS n 
1 28 ALA n 
1 29 VAL n 
1 30 ASP n 
1 31 GLY n 
1 32 ILE n 
1 33 GLU n 
1 34 THR n 
1 35 PRO n 
1 36 ASP n 
1 37 TRP n 
1 38 ASP n 
1 39 ALA n 
1 40 VAL n 
1 41 ARG n 
1 42 LEU n 
1 43 GLN n 
1 44 LEU n 
1 45 VAL n 
1 46 ASP n 
1 47 LYS n 
1 48 ILE n 
1 49 GLY n 
1 50 ASP n 
1 51 GLU n 
1 52 SER n 
1 53 THR n 
1 54 THR n 
1 55 ILE n 
1 56 THR n 
1 57 VAL n 
1 58 ALA n 
1 59 PRO n 
1 60 PHE n 
1 61 GLY n 
1 62 SER n 
1 63 ASP n 
1 64 GLN n 
1 65 ARG n 
1 66 ARG n 
1 67 ASP n 
1 68 VAL n 
1 69 LYS n 
1 70 LEU n 
1 71 ASP n 
1 72 LEU n 
1 73 ARG n 
1 74 HIS n 
1 75 TRP n 
1 76 ALA n 
1 77 PHE n 
1 78 GLU n 
1 79 PRO n 
1 80 ASP n 
1 81 LYS n 
1 82 GLU n 
1 83 ASP n 
1 84 PRO n 
1 85 VAL n 
1 86 SER n 
1 87 SER n 
1 88 LEU n 
1 89 GLY n 
1 90 ILE n 
1 91 ARG n 
1 92 PRO n 
1 93 ARG n 
1 94 GLY n 
1 95 PRO n 
# 
_entity_src_gen.entity_id                          1 
_entity_src_gen.pdbx_src_id                        1 
_entity_src_gen.pdbx_alt_source_flag               sample 
_entity_src_gen.pdbx_seq_type                      ? 
_entity_src_gen.pdbx_beg_seq_num                   ? 
_entity_src_gen.pdbx_end_seq_num                   ? 
_entity_src_gen.gene_src_common_name               ? 
_entity_src_gen.gene_src_genus                     ? 
_entity_src_gen.pdbx_gene_src_gene                 rseP 
_entity_src_gen.gene_src_species                   ? 
_entity_src_gen.gene_src_strain                    K12 
_entity_src_gen.gene_src_tissue                    ? 
_entity_src_gen.gene_src_tissue_fraction           ? 
_entity_src_gen.gene_src_details                   ? 
_entity_src_gen.pdbx_gene_src_fragment             ? 
_entity_src_gen.pdbx_gene_src_scientific_name      'Escherichia coli K-12' 
_entity_src_gen.pdbx_gene_src_ncbi_taxonomy_id     83333 
_entity_src_gen.pdbx_gene_src_variant              ? 
_entity_src_gen.pdbx_gene_src_cell_line            ? 
_entity_src_gen.pdbx_gene_src_atcc                 ? 
_entity_src_gen.pdbx_gene_src_organ                ? 
_entity_src_gen.pdbx_gene_src_organelle            ? 
_entity_src_gen.pdbx_gene_src_cell                 ? 
_entity_src_gen.pdbx_gene_src_cellular_location    ? 
_entity_src_gen.host_org_common_name               ? 
_entity_src_gen.pdbx_host_org_scientific_name      'Escherichia coli' 
_entity_src_gen.pdbx_host_org_ncbi_taxonomy_id     469008 
_entity_src_gen.host_org_genus                     ? 
_entity_src_gen.pdbx_host_org_gene                 ? 
_entity_src_gen.pdbx_host_org_organ                ? 
_entity_src_gen.host_org_species                   ? 
_entity_src_gen.pdbx_host_org_tissue               ? 
_entity_src_gen.pdbx_host_org_tissue_fraction      ? 
_entity_src_gen.pdbx_host_org_strain               'BL21(DE3)' 
_entity_src_gen.pdbx_host_org_variant              ? 
_entity_src_gen.pdbx_host_org_cell_line            ? 
_entity_src_gen.pdbx_host_org_atcc                 ? 
_entity_src_gen.pdbx_host_org_culture_collection   ? 
_entity_src_gen.pdbx_host_org_cell                 ? 
_entity_src_gen.pdbx_host_org_organelle            ? 
_entity_src_gen.pdbx_host_org_cellular_location    ? 
_entity_src_gen.pdbx_host_org_vector_type          Plasmid 
_entity_src_gen.pdbx_host_org_vector               ? 
_entity_src_gen.host_org_details                   ? 
_entity_src_gen.expression_system_id               ? 
_entity_src_gen.plasmid_name                       pET15b 
_entity_src_gen.plasmid_details                    ? 
_entity_src_gen.pdbx_description                   ? 
# 
loop_
_chem_comp.id 
_chem_comp.type 
_chem_comp.mon_nstd_flag 
_chem_comp.name 
_chem_comp.pdbx_synonyms 
_chem_comp.formula 
_chem_comp.formula_weight 
ALA 'L-peptide linking' y ALANINE         ? 'C3 H7 N O2'     89.093  
ARG 'L-peptide linking' y ARGININE        ? 'C6 H15 N4 O2 1' 175.209 
ASN 'L-peptide linking' y ASPARAGINE      ? 'C4 H8 N2 O3'    132.118 
ASP 'L-peptide linking' y 'ASPARTIC ACID' ? 'C4 H7 N O4'     133.103 
GLN 'L-peptide linking' y GLUTAMINE       ? 'C5 H10 N2 O3'   146.144 
GLU 'L-peptide linking' y 'GLUTAMIC ACID' ? 'C5 H9 N O4'     147.129 
GLY 'peptide linking'   y GLYCINE         ? 'C2 H5 N O2'     75.067  
HIS 'L-peptide linking' y HISTIDINE       ? 'C6 H10 N3 O2 1' 156.162 
HOH non-polymer         . WATER           ? 'H2 O'           18.015  
ILE 'L-peptide linking' y ISOLEUCINE      ? 'C6 H13 N O2'    131.173 
LEU 'L-peptide linking' y LEUCINE         ? 'C6 H13 N O2'    131.173 
LYS 'L-peptide linking' y LYSINE          ? 'C6 H15 N2 O2 1' 147.195 
MET 'L-peptide linking' y METHIONINE      ? 'C5 H11 N O2 S'  149.211 
PHE 'L-peptide linking' y PHENYLALANINE   ? 'C9 H11 N O2'    165.189 
PRO 'L-peptide linking' y PROLINE         ? 'C5 H9 N O2'     115.130 
SER 'L-peptide linking' y SERINE          ? 'C3 H7 N O3'     105.093 
THR 'L-peptide linking' y THREONINE       ? 'C4 H9 N O3'     119.119 
TRP 'L-peptide linking' y TRYPTOPHAN      ? 'C11 H12 N2 O2'  204.225 
VAL 'L-peptide linking' y VALINE          ? 'C5 H11 N O2'    117.146 
# 
loop_
_pdbx_poly_seq_scheme.asym_id 
_pdbx_poly_seq_scheme.entity_id 
_pdbx_poly_seq_scheme.seq_id 
_pdbx_poly_seq_scheme.mon_id 
_pdbx_poly_seq_scheme.ndb_seq_num 
_pdbx_poly_seq_scheme.pdb_seq_num 
_pdbx_poly_seq_scheme.auth_seq_num 
_pdbx_poly_seq_scheme.pdb_mon_id 
_pdbx_poly_seq_scheme.auth_mon_id 
_pdbx_poly_seq_scheme.pdb_strand_id 
_pdbx_poly_seq_scheme.pdb_ins_code 
_pdbx_poly_seq_scheme.hetero 
A 1 1  MET 1  126 126 MET MET A . n 
A 1 2  VAL 2  127 127 VAL VAL A . n 
A 1 3  ARG 3  128 128 ARG ARG A . n 
A 1 4  PRO 4  129 129 PRO PRO A . n 
A 1 5  VAL 5  130 130 VAL VAL A . n 
A 1 6  VAL 6  131 131 VAL VAL A . n 
A 1 7  GLY 7  132 132 GLY GLY A . n 
A 1 8  GLU 8  133 133 GLU GLU A . n 
A 1 9  ILE 9  134 134 ILE ILE A . n 
A 1 10 ALA 10 135 135 ALA ALA A . n 
A 1 11 ALA 11 136 136 ALA ALA A . n 
A 1 12 ASN 12 137 137 ASN ASN A . n 
A 1 13 SER 13 138 138 SER SER A . n 
A 1 14 ILE 14 139 139 ILE ILE A . n 
A 1 15 ALA 15 140 140 ALA ALA A . n 
A 1 16 ALA 16 141 141 ALA ALA A . n 
A 1 17 GLU 17 142 142 GLU GLU A . n 
A 1 18 ALA 18 143 143 ALA ALA A . n 
A 1 19 GLN 19 144 144 GLN GLN A . n 
A 1 20 ILE 20 145 145 ILE ILE A . n 
A 1 21 ALA 21 146 146 ALA ALA A . n 
A 1 22 PRO 22 147 147 PRO PRO A . n 
A 1 23 GLY 23 148 148 GLY GLY A . n 
A 1 24 THR 24 149 149 THR THR A . n 
A 1 25 GLU 25 150 150 GLU GLU A . n 
A 1 26 LEU 26 151 151 LEU LEU A . n 
A 1 27 LYS 27 152 152 LYS LYS A . n 
A 1 28 ALA 28 153 153 ALA ALA A . n 
A 1 29 VAL 29 154 154 VAL VAL A . n 
A 1 30 ASP 30 155 155 ASP ASP A . n 
A 1 31 GLY 31 156 156 GLY GLY A . n 
A 1 32 ILE 32 157 157 ILE ILE A . n 
A 1 33 GLU 33 158 158 GLU GLU A . n 
A 1 34 THR 34 159 159 THR THR A . n 
A 1 35 PRO 35 160 160 PRO PRO A . n 
A 1 36 ASP 36 161 161 ASP ASP A . n 
A 1 37 TRP 37 162 162 TRP TRP A . n 
A 1 38 ASP 38 163 163 ASP ASP A . n 
A 1 39 ALA 39 164 164 ALA ALA A . n 
A 1 40 VAL 40 165 165 VAL VAL A . n 
A 1 41 ARG 41 166 166 ARG ARG A . n 
A 1 42 LEU 42 167 167 LEU LEU A . n 
A 1 43 GLN 43 168 168 GLN GLN A . n 
A 1 44 LEU 44 169 169 LEU LEU A . n 
A 1 45 VAL 45 170 170 VAL VAL A . n 
A 1 46 ASP 46 171 171 ASP ASP A . n 
A 1 47 LYS 47 172 172 LYS LYS A . n 
A 1 48 ILE 48 173 173 ILE ILE A . n 
A 1 49 GLY 49 174 174 GLY GLY A . n 
A 1 50 ASP 50 175 175 ASP ASP A . n 
A 1 51 GLU 51 176 176 GLU GLU A . n 
A 1 52 SER 52 177 177 SER SER A . n 
A 1 53 THR 53 178 178 THR THR A . n 
A 1 54 THR 54 179 179 THR THR A . n 
A 1 55 ILE 55 180 180 ILE ILE A . n 
A 1 56 THR 56 181 181 THR THR A . n 
A 1 57 VAL 57 182 182 VAL VAL A . n 
A 1 58 ALA 58 183 183 ALA ALA A . n 
A 1 59 PRO 59 184 184 PRO PRO A . n 
A 1 60 PHE 60 185 185 PHE PHE A . n 
A 1 61 GLY 61 186 186 GLY GLY A . n 
A 1 62 SER 62 187 187 SER SER A . n 
A 1 63 ASP 63 188 188 ASP ASP A . n 
A 1 64 GLN 64 189 189 GLN GLN A . n 
A 1 65 ARG 65 190 190 ARG ARG A . n 
A 1 66 ARG 66 191 191 ARG ARG A . n 
A 1 67 ASP 67 192 192 ASP ASP A . n 
A 1 68 VAL 68 193 193 VAL VAL A . n 
A 1 69 LYS 69 194 194 LYS LYS A . n 
A 1 70 LEU 70 195 195 LEU LEU A . n 
A 1 71 ASP 71 196 196 ASP ASP A . n 
A 1 72 LEU 72 197 197 LEU LEU A . n 
A 1 73 ARG 73 198 198 ARG ARG A . n 
A 1 74 HIS 74 199 199 HIS HIS A . n 
A 1 75 TRP 75 200 200 TRP TRP A . n 
A 1 76 ALA 76 201 201 ALA ALA A . n 
A 1 77 PHE 77 202 202 PHE PHE A . n 
A 1 78 GLU 78 203 203 GLU GLU A . n 
A 1 79 PRO 79 204 204 PRO PRO A . n 
A 1 80 ASP 80 205 205 ASP ASP A . n 
A 1 81 LYS 81 206 206 LYS LYS A . n 
A 1 82 GLU 82 207 207 GLU GLU A . n 
A 1 83 ASP 83 208 208 ASP ASP A . n 
A 1 84 PRO 84 209 209 PRO PRO A . n 
A 1 85 VAL 85 210 210 VAL VAL A . n 
A 1 86 SER 86 211 211 SER SER A . n 
A 1 87 SER 87 212 212 SER SER A . n 
A 1 88 LEU 88 213 213 LEU LEU A . n 
A 1 89 GLY 89 214 214 GLY GLY A . n 
A 1 90 ILE 90 215 215 ILE ILE A . n 
A 1 91 ARG 91 216 216 ARG ARG A . n 
A 1 92 PRO 92 217 217 PRO PRO A . n 
A 1 93 ARG 93 218 218 ARG ARG A . n 
A 1 94 GLY 94 219 219 GLY GLY A . n 
A 1 95 PRO 95 220 ?   ?   ?   A . n 
# 
loop_
_pdbx_nonpoly_scheme.asym_id 
_pdbx_nonpoly_scheme.entity_id 
_pdbx_nonpoly_scheme.mon_id 
_pdbx_nonpoly_scheme.ndb_seq_num 
_pdbx_nonpoly_scheme.pdb_seq_num 
_pdbx_nonpoly_scheme.auth_seq_num 
_pdbx_nonpoly_scheme.pdb_mon_id 
_pdbx_nonpoly_scheme.auth_mon_id 
_pdbx_nonpoly_scheme.pdb_strand_id 
_pdbx_nonpoly_scheme.pdb_ins_code 
B 2 HOH 1   1   1   HOH HOH A . 
B 2 HOH 2   2   2   HOH HOH A . 
B 2 HOH 3   3   3   HOH HOH A . 
B 2 HOH 4   4   4   HOH HOH A . 
B 2 HOH 5   5   5   HOH HOH A . 
B 2 HOH 6   6   6   HOH HOH A . 
B 2 HOH 7   7   7   HOH HOH A . 
B 2 HOH 8   8   8   HOH HOH A . 
B 2 HOH 9   9   9   HOH HOH A . 
B 2 HOH 10  10  10  HOH HOH A . 
B 2 HOH 11  11  11  HOH HOH A . 
B 2 HOH 12  12  12  HOH HOH A . 
B 2 HOH 13  13  13  HOH HOH A . 
B 2 HOH 14  14  14  HOH HOH A . 
B 2 HOH 15  15  15  HOH HOH A . 
B 2 HOH 16  16  16  HOH HOH A . 
B 2 HOH 17  17  17  HOH HOH A . 
B 2 HOH 18  18  18  HOH HOH A . 
B 2 HOH 19  19  19  HOH HOH A . 
B 2 HOH 20  20  20  HOH HOH A . 
B 2 HOH 21  21  21  HOH HOH A . 
B 2 HOH 22  22  22  HOH HOH A . 
B 2 HOH 23  23  23  HOH HOH A . 
B 2 HOH 24  24  24  HOH HOH A . 
B 2 HOH 25  25  25  HOH HOH A . 
B 2 HOH 26  26  26  HOH HOH A . 
B 2 HOH 27  27  27  HOH HOH A . 
B 2 HOH 28  28  28  HOH HOH A . 
B 2 HOH 29  29  29  HOH HOH A . 
B 2 HOH 30  30  30  HOH HOH A . 
B 2 HOH 31  31  31  HOH HOH A . 
B 2 HOH 32  32  32  HOH HOH A . 
B 2 HOH 33  33  33  HOH HOH A . 
B 2 HOH 34  34  34  HOH HOH A . 
B 2 HOH 35  35  35  HOH HOH A . 
B 2 HOH 36  36  36  HOH HOH A . 
B 2 HOH 37  37  37  HOH HOH A . 
B 2 HOH 38  38  38  HOH HOH A . 
B 2 HOH 39  39  39  HOH HOH A . 
B 2 HOH 40  40  40  HOH HOH A . 
B 2 HOH 41  41  41  HOH HOH A . 
B 2 HOH 42  42  42  HOH HOH A . 
B 2 HOH 43  43  43  HOH HOH A . 
B 2 HOH 44  44  44  HOH HOH A . 
B 2 HOH 45  45  45  HOH HOH A . 
B 2 HOH 46  46  46  HOH HOH A . 
B 2 HOH 47  47  47  HOH HOH A . 
B 2 HOH 48  48  48  HOH HOH A . 
B 2 HOH 49  49  49  HOH HOH A . 
B 2 HOH 50  50  50  HOH HOH A . 
B 2 HOH 51  51  51  HOH HOH A . 
B 2 HOH 52  52  52  HOH HOH A . 
B 2 HOH 53  53  53  HOH HOH A . 
B 2 HOH 54  54  54  HOH HOH A . 
B 2 HOH 55  55  55  HOH HOH A . 
B 2 HOH 56  56  56  HOH HOH A . 
B 2 HOH 57  57  57  HOH HOH A . 
B 2 HOH 58  58  58  HOH HOH A . 
B 2 HOH 59  59  59  HOH HOH A . 
B 2 HOH 60  60  60  HOH HOH A . 
B 2 HOH 61  61  61  HOH HOH A . 
B 2 HOH 62  62  62  HOH HOH A . 
B 2 HOH 63  63  63  HOH HOH A . 
B 2 HOH 64  64  64  HOH HOH A . 
B 2 HOH 65  65  65  HOH HOH A . 
B 2 HOH 66  66  66  HOH HOH A . 
B 2 HOH 67  67  67  HOH HOH A . 
B 2 HOH 68  68  68  HOH HOH A . 
B 2 HOH 69  69  69  HOH HOH A . 
B 2 HOH 70  70  70  HOH HOH A . 
B 2 HOH 71  71  71  HOH HOH A . 
B 2 HOH 72  72  72  HOH HOH A . 
B 2 HOH 73  73  73  HOH HOH A . 
B 2 HOH 74  74  74  HOH HOH A . 
B 2 HOH 75  75  75  HOH HOH A . 
B 2 HOH 76  76  76  HOH HOH A . 
B 2 HOH 77  77  77  HOH HOH A . 
B 2 HOH 78  78  78  HOH HOH A . 
B 2 HOH 79  79  79  HOH HOH A . 
B 2 HOH 80  80  80  HOH HOH A . 
B 2 HOH 81  81  81  HOH HOH A . 
B 2 HOH 82  82  82  HOH HOH A . 
B 2 HOH 83  83  83  HOH HOH A . 
B 2 HOH 84  84  84  HOH HOH A . 
B 2 HOH 85  85  85  HOH HOH A . 
B 2 HOH 86  86  86  HOH HOH A . 
B 2 HOH 87  87  87  HOH HOH A . 
B 2 HOH 88  88  88  HOH HOH A . 
B 2 HOH 89  90  90  HOH HOH A . 
B 2 HOH 90  91  91  HOH HOH A . 
B 2 HOH 91  92  92  HOH HOH A . 
B 2 HOH 92  93  93  HOH HOH A . 
B 2 HOH 93  94  94  HOH HOH A . 
B 2 HOH 94  95  95  HOH HOH A . 
B 2 HOH 95  96  96  HOH HOH A . 
B 2 HOH 96  97  97  HOH HOH A . 
B 2 HOH 97  98  98  HOH HOH A . 
B 2 HOH 98  99  99  HOH HOH A . 
B 2 HOH 99  100 100 HOH HOH A . 
B 2 HOH 100 101 101 HOH HOH A . 
B 2 HOH 101 102 102 HOH HOH A . 
B 2 HOH 102 103 103 HOH HOH A . 
B 2 HOH 103 104 104 HOH HOH A . 
B 2 HOH 104 105 105 HOH HOH A . 
B 2 HOH 105 106 106 HOH HOH A . 
B 2 HOH 106 107 107 HOH HOH A . 
B 2 HOH 107 108 108 HOH HOH A . 
B 2 HOH 108 109 109 HOH HOH A . 
B 2 HOH 109 110 110 HOH HOH A . 
B 2 HOH 110 111 111 HOH HOH A . 
B 2 HOH 111 112 112 HOH HOH A . 
B 2 HOH 112 113 113 HOH HOH A . 
B 2 HOH 113 114 114 HOH HOH A . 
B 2 HOH 114 115 115 HOH HOH A . 
B 2 HOH 115 116 116 HOH HOH A . 
B 2 HOH 116 117 117 HOH HOH A . 
B 2 HOH 117 118 118 HOH HOH A . 
B 2 HOH 118 119 119 HOH HOH A . 
B 2 HOH 119 120 120 HOH HOH A . 
B 2 HOH 120 121 121 HOH HOH A . 
B 2 HOH 121 122 122 HOH HOH A . 
B 2 HOH 122 123 123 HOH HOH A . 
B 2 HOH 123 124 124 HOH HOH A . 
B 2 HOH 124 125 125 HOH HOH A . 
B 2 HOH 125 221 126 HOH HOH A . 
B 2 HOH 126 222 127 HOH HOH A . 
B 2 HOH 127 223 128 HOH HOH A . 
B 2 HOH 128 224 129 HOH HOH A . 
B 2 HOH 129 225 130 HOH HOH A . 
B 2 HOH 130 226 131 HOH HOH A . 
B 2 HOH 131 227 132 HOH HOH A . 
# 
loop_
_software.name 
_software.classification 
_software.version 
_software.citation_id 
_software.pdbx_ordinal 
'PROTEUM PLUS' 'data collection' PLUS              ? 1 
PHASER         phasing           .                 ? 2 
PHENIX         refinement        '(phenix.refine)' ? 3 
SAINT          'data reduction'  .                 ? 4 
'PROTEUM PLUS' 'data scaling'    PLUS              ? 5 
# 
_cell.entry_id           3ID1 
_cell.length_a           59.740 
_cell.length_b           59.740 
_cell.length_c           61.693 
_cell.angle_alpha        90.00 
_cell.angle_beta         90.00 
_cell.angle_gamma        120.00 
_cell.Z_PDB              6 
_cell.pdbx_unique_axis   ? 
# 
_symmetry.entry_id                         3ID1 
_symmetry.space_group_name_H-M             'P 31 2 1' 
_symmetry.pdbx_full_space_group_name_H-M   ? 
_symmetry.cell_setting                     ? 
_symmetry.Int_Tables_number                152 
# 
_exptl.entry_id          3ID1 
_exptl.method            'X-RAY DIFFRACTION' 
_exptl.crystals_number   1 
# 
_exptl_crystal.id                    1 
_exptl_crystal.density_meas          ? 
_exptl_crystal.density_Matthews      3.08 
_exptl_crystal.density_percent_sol   60.07 
_exptl_crystal.description           ? 
_exptl_crystal.F_000                 ? 
_exptl_crystal.preparation           ? 
# 
_exptl_crystal_grow.crystal_id      1 
_exptl_crystal_grow.method          'VAPOR DIFFUSION, HANGING DROP' 
_exptl_crystal_grow.temp            291 
_exptl_crystal_grow.temp_details    ? 
_exptl_crystal_grow.pH              7.0 
_exptl_crystal_grow.pdbx_details    
'100mM Bis-tris propane, pH7.0, 2.5M (NH4)2SO4, VAPOR DIFFUSION, HANGING DROP, temperature 291K' 
_exptl_crystal_grow.pdbx_pH_range   . 
# 
_diffrn.id                     1 
_diffrn.ambient_temp           100 
_diffrn.ambient_temp_details   ? 
_diffrn.crystal_id             1 
# 
_diffrn_detector.diffrn_id              1 
_diffrn_detector.detector               CCD 
_diffrn_detector.type                   'BRUKER SMART 6000' 
_diffrn_detector.pdbx_collection_date   2008-08-05 
_diffrn_detector.details                ? 
# 
_diffrn_radiation.diffrn_id                        1 
_diffrn_radiation.wavelength_id                    1 
_diffrn_radiation.pdbx_monochromatic_or_laue_m_l   M 
_diffrn_radiation.monochromator                    mirror 
_diffrn_radiation.pdbx_diffrn_protocol             'SINGLE WAVELENGTH' 
_diffrn_radiation.pdbx_scattering_type             x-ray 
# 
_diffrn_radiation_wavelength.id           1 
_diffrn_radiation_wavelength.wavelength   1.5418 
_diffrn_radiation_wavelength.wt           1.0 
# 
_diffrn_source.diffrn_id                   1 
_diffrn_source.source                      'ROTATING ANODE' 
_diffrn_source.type                        'BRUKER AXS MICROSTAR-H' 
_diffrn_source.pdbx_synchrotron_site       ? 
_diffrn_source.pdbx_synchrotron_beamline   ? 
_diffrn_source.pdbx_wavelength             ? 
_diffrn_source.pdbx_wavelength_list        1.5418 
# 
_reflns.entry_id                     3ID1 
_reflns.observed_criterion_sigma_I   ? 
_reflns.observed_criterion_sigma_F   ? 
_reflns.d_resolution_low             30 
_reflns.d_resolution_high            1.67 
_reflns.number_obs                   14152 
_reflns.number_all                   ? 
_reflns.pdbx_number_measured_all     89799 
_reflns.percent_possible_obs         93.1 
_reflns.pdbx_Rmerge_I_obs            ? 
_reflns.pdbx_Rsym_value              0.035 
_reflns.pdbx_netI_over_sigmaI        26.9 
_reflns.B_iso_Wilson_estimate        17.770 
_reflns.pdbx_redundancy              5.91 
_reflns.R_free_details               ? 
_reflns.limit_h_max                  ? 
_reflns.limit_h_min                  ? 
_reflns.limit_k_max                  ? 
_reflns.limit_k_min                  ? 
_reflns.limit_l_max                  ? 
_reflns.limit_l_min                  ? 
_reflns.observed_criterion_F_max     ? 
_reflns.observed_criterion_F_min     ? 
_reflns.pdbx_chi_squared             ? 
_reflns.pdbx_scaling_rejects         ? 
_reflns.pdbx_diffrn_id               1 
_reflns.pdbx_ordinal                 1 
# 
_reflns_shell.d_res_high             1.67 
_reflns_shell.d_res_low              1.77 
_reflns_shell.percent_possible_all   93.1 
_reflns_shell.Rmerge_I_obs           0.39 
_reflns_shell.pdbx_Rsym_value        ? 
_reflns_shell.meanI_over_sigI_obs    3.2 
_reflns_shell.pdbx_redundancy        1.75 
_reflns_shell.percent_possible_obs   ? 
_reflns_shell.number_unique_all      1808 
_reflns_shell.number_measured_all    ? 
_reflns_shell.number_measured_obs    ? 
_reflns_shell.number_unique_obs      ? 
_reflns_shell.pdbx_chi_squared       ? 
_reflns_shell.pdbx_diffrn_id         ? 
_reflns_shell.pdbx_ordinal           1 
# 
_refine.entry_id                                 3ID1 
_refine.ls_number_reflns_obs                     13868 
_refine.ls_number_reflns_all                     14152 
_refine.pdbx_ls_sigma_I                          3.2 
_refine.pdbx_ls_sigma_F                          0.08 
_refine.pdbx_data_cutoff_high_absF               ? 
_refine.pdbx_data_cutoff_low_absF                ? 
_refine.pdbx_data_cutoff_high_rms_absF           ? 
_refine.ls_d_res_low                             29.870 
_refine.ls_d_res_high                            1.670 
_refine.ls_percent_reflns_obs                    91.45 
_refine.ls_R_factor_obs                          0.1951 
_refine.ls_R_factor_all                          ? 
_refine.ls_R_factor_R_work                       0.1930 
_refine.ls_R_factor_R_free                       0.2362 
_refine.ls_R_factor_R_free_error                 ? 
_refine.ls_R_factor_R_free_error_details         ? 
_refine.ls_percent_reflns_R_free                 5.00 
_refine.ls_number_reflns_R_free                  694 
_refine.ls_number_reflns_R_work                  13174 
_refine.ls_number_parameters                     ? 
_refine.ls_number_restraints                     ? 
_refine.occupancy_max                            1.00 
_refine.occupancy_min                            0.50 
_refine.correlation_coeff_Fo_to_Fc               ? 
_refine.correlation_coeff_Fo_to_Fc_free          ? 
_refine.B_iso_mean                               30.078 
_refine.aniso_B[1][1]                            2.909 
_refine.aniso_B[2][2]                            2.909 
_refine.aniso_B[3][3]                            -5.818 
_refine.aniso_B[1][2]                            -0.000 
_refine.aniso_B[1][3]                            -0.000 
_refine.aniso_B[2][3]                            0.000 
_refine.solvent_model_details                    'FLAT BULK SOLVENT MODEL' 
_refine.solvent_model_param_ksol                 0.330 
_refine.solvent_model_param_bsol                 62.528 
_refine.pdbx_solvent_vdw_probe_radii             1.11 
_refine.pdbx_solvent_ion_probe_radii             ? 
_refine.pdbx_solvent_shrinkage_radii             0.90 
_refine.pdbx_ls_cross_valid_method               ? 
_refine.details                                  ? 
_refine.pdbx_starting_model                      ? 
_refine.pdbx_method_to_determine_struct          SAD 
_refine.pdbx_isotropic_thermal_model             isotropic 
_refine.pdbx_stereochemistry_target_values       ML 
_refine.pdbx_stereochem_target_val_spec_case     ? 
_refine.pdbx_R_Free_selection_details            radom 
_refine.pdbx_overall_ESU_R                       ? 
_refine.pdbx_overall_ESU_R_Free                  ? 
_refine.overall_SU_ML                            0.26 
_refine.overall_SU_B                             ? 
_refine.ls_redundancy_reflns_obs                 ? 
_refine.B_iso_max                                152.45 
_refine.B_iso_min                                9.55 
_refine.overall_SU_R_Cruickshank_DPI             ? 
_refine.overall_SU_R_free                        ? 
_refine.ls_wR_factor_R_free                      ? 
_refine.ls_wR_factor_R_work                      ? 
_refine.overall_FOM_free_R_set                   ? 
_refine.overall_FOM_work_R_set                   0.843 
_refine.pdbx_overall_phase_error                 22.38 
_refine.pdbx_refine_id                           'X-RAY DIFFRACTION' 
_refine.pdbx_diffrn_id                           1 
_refine.pdbx_TLS_residual_ADP_flag               ? 
_refine.pdbx_overall_SU_R_free_Cruickshank_DPI   ? 
_refine.pdbx_overall_SU_R_Blow_DPI               ? 
_refine.pdbx_overall_SU_R_free_Blow_DPI          ? 
# 
_refine_hist.pdbx_refine_id                   'X-RAY DIFFRACTION' 
_refine_hist.cycle_id                         LAST 
_refine_hist.pdbx_number_atoms_protein        728 
_refine_hist.pdbx_number_atoms_nucleic_acid   0 
_refine_hist.pdbx_number_atoms_ligand         0 
_refine_hist.number_atoms_solvent             131 
_refine_hist.number_atoms_total               859 
_refine_hist.d_res_high                       1.670 
_refine_hist.d_res_low                        29.870 
# 
loop_
_refine_ls_restr.type 
_refine_ls_restr.dev_ideal 
_refine_ls_restr.dev_ideal_target 
_refine_ls_restr.weight 
_refine_ls_restr.number 
_refine_ls_restr.pdbx_refine_id 
_refine_ls_restr.pdbx_restraint_function 
f_bond_d           0.004  ? ? 743  'X-RAY DIFFRACTION' ? 
f_angle_d          0.847  ? ? 1015 'X-RAY DIFFRACTION' ? 
f_dihedral_angle_d 12.902 ? ? 283  'X-RAY DIFFRACTION' ? 
f_chiral_restr     0.051  ? ? 117  'X-RAY DIFFRACTION' ? 
f_plane_restr      0.003  ? ? 136  'X-RAY DIFFRACTION' ? 
# 
loop_
_refine_ls_shell.pdbx_refine_id 
_refine_ls_shell.pdbx_total_number_of_bins_used 
_refine_ls_shell.d_res_high 
_refine_ls_shell.d_res_low 
_refine_ls_shell.number_reflns_R_work 
_refine_ls_shell.R_factor_R_work 
_refine_ls_shell.percent_reflns_obs 
_refine_ls_shell.R_factor_R_free 
_refine_ls_shell.R_factor_R_free_error 
_refine_ls_shell.percent_reflns_R_free 
_refine_ls_shell.number_reflns_R_free 
_refine_ls_shell.number_reflns_all 
_refine_ls_shell.R_factor_all 
'X-RAY DIFFRACTION' . 1.6703 1.7993  2073 0.2725 74.00  0.2985 . . 123 . . 
'X-RAY DIFFRACTION' . 1.7993 1.9803  2490 0.2176 88.00  0.2511 . . 141 . . 
'X-RAY DIFFRACTION' . 1.9803 2.2668  2750 0.1827 96.00  0.2325 . . 146 . . 
'X-RAY DIFFRACTION' . 2.2668 2.8555  2856 0.1990 99.00  0.2634 . . 143 . . 
'X-RAY DIFFRACTION' . 2.8555 29.8748 3005 0.1758 100.00 0.2062 . . 141 . . 
# 
_struct.entry_id                  3ID1 
_struct.title                     'Crystal Structure of RseP PDZ1 domain' 
_struct.pdbx_model_details        ? 
_struct.pdbx_CASP_flag            N 
_struct.pdbx_model_type_details   ? 
# 
_struct_keywords.entry_id        3ID1 
_struct_keywords.pdbx_keywords   HYDROLASE 
_struct_keywords.text            
'HYDROLASE, Cell inner membrane, Cell membrane, Membrane, Metal-binding, Metalloprotease, Protease, Transmembrane, Zinc' 
# 
loop_
_struct_asym.id 
_struct_asym.pdbx_blank_PDB_chainid_flag 
_struct_asym.pdbx_modified 
_struct_asym.entity_id 
_struct_asym.details 
A N N 1 ? 
B N N 2 ? 
# 
_struct_ref.id                         1 
_struct_ref.db_name                    UNP 
_struct_ref.db_code                    RSEP_ECOLI 
_struct_ref.pdbx_db_accession          P0AEH1 
_struct_ref.entity_id                  1 
_struct_ref.pdbx_seq_one_letter_code   
;VRPVVGEIAANSIAAEAQIAPGTELKAVDGIETPDWDAVRLQLVDKIGDESTTITVAPFGSDQRRDVKLDLRHWAFEPDK
EDPVSSLGIRPRGP
;
_struct_ref.pdbx_align_begin           127 
_struct_ref.pdbx_db_isoform            ? 
# 
_struct_ref_seq.align_id                      1 
_struct_ref_seq.ref_id                        1 
_struct_ref_seq.pdbx_PDB_id_code              3ID1 
_struct_ref_seq.pdbx_strand_id                A 
_struct_ref_seq.seq_align_beg                 2 
_struct_ref_seq.pdbx_seq_align_beg_ins_code   ? 
_struct_ref_seq.seq_align_end                 95 
_struct_ref_seq.pdbx_seq_align_end_ins_code   ? 
_struct_ref_seq.pdbx_db_accession             P0AEH1 
_struct_ref_seq.db_align_beg                  127 
_struct_ref_seq.pdbx_db_align_beg_ins_code    ? 
_struct_ref_seq.db_align_end                  220 
_struct_ref_seq.pdbx_db_align_end_ins_code    ? 
_struct_ref_seq.pdbx_auth_seq_align_beg       127 
_struct_ref_seq.pdbx_auth_seq_align_end       220 
# 
_struct_ref_seq_dif.align_id                     1 
_struct_ref_seq_dif.pdbx_pdb_id_code             3ID1 
_struct_ref_seq_dif.mon_id                       MET 
_struct_ref_seq_dif.pdbx_pdb_strand_id           A 
_struct_ref_seq_dif.seq_num                      1 
_struct_ref_seq_dif.pdbx_pdb_ins_code            ? 
_struct_ref_seq_dif.pdbx_seq_db_name             UNP 
_struct_ref_seq_dif.pdbx_seq_db_accession_code   P0AEH1 
_struct_ref_seq_dif.db_mon_id                    ? 
_struct_ref_seq_dif.pdbx_seq_db_seq_num          ? 
_struct_ref_seq_dif.details                      'expression tag' 
_struct_ref_seq_dif.pdbx_auth_seq_num            126 
_struct_ref_seq_dif.pdbx_ordinal                 1 
# 
_pdbx_struct_assembly.id                   1 
_pdbx_struct_assembly.details              author_and_software_defined_assembly 
_pdbx_struct_assembly.method_details       PISA 
_pdbx_struct_assembly.oligomeric_details   monomeric 
_pdbx_struct_assembly.oligomeric_count     1 
# 
_pdbx_struct_assembly_gen.assembly_id       1 
_pdbx_struct_assembly_gen.oper_expression   1 
_pdbx_struct_assembly_gen.asym_id_list      A,B 
# 
_pdbx_struct_oper_list.id                   1 
_pdbx_struct_oper_list.type                 'identity operation' 
_pdbx_struct_oper_list.name                 1_555 
_pdbx_struct_oper_list.symmetry_operation   x,y,z 
_pdbx_struct_oper_list.matrix[1][1]         1.0000000000 
_pdbx_struct_oper_list.matrix[1][2]         0.0000000000 
_pdbx_struct_oper_list.matrix[1][3]         0.0000000000 
_pdbx_struct_oper_list.vector[1]            0.0000000000 
_pdbx_struct_oper_list.matrix[2][1]         0.0000000000 
_pdbx_struct_oper_list.matrix[2][2]         1.0000000000 
_pdbx_struct_oper_list.matrix[2][3]         0.0000000000 
_pdbx_struct_oper_list.vector[2]            0.0000000000 
_pdbx_struct_oper_list.matrix[3][1]         0.0000000000 
_pdbx_struct_oper_list.matrix[3][2]         0.0000000000 
_pdbx_struct_oper_list.matrix[3][3]         1.0000000000 
_pdbx_struct_oper_list.vector[3]            0.0000000000 
# 
_struct_biol.id        1 
_struct_biol.details   ? 
# 
loop_
_struct_conf.conf_type_id 
_struct_conf.id 
_struct_conf.pdbx_PDB_helix_id 
_struct_conf.beg_label_comp_id 
_struct_conf.beg_label_asym_id 
_struct_conf.beg_label_seq_id 
_struct_conf.pdbx_beg_PDB_ins_code 
_struct_conf.end_label_comp_id 
_struct_conf.end_label_asym_id 
_struct_conf.end_label_seq_id 
_struct_conf.pdbx_end_PDB_ins_code 
_struct_conf.beg_auth_comp_id 
_struct_conf.beg_auth_asym_id 
_struct_conf.beg_auth_seq_id 
_struct_conf.end_auth_comp_id 
_struct_conf.end_auth_asym_id 
_struct_conf.end_auth_seq_id 
_struct_conf.pdbx_PDB_helix_class 
_struct_conf.details 
_struct_conf.pdbx_PDB_helix_length 
HELX_P HELX_P1 1 SER A 13 ? ALA A 18 ? SER A 138 ALA A 143 1 ? 6  
HELX_P HELX_P2 2 ASP A 36 ? LYS A 47 ? ASP A 161 LYS A 172 1 ? 12 
HELX_P HELX_P3 3 ASP A 83 ? LEU A 88 ? ASP A 208 LEU A 213 1 ? 6  
# 
_struct_conf_type.id          HELX_P 
_struct_conf_type.criteria    ? 
_struct_conf_type.reference   ? 
# 
_struct_mon_prot_cis.pdbx_id                1 
_struct_mon_prot_cis.label_comp_id          ARG 
_struct_mon_prot_cis.label_seq_id           93 
_struct_mon_prot_cis.label_asym_id          A 
_struct_mon_prot_cis.label_alt_id           . 
_struct_mon_prot_cis.pdbx_PDB_ins_code      ? 
_struct_mon_prot_cis.auth_comp_id           ARG 
_struct_mon_prot_cis.auth_seq_id            218 
_struct_mon_prot_cis.auth_asym_id           A 
_struct_mon_prot_cis.pdbx_label_comp_id_2   GLY 
_struct_mon_prot_cis.pdbx_label_seq_id_2    94 
_struct_mon_prot_cis.pdbx_label_asym_id_2   A 
_struct_mon_prot_cis.pdbx_PDB_ins_code_2    ? 
_struct_mon_prot_cis.pdbx_auth_comp_id_2    GLY 
_struct_mon_prot_cis.pdbx_auth_seq_id_2     219 
_struct_mon_prot_cis.pdbx_auth_asym_id_2    A 
_struct_mon_prot_cis.pdbx_PDB_model_num     1 
_struct_mon_prot_cis.pdbx_omega_angle       -0.46 
# 
loop_
_struct_sheet.id 
_struct_sheet.type 
_struct_sheet.number_strands 
_struct_sheet.details 
A ? 2 ? 
B ? 4 ? 
# 
loop_
_struct_sheet_order.sheet_id 
_struct_sheet_order.range_id_1 
_struct_sheet_order.range_id_2 
_struct_sheet_order.offset 
_struct_sheet_order.sense 
A 1 2 ? anti-parallel 
B 1 2 ? anti-parallel 
B 2 3 ? anti-parallel 
B 3 4 ? anti-parallel 
# 
loop_
_struct_sheet_range.sheet_id 
_struct_sheet_range.id 
_struct_sheet_range.beg_label_comp_id 
_struct_sheet_range.beg_label_asym_id 
_struct_sheet_range.beg_label_seq_id 
_struct_sheet_range.pdbx_beg_PDB_ins_code 
_struct_sheet_range.end_label_comp_id 
_struct_sheet_range.end_label_asym_id 
_struct_sheet_range.end_label_seq_id 
_struct_sheet_range.pdbx_end_PDB_ins_code 
_struct_sheet_range.beg_auth_comp_id 
_struct_sheet_range.beg_auth_asym_id 
_struct_sheet_range.beg_auth_seq_id 
_struct_sheet_range.end_auth_comp_id 
_struct_sheet_range.end_auth_asym_id 
_struct_sheet_range.end_auth_seq_id 
A 1 VAL A 6  ? ILE A 9  ? VAL A 131 ILE A 134 
A 2 ILE A 90 ? PRO A 92 ? ILE A 215 PRO A 217 
B 1 ILE A 32 ? GLU A 33 ? ILE A 157 GLU A 158 
B 2 GLU A 25 ? VAL A 29 ? GLU A 150 VAL A 154 
B 3 SER A 52 ? ALA A 58 ? SER A 177 ALA A 183 
B 4 ARG A 66 ? ASP A 71 ? ARG A 191 ASP A 196 
# 
loop_
_pdbx_struct_sheet_hbond.sheet_id 
_pdbx_struct_sheet_hbond.range_id_1 
_pdbx_struct_sheet_hbond.range_id_2 
_pdbx_struct_sheet_hbond.range_1_label_atom_id 
_pdbx_struct_sheet_hbond.range_1_label_comp_id 
_pdbx_struct_sheet_hbond.range_1_label_asym_id 
_pdbx_struct_sheet_hbond.range_1_label_seq_id 
_pdbx_struct_sheet_hbond.range_1_PDB_ins_code 
_pdbx_struct_sheet_hbond.range_1_auth_atom_id 
_pdbx_struct_sheet_hbond.range_1_auth_comp_id 
_pdbx_struct_sheet_hbond.range_1_auth_asym_id 
_pdbx_struct_sheet_hbond.range_1_auth_seq_id 
_pdbx_struct_sheet_hbond.range_2_label_atom_id 
_pdbx_struct_sheet_hbond.range_2_label_comp_id 
_pdbx_struct_sheet_hbond.range_2_label_asym_id 
_pdbx_struct_sheet_hbond.range_2_label_seq_id 
_pdbx_struct_sheet_hbond.range_2_PDB_ins_code 
_pdbx_struct_sheet_hbond.range_2_auth_atom_id 
_pdbx_struct_sheet_hbond.range_2_auth_comp_id 
_pdbx_struct_sheet_hbond.range_2_auth_asym_id 
_pdbx_struct_sheet_hbond.range_2_auth_seq_id 
A 1 2 N GLY A 7  ? N GLY A 132 O ARG A 91 ? O ARG A 216 
B 1 2 O ILE A 32 ? O ILE A 157 N VAL A 29 ? N VAL A 154 
B 2 3 N LYS A 27 ? N LYS A 152 O THR A 56 ? O THR A 181 
B 3 4 N THR A 53 ? N THR A 178 O LEU A 70 ? O LEU A 195 
# 
loop_
_pdbx_struct_special_symmetry.id 
_pdbx_struct_special_symmetry.PDB_model_num 
_pdbx_struct_special_symmetry.auth_asym_id 
_pdbx_struct_special_symmetry.auth_comp_id 
_pdbx_struct_special_symmetry.auth_seq_id 
_pdbx_struct_special_symmetry.PDB_ins_code 
_pdbx_struct_special_symmetry.label_asym_id 
_pdbx_struct_special_symmetry.label_comp_id 
_pdbx_struct_special_symmetry.label_seq_id 
1 1 A HOH 53  ? B HOH . 
2 1 A HOH 85  ? B HOH . 
3 1 A HOH 123 ? B HOH . 
# 
_pdbx_refine_tls.pdbx_refine_id   'X-RAY DIFFRACTION' 
_pdbx_refine_tls.id               1 
_pdbx_refine_tls.details          ? 
_pdbx_refine_tls.method           refined 
_pdbx_refine_tls.origin_x         -0.2329 
_pdbx_refine_tls.origin_y         -0.1333 
_pdbx_refine_tls.origin_z         -0.0455 
_pdbx_refine_tls.T[1][1]          0.1702 
_pdbx_refine_tls.T[2][2]          0.0786 
_pdbx_refine_tls.T[3][3]          0.0674 
_pdbx_refine_tls.T[1][2]          -0.0022 
_pdbx_refine_tls.T[1][3]          -0.0166 
_pdbx_refine_tls.T[2][3]          -0.0349 
_pdbx_refine_tls.L[1][1]          2.2647 
_pdbx_refine_tls.L[2][2]          1.1957 
_pdbx_refine_tls.L[3][3]          3.8378 
_pdbx_refine_tls.L[1][2]          0.2142 
_pdbx_refine_tls.L[1][3]          0.5303 
_pdbx_refine_tls.L[2][3]          -0.9887 
_pdbx_refine_tls.S[1][1]          0.0118 
_pdbx_refine_tls.S[2][2]          -0.0232 
_pdbx_refine_tls.S[3][3]          -0.0470 
_pdbx_refine_tls.S[1][2]          0.0171 
_pdbx_refine_tls.S[1][3]          -0.1106 
_pdbx_refine_tls.S[2][3]          -0.1214 
_pdbx_refine_tls.S[2][1]          0.0474 
_pdbx_refine_tls.S[3][1]          0.1556 
_pdbx_refine_tls.S[3][2]          0.2411 
# 
_pdbx_refine_tls_group.pdbx_refine_id      'X-RAY DIFFRACTION' 
_pdbx_refine_tls_group.id                  1 
_pdbx_refine_tls_group.refine_tls_id       1 
_pdbx_refine_tls_group.beg_auth_asym_id    A 
_pdbx_refine_tls_group.beg_auth_seq_id     126 
_pdbx_refine_tls_group.end_auth_asym_id    A 
_pdbx_refine_tls_group.end_auth_seq_id     219 
_pdbx_refine_tls_group.selection_details   'chain A' 
_pdbx_refine_tls_group.beg_label_asym_id   ? 
_pdbx_refine_tls_group.beg_label_seq_id    ? 
_pdbx_refine_tls_group.end_label_asym_id   ? 
_pdbx_refine_tls_group.end_label_seq_id    ? 
_pdbx_refine_tls_group.selection           ? 
# 
_pdbx_unobs_or_zero_occ_residues.id               1 
_pdbx_unobs_or_zero_occ_residues.PDB_model_num    1 
_pdbx_unobs_or_zero_occ_residues.polymer_flag     Y 
_pdbx_unobs_or_zero_occ_residues.occupancy_flag   1 
_pdbx_unobs_or_zero_occ_residues.auth_asym_id     A 
_pdbx_unobs_or_zero_occ_residues.auth_comp_id     PRO 
_pdbx_unobs_or_zero_occ_residues.auth_seq_id      220 
_pdbx_unobs_or_zero_occ_residues.PDB_ins_code     ? 
_pdbx_unobs_or_zero_occ_residues.label_asym_id    A 
_pdbx_unobs_or_zero_occ_residues.label_comp_id    PRO 
_pdbx_unobs_or_zero_occ_residues.label_seq_id     95 
# 
loop_
_chem_comp_atom.comp_id 
_chem_comp_atom.atom_id 
_chem_comp_atom.type_symbol 
_chem_comp_atom.pdbx_aromatic_flag 
_chem_comp_atom.pdbx_stereo_config 
_chem_comp_atom.pdbx_ordinal 
ALA N    N N N 1   
ALA CA   C N S 2   
ALA C    C N N 3   
ALA O    O N N 4   
ALA CB   C N N 5   
ALA OXT  O N N 6   
ALA H    H N N 7   
ALA H2   H N N 8   
ALA HA   H N N 9   
ALA HB1  H N N 10  
ALA HB2  H N N 11  
ALA HB3  H N N 12  
ALA HXT  H N N 13  
ARG N    N N N 14  
ARG CA   C N S 15  
ARG C    C N N 16  
ARG O    O N N 17  
ARG CB   C N N 18  
ARG CG   C N N 19  
ARG CD   C N N 20  
ARG NE   N N N 21  
ARG CZ   C N N 22  
ARG NH1  N N N 23  
ARG NH2  N N N 24  
ARG OXT  O N N 25  
ARG H    H N N 26  
ARG H2   H N N 27  
ARG HA   H N N 28  
ARG HB2  H N N 29  
ARG HB3  H N N 30  
ARG HG2  H N N 31  
ARG HG3  H N N 32  
ARG HD2  H N N 33  
ARG HD3  H N N 34  
ARG HE   H N N 35  
ARG HH11 H N N 36  
ARG HH12 H N N 37  
ARG HH21 H N N 38  
ARG HH22 H N N 39  
ARG HXT  H N N 40  
ASN N    N N N 41  
ASN CA   C N S 42  
ASN C    C N N 43  
ASN O    O N N 44  
ASN CB   C N N 45  
ASN CG   C N N 46  
ASN OD1  O N N 47  
ASN ND2  N N N 48  
ASN OXT  O N N 49  
ASN H    H N N 50  
ASN H2   H N N 51  
ASN HA   H N N 52  
ASN HB2  H N N 53  
ASN HB3  H N N 54  
ASN HD21 H N N 55  
ASN HD22 H N N 56  
ASN HXT  H N N 57  
ASP N    N N N 58  
ASP CA   C N S 59  
ASP C    C N N 60  
ASP O    O N N 61  
ASP CB   C N N 62  
ASP CG   C N N 63  
ASP OD1  O N N 64  
ASP OD2  O N N 65  
ASP OXT  O N N 66  
ASP H    H N N 67  
ASP H2   H N N 68  
ASP HA   H N N 69  
ASP HB2  H N N 70  
ASP HB3  H N N 71  
ASP HD2  H N N 72  
ASP HXT  H N N 73  
GLN N    N N N 74  
GLN CA   C N S 75  
GLN C    C N N 76  
GLN O    O N N 77  
GLN CB   C N N 78  
GLN CG   C N N 79  
GLN CD   C N N 80  
GLN OE1  O N N 81  
GLN NE2  N N N 82  
GLN OXT  O N N 83  
GLN H    H N N 84  
GLN H2   H N N 85  
GLN HA   H N N 86  
GLN HB2  H N N 87  
GLN HB3  H N N 88  
GLN HG2  H N N 89  
GLN HG3  H N N 90  
GLN HE21 H N N 91  
GLN HE22 H N N 92  
GLN HXT  H N N 93  
GLU N    N N N 94  
GLU CA   C N S 95  
GLU C    C N N 96  
GLU O    O N N 97  
GLU CB   C N N 98  
GLU CG   C N N 99  
GLU CD   C N N 100 
GLU OE1  O N N 101 
GLU OE2  O N N 102 
GLU OXT  O N N 103 
GLU H    H N N 104 
GLU H2   H N N 105 
GLU HA   H N N 106 
GLU HB2  H N N 107 
GLU HB3  H N N 108 
GLU HG2  H N N 109 
GLU HG3  H N N 110 
GLU HE2  H N N 111 
GLU HXT  H N N 112 
GLY N    N N N 113 
GLY CA   C N N 114 
GLY C    C N N 115 
GLY O    O N N 116 
GLY OXT  O N N 117 
GLY H    H N N 118 
GLY H2   H N N 119 
GLY HA2  H N N 120 
GLY HA3  H N N 121 
GLY HXT  H N N 122 
HIS N    N N N 123 
HIS CA   C N S 124 
HIS C    C N N 125 
HIS O    O N N 126 
HIS CB   C N N 127 
HIS CG   C Y N 128 
HIS ND1  N Y N 129 
HIS CD2  C Y N 130 
HIS CE1  C Y N 131 
HIS NE2  N Y N 132 
HIS OXT  O N N 133 
HIS H    H N N 134 
HIS H2   H N N 135 
HIS HA   H N N 136 
HIS HB2  H N N 137 
HIS HB3  H N N 138 
HIS HD1  H N N 139 
HIS HD2  H N N 140 
HIS HE1  H N N 141 
HIS HE2  H N N 142 
HIS HXT  H N N 143 
HOH O    O N N 144 
HOH H1   H N N 145 
HOH H2   H N N 146 
ILE N    N N N 147 
ILE CA   C N S 148 
ILE C    C N N 149 
ILE O    O N N 150 
ILE CB   C N S 151 
ILE CG1  C N N 152 
ILE CG2  C N N 153 
ILE CD1  C N N 154 
ILE OXT  O N N 155 
ILE H    H N N 156 
ILE H2   H N N 157 
ILE HA   H N N 158 
ILE HB   H N N 159 
ILE HG12 H N N 160 
ILE HG13 H N N 161 
ILE HG21 H N N 162 
ILE HG22 H N N 163 
ILE HG23 H N N 164 
ILE HD11 H N N 165 
ILE HD12 H N N 166 
ILE HD13 H N N 167 
ILE HXT  H N N 168 
LEU N    N N N 169 
LEU CA   C N S 170 
LEU C    C N N 171 
LEU O    O N N 172 
LEU CB   C N N 173 
LEU CG   C N N 174 
LEU CD1  C N N 175 
LEU CD2  C N N 176 
LEU OXT  O N N 177 
LEU H    H N N 178 
LEU H2   H N N 179 
LEU HA   H N N 180 
LEU HB2  H N N 181 
LEU HB3  H N N 182 
LEU HG   H N N 183 
LEU HD11 H N N 184 
LEU HD12 H N N 185 
LEU HD13 H N N 186 
LEU HD21 H N N 187 
LEU HD22 H N N 188 
LEU HD23 H N N 189 
LEU HXT  H N N 190 
LYS N    N N N 191 
LYS CA   C N S 192 
LYS C    C N N 193 
LYS O    O N N 194 
LYS CB   C N N 195 
LYS CG   C N N 196 
LYS CD   C N N 197 
LYS CE   C N N 198 
LYS NZ   N N N 199 
LYS OXT  O N N 200 
LYS H    H N N 201 
LYS H2   H N N 202 
LYS HA   H N N 203 
LYS HB2  H N N 204 
LYS HB3  H N N 205 
LYS HG2  H N N 206 
LYS HG3  H N N 207 
LYS HD2  H N N 208 
LYS HD3  H N N 209 
LYS HE2  H N N 210 
LYS HE3  H N N 211 
LYS HZ1  H N N 212 
LYS HZ2  H N N 213 
LYS HZ3  H N N 214 
LYS HXT  H N N 215 
MET N    N N N 216 
MET CA   C N S 217 
MET C    C N N 218 
MET O    O N N 219 
MET CB   C N N 220 
MET CG   C N N 221 
MET SD   S N N 222 
MET CE   C N N 223 
MET OXT  O N N 224 
MET H    H N N 225 
MET H2   H N N 226 
MET HA   H N N 227 
MET HB2  H N N 228 
MET HB3  H N N 229 
MET HG2  H N N 230 
MET HG3  H N N 231 
MET HE1  H N N 232 
MET HE2  H N N 233 
MET HE3  H N N 234 
MET HXT  H N N 235 
PHE N    N N N 236 
PHE CA   C N S 237 
PHE C    C N N 238 
PHE O    O N N 239 
PHE CB   C N N 240 
PHE CG   C Y N 241 
PHE CD1  C Y N 242 
PHE CD2  C Y N 243 
PHE CE1  C Y N 244 
PHE CE2  C Y N 245 
PHE CZ   C Y N 246 
PHE OXT  O N N 247 
PHE H    H N N 248 
PHE H2   H N N 249 
PHE HA   H N N 250 
PHE HB2  H N N 251 
PHE HB3  H N N 252 
PHE HD1  H N N 253 
PHE HD2  H N N 254 
PHE HE1  H N N 255 
PHE HE2  H N N 256 
PHE HZ   H N N 257 
PHE HXT  H N N 258 
PRO N    N N N 259 
PRO CA   C N S 260 
PRO C    C N N 261 
PRO O    O N N 262 
PRO CB   C N N 263 
PRO CG   C N N 264 
PRO CD   C N N 265 
PRO OXT  O N N 266 
PRO H    H N N 267 
PRO HA   H N N 268 
PRO HB2  H N N 269 
PRO HB3  H N N 270 
PRO HG2  H N N 271 
PRO HG3  H N N 272 
PRO HD2  H N N 273 
PRO HD3  H N N 274 
PRO HXT  H N N 275 
SER N    N N N 276 
SER CA   C N S 277 
SER C    C N N 278 
SER O    O N N 279 
SER CB   C N N 280 
SER OG   O N N 281 
SER OXT  O N N 282 
SER H    H N N 283 
SER H2   H N N 284 
SER HA   H N N 285 
SER HB2  H N N 286 
SER HB3  H N N 287 
SER HG   H N N 288 
SER HXT  H N N 289 
THR N    N N N 290 
THR CA   C N S 291 
THR C    C N N 292 
THR O    O N N 293 
THR CB   C N R 294 
THR OG1  O N N 295 
THR CG2  C N N 296 
THR OXT  O N N 297 
THR H    H N N 298 
THR H2   H N N 299 
THR HA   H N N 300 
THR HB   H N N 301 
THR HG1  H N N 302 
THR HG21 H N N 303 
THR HG22 H N N 304 
THR HG23 H N N 305 
THR HXT  H N N 306 
TRP N    N N N 307 
TRP CA   C N S 308 
TRP C    C N N 309 
TRP O    O N N 310 
TRP CB   C N N 311 
TRP CG   C Y N 312 
TRP CD1  C Y N 313 
TRP CD2  C Y N 314 
TRP NE1  N Y N 315 
TRP CE2  C Y N 316 
TRP CE3  C Y N 317 
TRP CZ2  C Y N 318 
TRP CZ3  C Y N 319 
TRP CH2  C Y N 320 
TRP OXT  O N N 321 
TRP H    H N N 322 
TRP H2   H N N 323 
TRP HA   H N N 324 
TRP HB2  H N N 325 
TRP HB3  H N N 326 
TRP HD1  H N N 327 
TRP HE1  H N N 328 
TRP HE3  H N N 329 
TRP HZ2  H N N 330 
TRP HZ3  H N N 331 
TRP HH2  H N N 332 
TRP HXT  H N N 333 
VAL N    N N N 334 
VAL CA   C N S 335 
VAL C    C N N 336 
VAL O    O N N 337 
VAL CB   C N N 338 
VAL CG1  C N N 339 
VAL CG2  C N N 340 
VAL OXT  O N N 341 
VAL H    H N N 342 
VAL H2   H N N 343 
VAL HA   H N N 344 
VAL HB   H N N 345 
VAL HG11 H N N 346 
VAL HG12 H N N 347 
VAL HG13 H N N 348 
VAL HG21 H N N 349 
VAL HG22 H N N 350 
VAL HG23 H N N 351 
VAL HXT  H N N 352 
# 
loop_
_chem_comp_bond.comp_id 
_chem_comp_bond.atom_id_1 
_chem_comp_bond.atom_id_2 
_chem_comp_bond.value_order 
_chem_comp_bond.pdbx_aromatic_flag 
_chem_comp_bond.pdbx_stereo_config 
_chem_comp_bond.pdbx_ordinal 
ALA N   CA   sing N N 1   
ALA N   H    sing N N 2   
ALA N   H2   sing N N 3   
ALA CA  C    sing N N 4   
ALA CA  CB   sing N N 5   
ALA CA  HA   sing N N 6   
ALA C   O    doub N N 7   
ALA C   OXT  sing N N 8   
ALA CB  HB1  sing N N 9   
ALA CB  HB2  sing N N 10  
ALA CB  HB3  sing N N 11  
ALA OXT HXT  sing N N 12  
ARG N   CA   sing N N 13  
ARG N   H    sing N N 14  
ARG N   H2   sing N N 15  
ARG CA  C    sing N N 16  
ARG CA  CB   sing N N 17  
ARG CA  HA   sing N N 18  
ARG C   O    doub N N 19  
ARG C   OXT  sing N N 20  
ARG CB  CG   sing N N 21  
ARG CB  HB2  sing N N 22  
ARG CB  HB3  sing N N 23  
ARG CG  CD   sing N N 24  
ARG CG  HG2  sing N N 25  
ARG CG  HG3  sing N N 26  
ARG CD  NE   sing N N 27  
ARG CD  HD2  sing N N 28  
ARG CD  HD3  sing N N 29  
ARG NE  CZ   sing N N 30  
ARG NE  HE   sing N N 31  
ARG CZ  NH1  sing N N 32  
ARG CZ  NH2  doub N N 33  
ARG NH1 HH11 sing N N 34  
ARG NH1 HH12 sing N N 35  
ARG NH2 HH21 sing N N 36  
ARG NH2 HH22 sing N N 37  
ARG OXT HXT  sing N N 38  
ASN N   CA   sing N N 39  
ASN N   H    sing N N 40  
ASN N   H2   sing N N 41  
ASN CA  C    sing N N 42  
ASN CA  CB   sing N N 43  
ASN CA  HA   sing N N 44  
ASN C   O    doub N N 45  
ASN C   OXT  sing N N 46  
ASN CB  CG   sing N N 47  
ASN CB  HB2  sing N N 48  
ASN CB  HB3  sing N N 49  
ASN CG  OD1  doub N N 50  
ASN CG  ND2  sing N N 51  
ASN ND2 HD21 sing N N 52  
ASN ND2 HD22 sing N N 53  
ASN OXT HXT  sing N N 54  
ASP N   CA   sing N N 55  
ASP N   H    sing N N 56  
ASP N   H2   sing N N 57  
ASP CA  C    sing N N 58  
ASP CA  CB   sing N N 59  
ASP CA  HA   sing N N 60  
ASP C   O    doub N N 61  
ASP C   OXT  sing N N 62  
ASP CB  CG   sing N N 63  
ASP CB  HB2  sing N N 64  
ASP CB  HB3  sing N N 65  
ASP CG  OD1  doub N N 66  
ASP CG  OD2  sing N N 67  
ASP OD2 HD2  sing N N 68  
ASP OXT HXT  sing N N 69  
GLN N   CA   sing N N 70  
GLN N   H    sing N N 71  
GLN N   H2   sing N N 72  
GLN CA  C    sing N N 73  
GLN CA  CB   sing N N 74  
GLN CA  HA   sing N N 75  
GLN C   O    doub N N 76  
GLN C   OXT  sing N N 77  
GLN CB  CG   sing N N 78  
GLN CB  HB2  sing N N 79  
GLN CB  HB3  sing N N 80  
GLN CG  CD   sing N N 81  
GLN CG  HG2  sing N N 82  
GLN CG  HG3  sing N N 83  
GLN CD  OE1  doub N N 84  
GLN CD  NE2  sing N N 85  
GLN NE2 HE21 sing N N 86  
GLN NE2 HE22 sing N N 87  
GLN OXT HXT  sing N N 88  
GLU N   CA   sing N N 89  
GLU N   H    sing N N 90  
GLU N   H2   sing N N 91  
GLU CA  C    sing N N 92  
GLU CA  CB   sing N N 93  
GLU CA  HA   sing N N 94  
GLU C   O    doub N N 95  
GLU C   OXT  sing N N 96  
GLU CB  CG   sing N N 97  
GLU CB  HB2  sing N N 98  
GLU CB  HB3  sing N N 99  
GLU CG  CD   sing N N 100 
GLU CG  HG2  sing N N 101 
GLU CG  HG3  sing N N 102 
GLU CD  OE1  doub N N 103 
GLU CD  OE2  sing N N 104 
GLU OE2 HE2  sing N N 105 
GLU OXT HXT  sing N N 106 
GLY N   CA   sing N N 107 
GLY N   H    sing N N 108 
GLY N   H2   sing N N 109 
GLY CA  C    sing N N 110 
GLY CA  HA2  sing N N 111 
GLY CA  HA3  sing N N 112 
GLY C   O    doub N N 113 
GLY C   OXT  sing N N 114 
GLY OXT HXT  sing N N 115 
HIS N   CA   sing N N 116 
HIS N   H    sing N N 117 
HIS N   H2   sing N N 118 
HIS CA  C    sing N N 119 
HIS CA  CB   sing N N 120 
HIS CA  HA   sing N N 121 
HIS C   O    doub N N 122 
HIS C   OXT  sing N N 123 
HIS CB  CG   sing N N 124 
HIS CB  HB2  sing N N 125 
HIS CB  HB3  sing N N 126 
HIS CG  ND1  sing Y N 127 
HIS CG  CD2  doub Y N 128 
HIS ND1 CE1  doub Y N 129 
HIS ND1 HD1  sing N N 130 
HIS CD2 NE2  sing Y N 131 
HIS CD2 HD2  sing N N 132 
HIS CE1 NE2  sing Y N 133 
HIS CE1 HE1  sing N N 134 
HIS NE2 HE2  sing N N 135 
HIS OXT HXT  sing N N 136 
HOH O   H1   sing N N 137 
HOH O   H2   sing N N 138 
ILE N   CA   sing N N 139 
ILE N   H    sing N N 140 
ILE N   H2   sing N N 141 
ILE CA  C    sing N N 142 
ILE CA  CB   sing N N 143 
ILE CA  HA   sing N N 144 
ILE C   O    doub N N 145 
ILE C   OXT  sing N N 146 
ILE CB  CG1  sing N N 147 
ILE CB  CG2  sing N N 148 
ILE CB  HB   sing N N 149 
ILE CG1 CD1  sing N N 150 
ILE CG1 HG12 sing N N 151 
ILE CG1 HG13 sing N N 152 
ILE CG2 HG21 sing N N 153 
ILE CG2 HG22 sing N N 154 
ILE CG2 HG23 sing N N 155 
ILE CD1 HD11 sing N N 156 
ILE CD1 HD12 sing N N 157 
ILE CD1 HD13 sing N N 158 
ILE OXT HXT  sing N N 159 
LEU N   CA   sing N N 160 
LEU N   H    sing N N 161 
LEU N   H2   sing N N 162 
LEU CA  C    sing N N 163 
LEU CA  CB   sing N N 164 
LEU CA  HA   sing N N 165 
LEU C   O    doub N N 166 
LEU C   OXT  sing N N 167 
LEU CB  CG   sing N N 168 
LEU CB  HB2  sing N N 169 
LEU CB  HB3  sing N N 170 
LEU CG  CD1  sing N N 171 
LEU CG  CD2  sing N N 172 
LEU CG  HG   sing N N 173 
LEU CD1 HD11 sing N N 174 
LEU CD1 HD12 sing N N 175 
LEU CD1 HD13 sing N N 176 
LEU CD2 HD21 sing N N 177 
LEU CD2 HD22 sing N N 178 
LEU CD2 HD23 sing N N 179 
LEU OXT HXT  sing N N 180 
LYS N   CA   sing N N 181 
LYS N   H    sing N N 182 
LYS N   H2   sing N N 183 
LYS CA  C    sing N N 184 
LYS CA  CB   sing N N 185 
LYS CA  HA   sing N N 186 
LYS C   O    doub N N 187 
LYS C   OXT  sing N N 188 
LYS CB  CG   sing N N 189 
LYS CB  HB2  sing N N 190 
LYS CB  HB3  sing N N 191 
LYS CG  CD   sing N N 192 
LYS CG  HG2  sing N N 193 
LYS CG  HG3  sing N N 194 
LYS CD  CE   sing N N 195 
LYS CD  HD2  sing N N 196 
LYS CD  HD3  sing N N 197 
LYS CE  NZ   sing N N 198 
LYS CE  HE2  sing N N 199 
LYS CE  HE3  sing N N 200 
LYS NZ  HZ1  sing N N 201 
LYS NZ  HZ2  sing N N 202 
LYS NZ  HZ3  sing N N 203 
LYS OXT HXT  sing N N 204 
MET N   CA   sing N N 205 
MET N   H    sing N N 206 
MET N   H2   sing N N 207 
MET CA  C    sing N N 208 
MET CA  CB   sing N N 209 
MET CA  HA   sing N N 210 
MET C   O    doub N N 211 
MET C   OXT  sing N N 212 
MET CB  CG   sing N N 213 
MET CB  HB2  sing N N 214 
MET CB  HB3  sing N N 215 
MET CG  SD   sing N N 216 
MET CG  HG2  sing N N 217 
MET CG  HG3  sing N N 218 
MET SD  CE   sing N N 219 
MET CE  HE1  sing N N 220 
MET CE  HE2  sing N N 221 
MET CE  HE3  sing N N 222 
MET OXT HXT  sing N N 223 
PHE N   CA   sing N N 224 
PHE N   H    sing N N 225 
PHE N   H2   sing N N 226 
PHE CA  C    sing N N 227 
PHE CA  CB   sing N N 228 
PHE CA  HA   sing N N 229 
PHE C   O    doub N N 230 
PHE C   OXT  sing N N 231 
PHE CB  CG   sing N N 232 
PHE CB  HB2  sing N N 233 
PHE CB  HB3  sing N N 234 
PHE CG  CD1  doub Y N 235 
PHE CG  CD2  sing Y N 236 
PHE CD1 CE1  sing Y N 237 
PHE CD1 HD1  sing N N 238 
PHE CD2 CE2  doub Y N 239 
PHE CD2 HD2  sing N N 240 
PHE CE1 CZ   doub Y N 241 
PHE CE1 HE1  sing N N 242 
PHE CE2 CZ   sing Y N 243 
PHE CE2 HE2  sing N N 244 
PHE CZ  HZ   sing N N 245 
PHE OXT HXT  sing N N 246 
PRO N   CA   sing N N 247 
PRO N   CD   sing N N 248 
PRO N   H    sing N N 249 
PRO CA  C    sing N N 250 
PRO CA  CB   sing N N 251 
PRO CA  HA   sing N N 252 
PRO C   O    doub N N 253 
PRO C   OXT  sing N N 254 
PRO CB  CG   sing N N 255 
PRO CB  HB2  sing N N 256 
PRO CB  HB3  sing N N 257 
PRO CG  CD   sing N N 258 
PRO CG  HG2  sing N N 259 
PRO CG  HG3  sing N N 260 
PRO CD  HD2  sing N N 261 
PRO CD  HD3  sing N N 262 
PRO OXT HXT  sing N N 263 
SER N   CA   sing N N 264 
SER N   H    sing N N 265 
SER N   H2   sing N N 266 
SER CA  C    sing N N 267 
SER CA  CB   sing N N 268 
SER CA  HA   sing N N 269 
SER C   O    doub N N 270 
SER C   OXT  sing N N 271 
SER CB  OG   sing N N 272 
SER CB  HB2  sing N N 273 
SER CB  HB3  sing N N 274 
SER OG  HG   sing N N 275 
SER OXT HXT  sing N N 276 
THR N   CA   sing N N 277 
THR N   H    sing N N 278 
THR N   H2   sing N N 279 
THR CA  C    sing N N 280 
THR CA  CB   sing N N 281 
THR CA  HA   sing N N 282 
THR C   O    doub N N 283 
THR C   OXT  sing N N 284 
THR CB  OG1  sing N N 285 
THR CB  CG2  sing N N 286 
THR CB  HB   sing N N 287 
THR OG1 HG1  sing N N 288 
THR CG2 HG21 sing N N 289 
THR CG2 HG22 sing N N 290 
THR CG2 HG23 sing N N 291 
THR OXT HXT  sing N N 292 
TRP N   CA   sing N N 293 
TRP N   H    sing N N 294 
TRP N   H2   sing N N 295 
TRP CA  C    sing N N 296 
TRP CA  CB   sing N N 297 
TRP CA  HA   sing N N 298 
TRP C   O    doub N N 299 
TRP C   OXT  sing N N 300 
TRP CB  CG   sing N N 301 
TRP CB  HB2  sing N N 302 
TRP CB  HB3  sing N N 303 
TRP CG  CD1  doub Y N 304 
TRP CG  CD2  sing Y N 305 
TRP CD1 NE1  sing Y N 306 
TRP CD1 HD1  sing N N 307 
TRP CD2 CE2  doub Y N 308 
TRP CD2 CE3  sing Y N 309 
TRP NE1 CE2  sing Y N 310 
TRP NE1 HE1  sing N N 311 
TRP CE2 CZ2  sing Y N 312 
TRP CE3 CZ3  doub Y N 313 
TRP CE3 HE3  sing N N 314 
TRP CZ2 CH2  doub Y N 315 
TRP CZ2 HZ2  sing N N 316 
TRP CZ3 CH2  sing Y N 317 
TRP CZ3 HZ3  sing N N 318 
TRP CH2 HH2  sing N N 319 
TRP OXT HXT  sing N N 320 
VAL N   CA   sing N N 321 
VAL N   H    sing N N 322 
VAL N   H2   sing N N 323 
VAL CA  C    sing N N 324 
VAL CA  CB   sing N N 325 
VAL CA  HA   sing N N 326 
VAL C   O    doub N N 327 
VAL C   OXT  sing N N 328 
VAL CB  CG1  sing N N 329 
VAL CB  CG2  sing N N 330 
VAL CB  HB   sing N N 331 
VAL CG1 HG11 sing N N 332 
VAL CG1 HG12 sing N N 333 
VAL CG1 HG13 sing N N 334 
VAL CG2 HG21 sing N N 335 
VAL CG2 HG22 sing N N 336 
VAL CG2 HG23 sing N N 337 
VAL OXT HXT  sing N N 338 
# 
_atom_sites.entry_id                    3ID1 
_atom_sites.fract_transf_matrix[1][1]   -0.00496340 
_atom_sites.fract_transf_matrix[1][2]   0.01195723 
_atom_sites.fract_transf_matrix[1][3]   0.01435187 
_atom_sites.fract_transf_matrix[2][1]   0.01369267 
_atom_sites.fract_transf_matrix[2][2]   0.00900786 
_atom_sites.fract_transf_matrix[2][3]   0.01024595 
_atom_sites.fract_transf_matrix[3][1]   -0.00033899 
_atom_sites.fract_transf_matrix[3][2]   0.01239267 
_atom_sites.fract_transf_matrix[3][3]   -0.01044216 
_atom_sites.fract_transf_vector[1]      0.284589 
_atom_sites.fract_transf_vector[2]      -0.239953 
_atom_sites.fract_transf_vector[3]      0.028096 
# 
loop_
_atom_type.symbol 
C 
N 
O 
S 
# 
loop_
_atom_site.group_PDB 
_atom_site.id 
_atom_site.type_symbol 
_atom_site.label_atom_id 
_atom_site.label_alt_id 
_atom_site.label_comp_id 
_atom_site.label_asym_id 
_atom_site.label_entity_id 
_atom_site.label_seq_id 
_atom_site.pdbx_PDB_ins_code 
_atom_site.Cartn_x 
_atom_site.Cartn_y 
_atom_site.Cartn_z 
_atom_site.occupancy 
_atom_site.B_iso_or_equiv 
_atom_site.pdbx_formal_charge 
_atom_site.auth_seq_id 
_atom_site.auth_comp_id 
_atom_site.auth_asym_id 
_atom_site.auth_atom_id 
_atom_site.pdbx_PDB_model_num 
ATOM   1   N N   . MET A 1 1  ? -9.169  6.006   13.842  1.00 56.15  ? 126 MET A N   1 
ATOM   2   C CA  . MET A 1 1  ? -8.573  5.008   14.720  1.00 49.86  ? 126 MET A CA  1 
ATOM   3   C C   . MET A 1 1  ? -7.783  3.991   13.905  1.00 40.19  ? 126 MET A C   1 
ATOM   4   O O   . MET A 1 1  ? -6.667  3.612   14.266  1.00 37.30  ? 126 MET A O   1 
ATOM   5   C CB  . MET A 1 1  ? -9.660  4.279   15.517  1.00 58.98  ? 126 MET A CB  1 
ATOM   6   C CG  . MET A 1 1  ? -10.974 5.039   15.651  1.00 66.21  ? 126 MET A CG  1 
ATOM   7   S SD  . MET A 1 1  ? -12.133 4.704   14.305  1.00 122.48 ? 126 MET A SD  1 
ATOM   8   C CE  . MET A 1 1  ? -12.440 2.956   14.544  1.00 152.45 ? 126 MET A CE  1 
ATOM   9   N N   . VAL A 1 2  ? -8.372  3.563   12.794  1.00 32.55  ? 127 VAL A N   1 
ATOM   10  C CA  . VAL A 1 2  ? -7.831  2.464   12.011  1.00 25.52  ? 127 VAL A CA  1 
ATOM   11  C C   . VAL A 1 2  ? -7.554  2.875   10.568  1.00 21.99  ? 127 VAL A C   1 
ATOM   12  O O   . VAL A 1 2  ? -7.567  2.040   9.668   1.00 19.13  ? 127 VAL A O   1 
ATOM   13  C CB  . VAL A 1 2  ? -8.793  1.268   12.013  1.00 24.17  ? 127 VAL A CB  1 
ATOM   14  C CG1 . VAL A 1 2  ? -9.032  0.790   13.431  1.00 22.98  ? 127 VAL A CG1 1 
ATOM   15  C CG2 . VAL A 1 2  ? -10.112 1.661   11.357  1.00 26.92  ? 127 VAL A CG2 1 
ATOM   16  N N   . ARG A 1 3  ? -7.315  4.165   10.350  1.00 20.02  ? 128 ARG A N   1 
ATOM   17  C CA  . ARG A 1 3  ? -6.879  4.629   9.037   1.00 21.19  ? 128 ARG A CA  1 
ATOM   18  C C   . ARG A 1 3  ? -5.596  3.908   8.634   1.00 13.78  ? 128 ARG A C   1 
ATOM   19  O O   . ARG A 1 3  ? -4.776  3.574   9.491   1.00 18.88  ? 128 ARG A O   1 
ATOM   20  C CB  . ARG A 1 3  ? -6.657  6.142   9.059   1.00 28.57  ? 128 ARG A CB  1 
ATOM   21  C CG  . ARG A 1 3  ? -7.912  6.962   8.798   1.00 41.27  ? 128 ARG A CG  1 
ATOM   22  C CD  . ARG A 1 3  ? -7.776  8.372   9.358   1.00 58.02  ? 128 ARG A CD  1 
ATOM   23  N NE  . ARG A 1 3  ? -6.388  8.712   9.663   1.00 71.11  ? 128 ARG A NE  1 
ATOM   24  C CZ  . ARG A 1 3  ? -5.924  8.926   10.891  1.00 81.06  ? 128 ARG A CZ  1 
ATOM   25  N NH1 . ARG A 1 3  ? -6.742  8.852   11.934  1.00 88.45  ? 128 ARG A NH1 1 
ATOM   26  N NH2 . ARG A 1 3  ? -4.647  9.226   11.080  1.00 79.60  ? 128 ARG A NH2 1 
ATOM   27  N N   . PRO A 1 4  ? -5.411  3.663   7.324   1.00 12.87  ? 129 PRO A N   1 
ATOM   28  C CA  . PRO A 1 4  ? -4.248  2.888   6.887   1.00 13.38  ? 129 PRO A CA  1 
ATOM   29  C C   . PRO A 1 4  ? -2.995  3.746   6.852   1.00 16.39  ? 129 PRO A C   1 
ATOM   30  O O   . PRO A 1 4  ? -2.606  4.261   5.802   1.00 19.83  ? 129 PRO A O   1 
ATOM   31  C CB  . PRO A 1 4  ? -4.612  2.449   5.465   1.00 14.75  ? 129 PRO A CB  1 
ATOM   32  C CG  . PRO A 1 4  ? -5.907  3.128   5.122   1.00 20.41  ? 129 PRO A CG  1 
ATOM   33  C CD  . PRO A 1 4  ? -6.252  4.096   6.198   1.00 17.29  ? 129 PRO A CD  1 
ATOM   34  N N   . VAL A 1 5  ? -2.362  3.874   8.008   1.00 16.01  ? 130 VAL A N   1 
ATOM   35  C CA  . VAL A 1 5  ? -1.155  4.673   8.141   1.00 12.77  ? 130 VAL A CA  1 
ATOM   36  C C   . VAL A 1 5  ? 0.066   3.766   8.143   1.00 18.35  ? 130 VAL A C   1 
ATOM   37  O O   . VAL A 1 5  ? 0.090   2.735   8.825   1.00 19.03  ? 130 VAL A O   1 
ATOM   38  C CB  . VAL A 1 5  ? -1.215  5.523   9.420   1.00 20.41  ? 130 VAL A CB  1 
ATOM   39  C CG1 . VAL A 1 5  ? 0.119   6.199   9.680   1.00 17.04  ? 130 VAL A CG1 1 
ATOM   40  C CG2 . VAL A 1 5  ? -2.326  6.550   9.297   1.00 23.56  ? 130 VAL A CG2 1 
ATOM   41  N N   . VAL A 1 6  ? 1.063   4.132   7.347   1.00 13.74  ? 131 VAL A N   1 
ATOM   42  C CA  . VAL A 1 6  ? 2.287   3.350   7.253   1.00 15.54  ? 131 VAL A CA  1 
ATOM   43  C C   . VAL A 1 6  ? 3.100   3.506   8.530   1.00 16.07  ? 131 VAL A C   1 
ATOM   44  O O   . VAL A 1 6  ? 3.372   4.626   8.968   1.00 17.28  ? 131 VAL A O   1 
ATOM   45  C CB  . VAL A 1 6  ? 3.129   3.786   6.045   1.00 15.77  ? 131 VAL A CB  1 
ATOM   46  C CG1 . VAL A 1 6  ? 4.453   3.037   6.007   1.00 17.85  ? 131 VAL A CG1 1 
ATOM   47  C CG2 . VAL A 1 6  ? 2.335   3.560   4.760   1.00 13.57  ? 131 VAL A CG2 1 
ATOM   48  N N   . GLY A 1 7  ? 3.465   2.377   9.131   1.00 14.41  ? 132 GLY A N   1 
ATOM   49  C CA  . GLY A 1 7  ? 4.281   2.384   10.332  1.00 16.90  ? 132 GLY A CA  1 
ATOM   50  C C   . GLY A 1 7  ? 5.757   2.293   9.997   1.00 19.16  ? 132 GLY A C   1 
ATOM   51  O O   . GLY A 1 7  ? 6.569   3.092   10.473  1.00 21.98  ? 132 GLY A O   1 
ATOM   52  N N   . GLU A 1 8  ? 6.108   1.311   9.173   1.00 18.82  ? 133 GLU A N   1 
ATOM   53  C CA  . GLU A 1 8  ? 7.492   1.133   8.751   1.00 20.83  ? 133 GLU A CA  1 
ATOM   54  C C   . GLU A 1 8  ? 7.540   0.762   7.283   1.00 19.90  ? 133 GLU A C   1 
ATOM   55  O O   . GLU A 1 8  ? 6.574   0.216   6.749   1.00 20.71  ? 133 GLU A O   1 
ATOM   56  C CB  . GLU A 1 8  ? 8.168   0.025   9.556   1.00 24.00  ? 133 GLU A CB  1 
ATOM   57  C CG  . GLU A 1 8  ? 8.079   0.183   11.063  1.00 29.95  ? 133 GLU A CG  1 
ATOM   58  C CD  . GLU A 1 8  ? 8.652   -1.016  11.805  1.00 40.07  ? 133 GLU A CD  1 
ATOM   59  O OE1 . GLU A 1 8  ? 9.281   -1.878  11.152  1.00 37.42  ? 133 GLU A OE1 1 
ATOM   60  O OE2 . GLU A 1 8  ? 8.473   -1.097  13.038  1.00 42.96  ? 133 GLU A OE2 1 
ATOM   61  N N   . ILE A 1 9  ? 8.670   1.057   6.644   1.00 17.87  ? 134 ILE A N   1 
ATOM   62  C CA  . ILE A 1 9  ? 8.916   0.655   5.261   1.00 19.75  ? 134 ILE A CA  1 
ATOM   63  C C   . ILE A 1 9  ? 10.183  -0.193  5.209   1.00 23.89  ? 134 ILE A C   1 
ATOM   64  O O   . ILE A 1 9  ? 11.232  0.221   5.699   1.00 27.60  ? 134 ILE A O   1 
ATOM   65  C CB  . ILE A 1 9  ? 9.101   1.873   4.333   1.00 20.45  ? 134 ILE A CB  1 
ATOM   66  C CG1 . ILE A 1 9  ? 7.788   2.640   4.172   1.00 18.13  ? 134 ILE A CG1 1 
ATOM   67  C CG2 . ILE A 1 9  ? 9.622   1.430   2.976   1.00 22.22  ? 134 ILE A CG2 1 
ATOM   68  C CD1 . ILE A 1 9  ? 6.707   1.851   3.451   1.00 21.49  ? 134 ILE A CD1 1 
ATOM   69  N N   . ALA A 1 10 ? 10.086  -1.382  4.624   1.00 19.83  ? 135 ALA A N   1 
ATOM   70  C CA  . ALA A 1 10 ? 11.235  -2.276  4.549   1.00 26.15  ? 135 ALA A CA  1 
ATOM   71  C C   . ALA A 1 10 ? 12.165  -1.824  3.436   1.00 27.08  ? 135 ALA A C   1 
ATOM   72  O O   . ALA A 1 10 ? 11.716  -1.503  2.340   1.00 31.09  ? 135 ALA A O   1 
ATOM   73  C CB  . ALA A 1 10 ? 10.783  -3.710  4.320   1.00 27.18  ? 135 ALA A CB  1 
ATOM   74  N N   . ALA A 1 11 ? 13.465  -1.790  3.718   1.00 27.76  ? 136 ALA A N   1 
ATOM   75  C CA  . ALA A 1 11 ? 14.435  -1.370  2.713   1.00 32.58  ? 136 ALA A CA  1 
ATOM   76  C C   . ALA A 1 11 ? 14.359  -2.258  1.473   1.00 34.42  ? 136 ALA A C   1 
ATOM   77  O O   . ALA A 1 11 ? 14.155  -3.468  1.578   1.00 31.85  ? 136 ALA A O   1 
ATOM   78  C CB  . ALA A 1 11 ? 15.843  -1.382  3.293   1.00 39.12  ? 136 ALA A CB  1 
ATOM   79  N N   . ASN A 1 12 ? 14.513  -1.644  0.303   1.00 36.97  ? 137 ASN A N   1 
ATOM   80  C CA  . ASN A 1 12 ? 14.556  -2.369  -0.967  1.00 47.16  ? 137 ASN A CA  1 
ATOM   81  C C   . ASN A 1 12 ? 13.244  -3.046  -1.355  1.00 43.02  ? 137 ASN A C   1 
ATOM   82  O O   . ASN A 1 12 ? 13.223  -3.927  -2.215  1.00 43.69  ? 137 ASN A O   1 
ATOM   83  C CB  . ASN A 1 12 ? 15.690  -3.396  -0.958  1.00 54.65  ? 137 ASN A CB  1 
ATOM   84  C CG  . ASN A 1 12 ? 17.051  -2.759  -0.770  1.00 66.69  ? 137 ASN A CG  1 
ATOM   85  O OD1 . ASN A 1 12 ? 18.012  -3.426  -0.384  1.00 74.10  ? 137 ASN A OD1 1 
ATOM   86  N ND2 . ASN A 1 12 ? 17.141  -1.460  -1.036  1.00 66.34  ? 137 ASN A ND2 1 
ATOM   87  N N   . SER A 1 13 ? 12.151  -2.633  -0.723  1.00 34.09  ? 138 SER A N   1 
ATOM   88  C CA  . SER A 1 13 ? 10.849  -3.224  -0.999  1.00 23.91  ? 138 SER A CA  1 
ATOM   89  C C   . SER A 1 13 ? 10.154  -2.514  -2.152  1.00 21.67  ? 138 SER A C   1 
ATOM   90  O O   . SER A 1 13 ? 10.634  -1.496  -2.651  1.00 22.06  ? 138 SER A O   1 
ATOM   91  C CB  . SER A 1 13 ? 9.961   -3.154  0.240   1.00 19.14  ? 138 SER A CB  1 
ATOM   92  O OG  . SER A 1 13 ? 9.732   -1.808  0.609   1.00 23.50  ? 138 SER A OG  1 
ATOM   93  N N   . ILE A 1 14 ? 9.015   -3.056  -2.568  1.00 21.53  ? 139 ILE A N   1 
ATOM   94  C CA  . ILE A 1 14 ? 8.219   -2.426  -3.614  1.00 18.72  ? 139 ILE A CA  1 
ATOM   95  C C   . ILE A 1 14 ? 7.777   -1.038  -3.154  1.00 23.21  ? 139 ILE A C   1 
ATOM   96  O O   . ILE A 1 14 ? 7.837   -0.070  -3.914  1.00 21.17  ? 139 ILE A O   1 
ATOM   97  C CB  . ILE A 1 14 ? 7.006   -3.295  -3.993  1.00 20.04  ? 139 ILE A CB  1 
ATOM   98  C CG1 . ILE A 1 14 ? 7.476   -4.554  -4.734  1.00 22.57  ? 139 ILE A CG1 1 
ATOM   99  C CG2 . ILE A 1 14 ? 6.016   -2.506  -4.848  1.00 16.39  ? 139 ILE A CG2 1 
ATOM   100 C CD1 . ILE A 1 14 ? 6.395   -5.599  -4.923  1.00 24.83  ? 139 ILE A CD1 1 
ATOM   101 N N   . ALA A 1 15 ? 7.354   -0.940  -1.899  1.00 20.35  ? 140 ALA A N   1 
ATOM   102 C CA  . ALA A 1 15 ? 6.917   0.340   -1.355  1.00 17.07  ? 140 ALA A CA  1 
ATOM   103 C C   . ALA A 1 15 ? 8.081   1.322   -1.199  1.00 20.57  ? 140 ALA A C   1 
ATOM   104 O O   . ALA A 1 15 ? 7.918   2.523   -1.418  1.00 23.86  ? 140 ALA A O   1 
ATOM   105 C CB  . ALA A 1 15 ? 6.198   0.144   -0.031  1.00 14.72  ? 140 ALA A CB  1 
ATOM   106 N N   . ALA A 1 16 ? 9.246   0.804   -0.820  1.00 21.94  ? 141 ALA A N   1 
ATOM   107 C CA  . ALA A 1 16 ? 10.444  1.625   -0.697  1.00 26.43  ? 141 ALA A CA  1 
ATOM   108 C C   . ALA A 1 16 ? 10.820  2.177   -2.064  1.00 32.11  ? 141 ALA A C   1 
ATOM   109 O O   . ALA A 1 16 ? 11.192  3.341   -2.198  1.00 29.90  ? 141 ALA A O   1 
ATOM   110 C CB  . ALA A 1 16 ? 11.588  0.809   -0.122  1.00 28.22  ? 141 ALA A CB  1 
ATOM   111 N N   . GLU A 1 17 ? 10.719  1.324   -3.076  1.00 32.66  ? 142 GLU A N   1 
ATOM   112 C CA  . GLU A 1 17 ? 10.986  1.715   -4.454  1.00 34.98  ? 142 GLU A CA  1 
ATOM   113 C C   . GLU A 1 17 ? 10.096  2.888   -4.874  1.00 35.33  ? 142 GLU A C   1 
ATOM   114 O O   . GLU A 1 17 ? 10.552  3.810   -5.547  1.00 35.31  ? 142 GLU A O   1 
ATOM   115 C CB  . GLU A 1 17 ? 10.772  0.518   -5.388  1.00 39.71  ? 142 GLU A CB  1 
ATOM   116 C CG  . GLU A 1 17 ? 10.947  0.820   -6.867  1.00 53.80  ? 142 GLU A CG  1 
ATOM   117 C CD  . GLU A 1 17 ? 10.518  -0.339  -7.759  1.00 62.26  ? 142 GLU A CD  1 
ATOM   118 O OE1 . GLU A 1 17 ? 9.945   -1.324  -7.242  1.00 53.59  ? 142 GLU A OE1 1 
ATOM   119 O OE2 . GLU A 1 17 ? 10.753  -0.262  -8.984  1.00 70.63  ? 142 GLU A OE2 1 
ATOM   120 N N   . ALA A 1 18 ? 8.829   2.850   -4.472  1.00 24.69  ? 143 ALA A N   1 
ATOM   121 C CA  . ALA A 1 18 ? 7.891   3.908   -4.824  1.00 23.98  ? 143 ALA A CA  1 
ATOM   122 C C   . ALA A 1 18 ? 8.011   5.101   -3.884  1.00 24.88  ? 143 ALA A C   1 
ATOM   123 O O   . ALA A 1 18 ? 7.293   6.090   -4.030  1.00 28.25  ? 143 ALA A O   1 
ATOM   124 C CB  . ALA A 1 18 ? 6.474   3.380   -4.826  1.00 22.54  ? 143 ALA A CB  1 
ATOM   125 N N   . GLN A 1 19 ? 8.912   4.989   -2.913  1.00 26.44  ? 144 GLN A N   1 
ATOM   126 C CA  . GLN A 1 19 ? 9.217   6.078   -1.989  1.00 31.58  ? 144 GLN A CA  1 
ATOM   127 C C   . GLN A 1 19 ? 8.041   6.478   -1.094  1.00 33.49  ? 144 GLN A C   1 
ATOM   128 O O   . GLN A 1 19 ? 7.863   7.649   -0.759  1.00 36.43  ? 144 GLN A O   1 
ATOM   129 C CB  . GLN A 1 19 ? 9.775   7.283   -2.748  1.00 42.92  ? 144 GLN A CB  1 
ATOM   130 C CG  . GLN A 1 19 ? 11.143  7.014   -3.356  1.00 55.29  ? 144 GLN A CG  1 
ATOM   131 C CD  . GLN A 1 19 ? 11.611  8.129   -4.268  1.00 70.28  ? 144 GLN A CD  1 
ATOM   132 O OE1 . GLN A 1 19 ? 10.843  9.025   -4.618  1.00 75.53  ? 144 GLN A OE1 1 
ATOM   133 N NE2 . GLN A 1 19 ? 12.878  8.075   -4.663  1.00 74.26  ? 144 GLN A NE2 1 
ATOM   134 N N   . ILE A 1 20 ? 7.245   5.492   -0.705  1.00 22.58  ? 145 ILE A N   1 
ATOM   135 C CA  . ILE A 1 20 ? 6.251   5.696   0.336   1.00 18.36  ? 145 ILE A CA  1 
ATOM   136 C C   . ILE A 1 20 ? 7.001   5.779   1.660   1.00 21.89  ? 145 ILE A C   1 
ATOM   137 O O   . ILE A 1 20 ? 7.955   5.034   1.877   1.00 22.56  ? 145 ILE A O   1 
ATOM   138 C CB  . ILE A 1 20 ? 5.250   4.538   0.360   1.00 18.41  ? 145 ILE A CB  1 
ATOM   139 C CG1 . ILE A 1 20 ? 4.510   4.471   -0.979  1.00 17.16  ? 145 ILE A CG1 1 
ATOM   140 C CG2 . ILE A 1 20 ? 4.271   4.695   1.521   1.00 22.93  ? 145 ILE A CG2 1 
ATOM   141 C CD1 . ILE A 1 20 ? 3.743   3.185   -1.181  1.00 30.47  ? 145 ILE A CD1 1 
ATOM   142 N N   . ALA A 1 21 ? 6.579   6.691   2.535   1.00 18.38  ? 146 ALA A N   1 
ATOM   143 C CA  . ALA A 1 21 ? 7.293   6.947   3.782   1.00 17.65  ? 146 ALA A CA  1 
ATOM   144 C C   . ALA A 1 21 ? 6.453   6.635   5.021   1.00 17.05  ? 146 ALA A C   1 
ATOM   145 O O   . ALA A 1 21 ? 5.226   6.700   4.982   1.00 19.04  ? 146 ALA A O   1 
ATOM   146 C CB  . ALA A 1 21 ? 7.764   8.395   3.814   1.00 24.37  ? 146 ALA A CB  1 
ATOM   147 N N   . PRO A 1 22 ? 7.117   6.304   6.136   1.00 20.65  ? 147 PRO A N   1 
ATOM   148 C CA  . PRO A 1 22 ? 6.371   6.112   7.384   1.00 19.26  ? 147 PRO A CA  1 
ATOM   149 C C   . PRO A 1 22 ? 5.489   7.324   7.692   1.00 19.07  ? 147 PRO A C   1 
ATOM   150 O O   . PRO A 1 22 ? 5.891   8.452   7.418   1.00 20.52  ? 147 PRO A O   1 
ATOM   151 C CB  . PRO A 1 22 ? 7.480   5.993   8.439   1.00 19.64  ? 147 PRO A CB  1 
ATOM   152 C CG  . PRO A 1 22 ? 8.664   5.479   7.674   1.00 25.31  ? 147 PRO A CG  1 
ATOM   153 C CD  . PRO A 1 22 ? 8.566   6.100   6.307   1.00 22.04  ? 147 PRO A CD  1 
ATOM   154 N N   . GLY A 1 23 ? 4.307   7.091   8.256   1.00 19.50  ? 148 GLY A N   1 
ATOM   155 C CA  . GLY A 1 23 ? 3.400   8.175   8.594   1.00 18.48  ? 148 GLY A CA  1 
ATOM   156 C C   . GLY A 1 23 ? 2.435   8.502   7.467   1.00 16.51  ? 148 GLY A C   1 
ATOM   157 O O   . GLY A 1 23 ? 1.417   9.161   7.677   1.00 17.92  ? 148 GLY A O   1 
ATOM   158 N N   . THR A 1 24 ? 2.745   8.036   6.263   1.00 17.13  ? 149 THR A N   1 
ATOM   159 C CA  . THR A 1 24 ? 1.863   8.275   5.124   1.00 15.37  ? 149 THR A CA  1 
ATOM   160 C C   . THR A 1 24 ? 0.566   7.476   5.254   1.00 16.61  ? 149 THR A C   1 
ATOM   161 O O   . THR A 1 24 ? 0.583   6.315   5.662   1.00 18.84  ? 149 THR A O   1 
ATOM   162 C CB  . THR A 1 24 ? 2.569   7.913   3.810   1.00 18.95  ? 149 THR A CB  1 
ATOM   163 O OG1 . THR A 1 24 ? 3.613   8.864   3.568   1.00 16.90  ? 149 THR A OG1 1 
ATOM   164 C CG2 . THR A 1 24 ? 1.590   7.932   2.642   1.00 18.80  ? 149 THR A CG2 1 
ATOM   165 N N   . GLU A 1 25 ? -0.558  8.097   4.914   1.00 14.79  ? 150 GLU A N   1 
ATOM   166 C CA  . GLU A 1 25 ? -1.826  7.378   4.920   1.00 17.74  ? 150 GLU A CA  1 
ATOM   167 C C   . GLU A 1 25 ? -2.212  6.985   3.507   1.00 16.28  ? 150 GLU A C   1 
ATOM   168 O O   . GLU A 1 25 ? -2.154  7.807   2.592   1.00 19.26  ? 150 GLU A O   1 
ATOM   169 C CB  . GLU A 1 25 ? -2.936  8.230   5.540   1.00 18.42  ? 150 GLU A CB  1 
ATOM   170 C CG  . GLU A 1 25 ? -4.280  7.511   5.597   1.00 20.35  ? 150 GLU A CG  1 
ATOM   171 C CD  . GLU A 1 25 ? -5.403  8.400   6.091   1.00 26.95  ? 150 GLU A CD  1 
ATOM   172 O OE1 . GLU A 1 25 ? -5.121  9.346   6.850   1.00 34.66  ? 150 GLU A OE1 1 
ATOM   173 O OE2 . GLU A 1 25 ? -6.568  8.149   5.719   1.00 30.37  ? 150 GLU A OE2 1 
ATOM   174 N N   . LEU A 1 26 ? -2.585  5.725   3.319   1.00 10.81  ? 151 LEU A N   1 
ATOM   175 C CA  . LEU A 1 26 ? -3.105  5.295   2.026   1.00 13.78  ? 151 LEU A CA  1 
ATOM   176 C C   . LEU A 1 26 ? -4.570  5.688   1.932   1.00 20.96  ? 151 LEU A C   1 
ATOM   177 O O   . LEU A 1 26 ? -5.371  5.360   2.806   1.00 32.30  ? 151 LEU A O   1 
ATOM   178 C CB  . LEU A 1 26 ? -2.936  3.791   1.845   1.00 16.44  ? 151 LEU A CB  1 
ATOM   179 C CG  . LEU A 1 26 ? -1.588  3.359   1.267   1.00 19.92  ? 151 LEU A CG  1 
ATOM   180 C CD1 . LEU A 1 26 ? -0.437  3.776   2.171   1.00 16.90  ? 151 LEU A CD1 1 
ATOM   181 C CD2 . LEU A 1 26 ? -1.572  1.857   1.023   1.00 19.80  ? 151 LEU A CD2 1 
ATOM   182 N N   . LYS A 1 27 ? -4.920  6.397   0.868   1.00 12.50  ? 152 LYS A N   1 
ATOM   183 C CA  . LYS A 1 27 ? -6.261  6.931   0.727   1.00 17.26  ? 152 LYS A CA  1 
ATOM   184 C C   . LYS A 1 27 ? -7.061  6.073   -0.230  1.00 17.48  ? 152 LYS A C   1 
ATOM   185 O O   . LYS A 1 27 ? -8.264  5.907   -0.063  1.00 20.14  ? 152 LYS A O   1 
ATOM   186 C CB  . LYS A 1 27 ? -6.207  8.364   0.201   1.00 18.60  ? 152 LYS A CB  1 
ATOM   187 C CG  . LYS A 1 27 ? -5.540  9.350   1.140   1.00 19.65  ? 152 LYS A CG  1 
ATOM   188 C CD  . LYS A 1 27 ? -6.368  9.544   2.389   1.00 18.25  ? 152 LYS A CD  1 
ATOM   189 C CE  . LYS A 1 27 ? -5.931  10.778  3.150   1.00 28.13  ? 152 LYS A CE  1 
ATOM   190 N NZ  . LYS A 1 27 ? -6.835  11.060  4.301   1.00 30.57  ? 152 LYS A NZ  1 
ATOM   191 N N   . ALA A 1 28 ? -6.388  5.534   -1.242  1.00 15.67  ? 153 ALA A N   1 
ATOM   192 C CA  . ALA A 1 28 ? -7.071  4.757   -2.263  1.00 13.91  ? 153 ALA A CA  1 
ATOM   193 C C   . ALA A 1 28 ? -6.116  3.824   -2.988  1.00 13.71  ? 153 ALA A C   1 
ATOM   194 O O   . ALA A 1 28 ? -4.915  4.063   -3.028  1.00 15.16  ? 153 ALA A O   1 
ATOM   195 C CB  . ALA A 1 28 ? -7.768  5.689   -3.263  1.00 13.33  ? 153 ALA A CB  1 
ATOM   196 N N   . VAL A 1 29 ? -6.664  2.756   -3.553  1.00 12.03  ? 154 VAL A N   1 
ATOM   197 C CA  . VAL A 1 29 ? -5.899  1.856   -4.394  1.00 14.70  ? 154 VAL A CA  1 
ATOM   198 C C   . VAL A 1 29 ? -6.607  1.785   -5.735  1.00 17.62  ? 154 VAL A C   1 
ATOM   199 O O   . VAL A 1 29 ? -7.762  1.371   -5.801  1.00 14.95  ? 154 VAL A O   1 
ATOM   200 C CB  . VAL A 1 29 ? -5.831  0.444   -3.785  1.00 12.16  ? 154 VAL A CB  1 
ATOM   201 C CG1 . VAL A 1 29 ? -5.142  -0.522  -4.757  1.00 15.20  ? 154 VAL A CG1 1 
ATOM   202 C CG2 . VAL A 1 29 ? -5.119  0.469   -2.430  1.00 16.33  ? 154 VAL A CG2 1 
ATOM   203 N N   . ASP A 1 30 ? -5.922  2.211   -6.793  1.00 12.68  ? 155 ASP A N   1 
ATOM   204 C CA  . ASP A 1 30 ? -6.508  2.264   -8.130  1.00 15.50  ? 155 ASP A CA  1 
ATOM   205 C C   . ASP A 1 30 ? -7.893  2.907   -8.137  1.00 14.80  ? 155 ASP A C   1 
ATOM   206 O O   . ASP A 1 30 ? -8.822  2.401   -8.767  1.00 17.71  ? 155 ASP A O   1 
ATOM   207 C CB  . ASP A 1 30 ? -6.552  0.868   -8.747  1.00 19.54  ? 155 ASP A CB  1 
ATOM   208 C CG  . ASP A 1 30 ? -5.175  0.370   -9.151  1.00 25.69  ? 155 ASP A CG  1 
ATOM   209 O OD1 . ASP A 1 30 ? -4.348  1.197   -9.590  1.00 20.11  ? 155 ASP A OD1 1 
ATOM   210 O OD2 . ASP A 1 30 ? -4.919  -0.845  -9.026  1.00 28.04  ? 155 ASP A OD2 1 
ATOM   211 N N   . GLY A 1 31 ? -8.026  4.019   -7.422  1.00 13.84  ? 156 GLY A N   1 
ATOM   212 C CA  . GLY A 1 31 ? -9.233  4.826   -7.499  1.00 17.10  ? 156 GLY A CA  1 
ATOM   213 C C   . GLY A 1 31 ? -10.372 4.386   -6.597  1.00 21.23  ? 156 GLY A C   1 
ATOM   214 O O   . GLY A 1 31 ? -11.446 4.982   -6.613  1.00 19.38  ? 156 GLY A O   1 
ATOM   215 N N   . ILE A 1 32 ? -10.152 3.337   -5.811  1.00 16.27  ? 157 ILE A N   1 
ATOM   216 C CA  . ILE A 1 32 ? -11.143 2.939   -4.816  1.00 16.79  ? 157 ILE A CA  1 
ATOM   217 C C   . ILE A 1 32 ? -10.669 3.366   -3.435  1.00 17.40  ? 157 ILE A C   1 
ATOM   218 O O   . ILE A 1 32 ? -9.610  2.940   -2.981  1.00 16.79  ? 157 ILE A O   1 
ATOM   219 C CB  . ILE A 1 32 ? -11.393 1.425   -4.818  1.00 16.84  ? 157 ILE A CB  1 
ATOM   220 C CG1 . ILE A 1 32 ? -11.956 0.977   -6.166  1.00 21.45  ? 157 ILE A CG1 1 
ATOM   221 C CG2 . ILE A 1 32 ? -12.366 1.055   -3.712  1.00 21.78  ? 157 ILE A CG2 1 
ATOM   222 C CD1 . ILE A 1 32 ? -13.295 1.593   -6.499  1.00 29.18  ? 157 ILE A CD1 1 
ATOM   223 N N   . GLU A 1 33 ? -11.450 4.214   -2.770  1.00 17.66  ? 158 GLU A N   1 
ATOM   224 C CA  . GLU A 1 33 ? -11.064 4.731   -1.462  1.00 19.38  ? 158 GLU A CA  1 
ATOM   225 C C   . GLU A 1 33 ? -10.962 3.593   -0.441  1.00 19.53  ? 158 GLU A C   1 
ATOM   226 O O   . GLU A 1 33 ? -11.808 2.700   -0.402  1.00 18.86  ? 158 GLU A O   1 
ATOM   227 C CB  . GLU A 1 33 ? -12.050 5.814   -0.997  1.00 25.65  ? 158 GLU A CB  1 
ATOM   228 C CG  . GLU A 1 33 ? -11.490 6.795   0.045   1.00 31.72  ? 158 GLU A CG  1 
ATOM   229 C CD  . GLU A 1 33 ? -10.546 7.851   -0.540  1.00 40.06  ? 158 GLU A CD  1 
ATOM   230 O OE1 . GLU A 1 33 ? -10.430 7.956   -1.781  1.00 33.56  ? 158 GLU A OE1 1 
ATOM   231 O OE2 . GLU A 1 33 ? -9.918  8.588   0.254   1.00 37.49  ? 158 GLU A OE2 1 
ATOM   232 N N   . THR A 1 34 ? -9.917  3.625   0.376   1.00 16.11  ? 159 THR A N   1 
ATOM   233 C CA  . THR A 1 34 ? -9.648  2.555   1.331   1.00 18.08  ? 159 THR A CA  1 
ATOM   234 C C   . THR A 1 34 ? -9.553  3.091   2.759   1.00 18.47  ? 159 THR A C   1 
ATOM   235 O O   . THR A 1 34 ? -8.523  3.634   3.153   1.00 16.34  ? 159 THR A O   1 
ATOM   236 C CB  . THR A 1 34 ? -8.339  1.839   0.978   1.00 17.26  ? 159 THR A CB  1 
ATOM   237 O OG1 . THR A 1 34 ? -7.295  2.813   0.836   1.00 19.62  ? 159 THR A OG1 1 
ATOM   238 C CG2 . THR A 1 34 ? -8.485  1.069   -0.325  1.00 15.51  ? 159 THR A CG2 1 
ATOM   239 N N   . PRO A 1 35 ? -10.633 2.934   3.544   1.00 17.32  ? 160 PRO A N   1 
ATOM   240 C CA  . PRO A 1 35 ? -10.775 3.519   4.886   1.00 18.67  ? 160 PRO A CA  1 
ATOM   241 C C   . PRO A 1 35 ? -9.914  2.856   5.967   1.00 14.05  ? 160 PRO A C   1 
ATOM   242 O O   . PRO A 1 35 ? -9.650  3.467   7.013   1.00 19.03  ? 160 PRO A O   1 
ATOM   243 C CB  . PRO A 1 35 ? -12.257 3.291   5.219   1.00 25.19  ? 160 PRO A CB  1 
ATOM   244 C CG  . PRO A 1 35 ? -12.911 2.904   3.941   1.00 31.59  ? 160 PRO A CG  1 
ATOM   245 C CD  . PRO A 1 35 ? -11.862 2.248   3.112   1.00 22.51  ? 160 PRO A CD  1 
ATOM   246 N N   . ASP A 1 36 ? -9.515  1.610   5.745   1.00 16.79  ? 161 ASP A N   1 
ATOM   247 C CA  . ASP A 1 36 ? -8.652  0.923   6.704   1.00 13.88  ? 161 ASP A CA  1 
ATOM   248 C C   . ASP A 1 36 ? -7.711  -0.050  5.999   1.00 11.62  ? 161 ASP A C   1 
ATOM   249 O O   . ASP A 1 36 ? -7.787  -0.211  4.782   1.00 11.94  ? 161 ASP A O   1 
ATOM   250 C CB  . ASP A 1 36 ? -9.459  0.255   7.845   1.00 13.50  ? 161 ASP A CB  1 
ATOM   251 C CG  . ASP A 1 36 ? -10.571 -0.683  7.346   1.00 18.83  ? 161 ASP A CG  1 
ATOM   252 O OD1 . ASP A 1 36 ? -10.439 -1.286  6.262   1.00 15.66  ? 161 ASP A OD1 1 
ATOM   253 O OD2 . ASP A 1 36 ? -11.577 -0.841  8.079   1.00 20.19  ? 161 ASP A OD2 1 
ATOM   254 N N   . TRP A 1 37 ? -6.799  -0.667  6.744   1.00 15.93  ? 162 TRP A N   1 
ATOM   255 C CA  . TRP A 1 37 ? -5.858  -1.589  6.116   1.00 18.09  ? 162 TRP A CA  1 
ATOM   256 C C   . TRP A 1 37 ? -6.568  -2.779  5.468   1.00 18.35  ? 162 TRP A C   1 
ATOM   257 O O   . TRP A 1 37 ? -6.131  -3.271  4.432   1.00 13.46  ? 162 TRP A O   1 
ATOM   258 C CB  . TRP A 1 37 ? -4.763  -2.047  7.089   1.00 15.47  ? 162 TRP A CB  1 
ATOM   259 C CG  . TRP A 1 37 ? -3.665  -1.030  7.245   1.00 14.36  ? 162 TRP A CG  1 
ATOM   260 C CD1 . TRP A 1 37 ? -3.329  -0.338  8.383   1.00 12.10  ? 162 TRP A CD1 1 
ATOM   261 C CD2 . TRP A 1 37 ? -2.766  -0.587  6.224   1.00 15.09  ? 162 TRP A CD2 1 
ATOM   262 N NE1 . TRP A 1 37 ? -2.269  0.507   8.124   1.00 12.83  ? 162 TRP A NE1 1 
ATOM   263 C CE2 . TRP A 1 37 ? -1.910  0.374   6.805   1.00 12.70  ? 162 TRP A CE2 1 
ATOM   264 C CE3 . TRP A 1 37 ? -2.601  -0.910  4.873   1.00 13.84  ? 162 TRP A CE3 1 
ATOM   265 C CZ2 . TRP A 1 37 ? -0.906  1.013   6.078   1.00 15.31  ? 162 TRP A CZ2 1 
ATOM   266 C CZ3 . TRP A 1 37 ? -1.604  -0.269  4.148   1.00 15.79  ? 162 TRP A CZ3 1 
ATOM   267 C CH2 . TRP A 1 37 ? -0.770  0.684   4.756   1.00 12.89  ? 162 TRP A CH2 1 
ATOM   268 N N   . ASP A 1 38 ? -7.670  -3.241  6.046   1.00 19.08  ? 163 ASP A N   1 
ATOM   269 C CA  . ASP A 1 38 ? -8.367  -4.361  5.416   1.00 15.32  ? 163 ASP A CA  1 
ATOM   270 C C   . ASP A 1 38 ? -8.878  -3.969  4.032   1.00 14.97  ? 163 ASP A C   1 
ATOM   271 O O   . ASP A 1 38 ? -8.772  -4.741  3.083   1.00 16.96  ? 163 ASP A O   1 
ATOM   272 C CB  . ASP A 1 38 ? -9.527  -4.885  6.259   1.00 14.71  ? 163 ASP A CB  1 
ATOM   273 C CG  . ASP A 1 38 ? -10.155 -6.125  5.651   1.00 19.37  ? 163 ASP A CG  1 
ATOM   274 O OD1 . ASP A 1 38 ? -9.450  -7.153  5.552   1.00 20.19  ? 163 ASP A OD1 1 
ATOM   275 O OD2 . ASP A 1 38 ? -11.339 -6.071  5.262   1.00 23.56  ? 163 ASP A OD2 1 
ATOM   276 N N   . ALA A 1 39 ? -9.430  -2.763  3.924   1.00 14.40  ? 164 ALA A N   1 
ATOM   277 C CA  . ALA A 1 39 ? -9.922  -2.278  2.640   1.00 12.78  ? 164 ALA A CA  1 
ATOM   278 C C   . ALA A 1 39 ? -8.784  -2.219  1.632   1.00 16.03  ? 164 ALA A C   1 
ATOM   279 O O   . ALA A 1 39 ? -8.967  -2.533  0.460   1.00 16.29  ? 164 ALA A O   1 
ATOM   280 C CB  . ALA A 1 39 ? -10.570 -0.898  2.797   1.00 15.41  ? 164 ALA A CB  1 
ATOM   281 N N   . VAL A 1 40 ? -7.607  -1.805  2.094   1.00 15.13  ? 165 VAL A N   1 
ATOM   282 C CA  . VAL A 1 40 ? -6.434  -1.756  1.228   1.00 15.14  ? 165 VAL A CA  1 
ATOM   283 C C   . VAL A 1 40 ? -6.096  -3.162  0.734   1.00 15.33  ? 165 VAL A C   1 
ATOM   284 O O   . VAL A 1 40 ? -5.869  -3.375  -0.463  1.00 14.68  ? 165 VAL A O   1 
ATOM   285 C CB  . VAL A 1 40 ? -5.209  -1.153  1.958   1.00 13.15  ? 165 VAL A CB  1 
ATOM   286 C CG1 . VAL A 1 40 ? -3.959  -1.273  1.102   1.00 12.05  ? 165 VAL A CG1 1 
ATOM   287 C CG2 . VAL A 1 40 ? -5.467  0.310   2.325   1.00 13.45  ? 165 VAL A CG2 1 
ATOM   288 N N   . ARG A 1 41 ? -6.086  -4.122  1.658   1.00 15.03  ? 166 ARG A N   1 
ATOM   289 C CA  . ARG A 1 41 ? -5.794  -5.514  1.315   1.00 12.36  ? 166 ARG A CA  1 
ATOM   290 C C   . ARG A 1 41 ? -6.770  -6.060  0.295   1.00 16.97  ? 166 ARG A C   1 
ATOM   291 O O   . ARG A 1 41 ? -6.375  -6.751  -0.639  1.00 17.56  ? 166 ARG A O   1 
ATOM   292 C CB  . ARG A 1 41 ? -5.816  -6.405  2.559   1.00 15.80  ? 166 ARG A CB  1 
ATOM   293 C CG  . ARG A 1 41 ? -4.751  -6.047  3.537   1.00 15.25  ? 166 ARG A CG  1 
ATOM   294 C CD  . ARG A 1 41 ? -4.615  -7.056  4.674   1.00 18.68  ? 166 ARG A CD  1 
ATOM   295 N NE  . ARG A 1 41 ? -3.560  -6.592  5.556   1.00 19.08  ? 166 ARG A NE  1 
ATOM   296 C CZ  . ARG A 1 41 ? -3.769  -5.853  6.635   1.00 19.28  ? 166 ARG A CZ  1 
ATOM   297 N NH1 . ARG A 1 41 ? -5.008  -5.538  6.999   1.00 15.92  ? 166 ARG A NH1 1 
ATOM   298 N NH2 . ARG A 1 41 ? -2.740  -5.448  7.357   1.00 16.56  ? 166 ARG A NH2 1 
ATOM   299 N N   . LEU A 1 42 ? -8.050  -5.756  0.478   1.00 14.02  ? 167 LEU A N   1 
ATOM   300 C CA  . LEU A 1 42 ? -9.068  -6.290  -0.420  1.00 18.82  ? 167 LEU A CA  1 
ATOM   301 C C   . LEU A 1 42 ? -8.862  -5.755  -1.831  1.00 20.07  ? 167 LEU A C   1 
ATOM   302 O O   . LEU A 1 42 ? -9.042  -6.480  -2.810  1.00 22.81  ? 167 LEU A O   1 
ATOM   303 C CB  . LEU A 1 42 ? -10.471 -5.980  0.100   1.00 20.17  ? 167 LEU A CB  1 
ATOM   304 C CG  . LEU A 1 42 ? -10.819 -6.676  1.421   1.00 31.68  ? 167 LEU A CG  1 
ATOM   305 C CD1 . LEU A 1 42 ? -12.208 -6.276  1.892   1.00 40.20  ? 167 LEU A CD1 1 
ATOM   306 C CD2 . LEU A 1 42 ? -10.714 -8.189  1.283   1.00 37.06  ? 167 LEU A CD2 1 
ATOM   307 N N   . GLN A 1 43 ? -8.466  -4.490  -1.939  1.00 17.65  ? 168 GLN A N   1 
ATOM   308 C CA  . GLN A 1 43 ? -8.159  -3.933  -3.252  1.00 17.03  ? 168 GLN A CA  1 
ATOM   309 C C   . GLN A 1 43 ? -6.876  -4.536  -3.818  1.00 16.89  ? 168 GLN A C   1 
ATOM   310 O O   . GLN A 1 43 ? -6.810  -4.847  -5.002  1.00 17.17  ? 168 GLN A O   1 
ATOM   311 C CB  . GLN A 1 43 ? -8.064  -2.406  -3.211  1.00 16.47  ? 168 GLN A CB  1 
ATOM   312 C CG  . GLN A 1 43 ? -9.387  -1.723  -2.925  1.00 17.04  ? 168 GLN A CG  1 
ATOM   313 C CD  . GLN A 1 43 ? -10.495 -2.222  -3.831  1.00 21.59  ? 168 GLN A CD  1 
ATOM   314 O OE1 . GLN A 1 43 ? -10.343 -2.260  -5.048  1.00 20.31  ? 168 GLN A OE1 1 
ATOM   315 N NE2 . GLN A 1 43 ? -11.617 -2.614  -3.237  1.00 20.78  ? 168 GLN A NE2 1 
ATOM   316 N N   . LEU A 1 44 ? -5.858  -4.701  -2.980  1.00 17.17  ? 169 LEU A N   1 
ATOM   317 C CA  . LEU A 1 44 ? -4.603  -5.296  -3.445  1.00 19.35  ? 169 LEU A CA  1 
ATOM   318 C C   . LEU A 1 44 ? -4.791  -6.716  -3.985  1.00 22.64  ? 169 LEU A C   1 
ATOM   319 O O   . LEU A 1 44 ? -4.166  -7.097  -4.976  1.00 22.88  ? 169 LEU A O   1 
ATOM   320 C CB  . LEU A 1 44 ? -3.548  -5.290  -2.337  1.00 16.23  ? 169 LEU A CB  1 
ATOM   321 C CG  . LEU A 1 44 ? -3.044  -3.915  -1.897  1.00 15.56  ? 169 LEU A CG  1 
ATOM   322 C CD1 . LEU A 1 44 ? -2.109  -4.068  -0.713  1.00 17.96  ? 169 LEU A CD1 1 
ATOM   323 C CD2 . LEU A 1 44 ? -2.335  -3.235  -3.055  1.00 19.63  ? 169 LEU A CD2 1 
ATOM   324 N N   . VAL A 1 45 ? -5.646  -7.499  -3.334  1.00 20.76  ? 170 VAL A N   1 
ATOM   325 C CA  . VAL A 1 45 ? -5.916  -8.857  -3.793  1.00 20.09  ? 170 VAL A CA  1 
ATOM   326 C C   . VAL A 1 45 ? -6.478  -8.836  -5.210  1.00 21.91  ? 170 VAL A C   1 
ATOM   327 O O   . VAL A 1 45 ? -6.218  -9.735  -6.012  1.00 21.92  ? 170 VAL A O   1 
ATOM   328 C CB  . VAL A 1 45 ? -6.886  -9.592  -2.851  1.00 22.31  ? 170 VAL A CB  1 
ATOM   329 C CG1 . VAL A 1 45 ? -7.368  -10.891 -3.485  1.00 30.48  ? 170 VAL A CG1 1 
ATOM   330 C CG2 . VAL A 1 45 ? -6.209  -9.855  -1.518  1.00 22.62  ? 170 VAL A CG2 1 
ATOM   331 N N   . ASP A 1 46 ? -7.244  -7.799  -5.520  1.00 21.11  ? 171 ASP A N   1 
ATOM   332 C CA  A ASP A 1 46 ? -7.806  -7.668  -6.857  0.50 23.34  ? 171 ASP A CA  1 
ATOM   333 C CA  B ASP A 1 46 ? -7.814  -7.624  -6.850  0.50 23.91  ? 171 ASP A CA  1 
ATOM   334 C C   . ASP A 1 46 ? -6.727  -7.326  -7.881  1.00 25.41  ? 171 ASP A C   1 
ATOM   335 O O   . ASP A 1 46 ? -6.941  -7.464  -9.086  1.00 25.43  ? 171 ASP A O   1 
ATOM   336 C CB  A ASP A 1 46 ? -8.928  -6.627  -6.880  0.50 26.97  ? 171 ASP A CB  1 
ATOM   337 C CB  B ASP A 1 46 ? -8.838  -6.487  -6.835  0.50 26.39  ? 171 ASP A CB  1 
ATOM   338 C CG  A ASP A 1 46 ? -10.271 -7.211  -6.488  0.50 34.30  ? 171 ASP A CG  1 
ATOM   339 C CG  B ASP A 1 46 ? -9.474  -6.257  -8.190  0.50 27.21  ? 171 ASP A CG  1 
ATOM   340 O OD1 A ASP A 1 46 ? -10.435 -8.448  -6.573  0.50 34.94  ? 171 ASP A OD1 1 
ATOM   341 O OD1 B ASP A 1 46 ? -10.121 -7.190  -8.707  0.50 28.84  ? 171 ASP A OD1 1 
ATOM   342 O OD2 A ASP A 1 46 ? -11.167 -6.433  -6.101  0.50 37.70  ? 171 ASP A OD2 1 
ATOM   343 O OD2 B ASP A 1 46 ? -9.335  -5.141  -8.738  0.50 28.06  ? 171 ASP A OD2 1 
ATOM   344 N N   . LYS A 1 47 ? -5.561  -6.903  -7.400  1.00 22.65  ? 172 LYS A N   1 
ATOM   345 C CA  . LYS A 1 47 ? -4.465  -6.523  -8.295  1.00 19.15  ? 172 LYS A CA  1 
ATOM   346 C C   . LYS A 1 47 ? -3.507  -7.677  -8.536  1.00 24.81  ? 172 LYS A C   1 
ATOM   347 O O   . LYS A 1 47 ? -2.516  -7.538  -9.247  1.00 21.82  ? 172 LYS A O   1 
ATOM   348 C CB  . LYS A 1 47 ? -3.709  -5.308  -7.746  1.00 18.02  ? 172 LYS A CB  1 
ATOM   349 C CG  . LYS A 1 47 ? -4.620  -4.198  -7.245  1.00 21.00  ? 172 LYS A CG  1 
ATOM   350 C CD  . LYS A 1 47 ? -5.682  -3.839  -8.274  1.00 26.61  ? 172 LYS A CD  1 
ATOM   351 C CE  . LYS A 1 47 ? -6.742  -2.910  -7.687  1.00 26.45  ? 172 LYS A CE  1 
ATOM   352 N NZ  . LYS A 1 47 ? -7.817  -2.597  -8.680  1.00 24.04  ? 172 LYS A NZ  1 
ATOM   353 N N   . ILE A 1 48 ? -3.801  -8.818  -7.928  1.00 23.45  ? 173 ILE A N   1 
ATOM   354 C CA  . ILE A 1 48 ? -3.042  -10.020 -8.201  1.00 26.05  ? 173 ILE A CA  1 
ATOM   355 C C   . ILE A 1 48 ? -3.248  -10.362 -9.672  1.00 30.41  ? 173 ILE A C   1 
ATOM   356 O O   . ILE A 1 48 ? -4.381  -10.516 -10.130 1.00 29.86  ? 173 ILE A O   1 
ATOM   357 C CB  . ILE A 1 48 ? -3.493  -11.177 -7.297  1.00 26.88  ? 173 ILE A CB  1 
ATOM   358 C CG1 . ILE A 1 48 ? -3.063  -10.906 -5.850  1.00 24.40  ? 173 ILE A CG1 1 
ATOM   359 C CG2 . ILE A 1 48 ? -2.914  -12.486 -7.782  1.00 30.15  ? 173 ILE A CG2 1 
ATOM   360 C CD1 . ILE A 1 48 ? -3.742  -11.807 -4.832  1.00 28.26  ? 173 ILE A CD1 1 
ATOM   361 N N   . GLY A 1 49 ? -2.154  -10.444 -10.420 1.00 27.27  ? 174 GLY A N   1 
ATOM   362 C CA  . GLY A 1 49 ? -2.244  -10.631 -11.857 1.00 27.25  ? 174 GLY A CA  1 
ATOM   363 C C   . GLY A 1 49 ? -2.122  -9.336  -12.648 1.00 25.98  ? 174 GLY A C   1 
ATOM   364 O O   . GLY A 1 49 ? -2.211  -9.347  -13.876 1.00 25.20  ? 174 GLY A O   1 
ATOM   365 N N   . ASP A 1 50 ? -1.934  -8.216  -11.951 1.00 19.93  ? 175 ASP A N   1 
ATOM   366 C CA  . ASP A 1 50 ? -1.665  -6.941  -12.616 1.00 19.03  ? 175 ASP A CA  1 
ATOM   367 C C   . ASP A 1 50 ? -0.169  -6.657  -12.592 1.00 23.81  ? 175 ASP A C   1 
ATOM   368 O O   . ASP A 1 50 ? 0.547   -7.189  -11.747 1.00 20.73  ? 175 ASP A O   1 
ATOM   369 C CB  . ASP A 1 50 ? -2.399  -5.790  -11.917 1.00 18.85  ? 175 ASP A CB  1 
ATOM   370 C CG  . ASP A 1 50 ? -3.905  -5.859  -12.083 1.00 24.18  ? 175 ASP A CG  1 
ATOM   371 O OD1 . ASP A 1 50 ? -4.393  -6.719  -12.844 1.00 29.61  ? 175 ASP A OD1 1 
ATOM   372 O OD2 . ASP A 1 50 ? -4.606  -5.041  -11.444 1.00 26.02  ? 175 ASP A OD2 1 
ATOM   373 N N   . GLU A 1 51 ? 0.308   -5.814  -13.505 1.00 19.39  ? 176 GLU A N   1 
ATOM   374 C CA  . GLU A 1 51 ? 1.725   -5.444  -13.520 1.00 21.09  ? 176 GLU A CA  1 
ATOM   375 C C   . GLU A 1 51 ? 2.053   -4.307  -12.559 1.00 22.21  ? 176 GLU A C   1 
ATOM   376 O O   . GLU A 1 51 ? 3.200   -4.126  -12.152 1.00 18.56  ? 176 GLU A O   1 
ATOM   377 C CB  . GLU A 1 51 ? 2.164   -5.054  -14.929 1.00 21.79  ? 176 GLU A CB  1 
ATOM   378 C CG  . GLU A 1 51 ? 2.145   -6.199  -15.915 1.00 24.53  ? 176 GLU A CG  1 
ATOM   379 C CD  . GLU A 1 51 ? 2.807   -5.838  -17.227 1.00 30.22  ? 176 GLU A CD  1 
ATOM   380 O OE1 . GLU A 1 51 ? 2.626   -4.692  -17.692 1.00 30.78  ? 176 GLU A OE1 1 
ATOM   381 O OE2 . GLU A 1 51 ? 3.506   -6.704  -17.793 1.00 32.02  ? 176 GLU A OE2 1 
ATOM   382 N N   . SER A 1 52 ? 1.042   -3.532  -12.202 1.00 17.16  ? 177 SER A N   1 
ATOM   383 C CA  . SER A 1 52 ? 1.266   -2.389  -11.332 1.00 17.85  ? 177 SER A CA  1 
ATOM   384 C C   . SER A 1 52 ? -0.034  -1.985  -10.684 1.00 20.43  ? 177 SER A C   1 
ATOM   385 O O   . SER A 1 52 ? -1.110  -2.407  -11.104 1.00 20.08  ? 177 SER A O   1 
ATOM   386 C CB  . SER A 1 52 ? 1.814   -1.209  -12.134 1.00 21.78  ? 177 SER A CB  1 
ATOM   387 O OG  . SER A 1 52 ? 0.854   -0.765  -13.078 1.00 24.01  ? 177 SER A OG  1 
ATOM   388 N N   . THR A 1 53 ? 0.066   -1.164  -9.652  1.00 16.90  ? 178 THR A N   1 
ATOM   389 C CA  . THR A 1 53 ? -1.119  -0.596  -9.048  1.00 14.88  ? 178 THR A CA  1 
ATOM   390 C C   . THR A 1 53 ? -0.799  0.834   -8.667  1.00 18.81  ? 178 THR A C   1 
ATOM   391 O O   . THR A 1 53 ? 0.352   1.171   -8.377  1.00 17.41  ? 178 THR A O   1 
ATOM   392 C CB  . THR A 1 53 ? -1.597  -1.413  -7.829  1.00 17.17  ? 178 THR A CB  1 
ATOM   393 O OG1 . THR A 1 53 ? -2.802  -0.837  -7.305  1.00 19.67  ? 178 THR A OG1 1 
ATOM   394 C CG2 . THR A 1 53 ? -0.528  -1.439  -6.735  1.00 16.11  ? 178 THR A CG2 1 
ATOM   395 N N   . THR A 1 54 ? -1.808  1.688   -8.700  1.00 16.85  ? 179 THR A N   1 
ATOM   396 C CA  . THR A 1 54 ? -1.597  3.073   -8.319  1.00 11.41  ? 179 THR A CA  1 
ATOM   397 C C   . THR A 1 54 ? -2.245  3.355   -6.980  1.00 13.38  ? 179 THR A C   1 
ATOM   398 O O   . THR A 1 54 ? -3.449  3.208   -6.813  1.00 18.00  ? 179 THR A O   1 
ATOM   399 C CB  . THR A 1 54 ? -2.155  4.037   -9.371  1.00 13.19  ? 179 THR A CB  1 
ATOM   400 O OG1 . THR A 1 54 ? -1.567  3.738   -10.640 1.00 15.04  ? 179 THR A OG1 1 
ATOM   401 C CG2 . THR A 1 54 ? -1.811  5.468   -8.996  1.00 14.56  ? 179 THR A CG2 1 
ATOM   402 N N   . ILE A 1 55 ? -1.445  3.751   -6.007  1.00 13.69  ? 180 ILE A N   1 
ATOM   403 C CA  A ILE A 1 55 ? -1.972  4.066   -4.687  0.50 13.57  ? 180 ILE A CA  1 
ATOM   404 C CA  B ILE A 1 55 ? -2.025  4.073   -4.717  0.50 14.76  ? 180 ILE A CA  1 
ATOM   405 C C   . ILE A 1 55 ? -1.982  5.572   -4.467  1.00 16.77  ? 180 ILE A C   1 
ATOM   406 O O   . ILE A 1 55 ? -1.002  6.253   -4.777  1.00 14.44  ? 180 ILE A O   1 
ATOM   407 C CB  A ILE A 1 55 ? -1.152  3.400   -3.568  0.50 10.04  ? 180 ILE A CB  1 
ATOM   408 C CB  B ILE A 1 55 ? -1.388  3.281   -3.561  0.50 10.84  ? 180 ILE A CB  1 
ATOM   409 C CG1 A ILE A 1 55 ? -0.898  1.925   -3.890  0.50 15.92  ? 180 ILE A CG1 1 
ATOM   410 C CG1 B ILE A 1 55 ? 0.075   3.669   -3.384  0.50 12.26  ? 180 ILE A CG1 1 
ATOM   411 C CG2 A ILE A 1 55 ? -1.870  3.537   -2.238  0.50 9.55   ? 180 ILE A CG2 1 
ATOM   412 C CG2 B ILE A 1 55 ? -1.552  1.770   -3.792  0.50 12.26  ? 180 ILE A CG2 1 
ATOM   413 C CD1 A ILE A 1 55 ? -0.513  1.109   -2.679  0.50 15.25  ? 180 ILE A CD1 1 
ATOM   414 C CD1 B ILE A 1 55 ? 0.659   3.182   -2.086  0.50 21.71  ? 180 ILE A CD1 1 
ATOM   415 N N   . THR A 1 56 ? -3.085  6.085   -3.941  1.00 13.69  ? 181 THR A N   1 
ATOM   416 C CA  . THR A 1 56 ? -3.169  7.494   -3.615  1.00 12.30  ? 181 THR A CA  1 
ATOM   417 C C   . THR A 1 56 ? -2.766  7.629   -2.164  1.00 14.61  ? 181 THR A C   1 
ATOM   418 O O   . THR A 1 56 ? -3.309  6.944   -1.313  1.00 15.14  ? 181 THR A O   1 
ATOM   419 C CB  . THR A 1 56 ? -4.594  8.024   -3.772  1.00 12.81  ? 181 THR A CB  1 
ATOM   420 O OG1 . THR A 1 56 ? -5.046  7.778   -5.110  1.00 13.05  ? 181 THR A OG1 1 
ATOM   421 C CG2 . THR A 1 56 ? -4.636  9.513   -3.473  1.00 14.43  ? 181 THR A CG2 1 
ATOM   422 N N   . VAL A 1 57 ? -1.812  8.506   -1.882  1.00 15.21  ? 182 VAL A N   1 
ATOM   423 C CA  . VAL A 1 57 ? -1.329  8.646   -0.517  1.00 14.06  ? 182 VAL A CA  1 
ATOM   424 C C   . VAL A 1 57 ? -1.365  10.088  -0.053  1.00 12.62  ? 182 VAL A C   1 
ATOM   425 O O   . VAL A 1 57 ? -1.420  11.020  -0.859  1.00 15.23  ? 182 VAL A O   1 
ATOM   426 C CB  . VAL A 1 57 ? 0.104   8.112   -0.371  1.00 17.90  ? 182 VAL A CB  1 
ATOM   427 C CG1 . VAL A 1 57 ? 0.144   6.612   -0.699  1.00 14.93  ? 182 VAL A CG1 1 
ATOM   428 C CG2 . VAL A 1 57 ? 1.053   8.895   -1.263  1.00 18.46  ? 182 VAL A CG2 1 
ATOM   429 N N   . ALA A 1 58 ? -1.360  10.270  1.261   1.00 13.07  ? 183 ALA A N   1 
ATOM   430 C CA  . ALA A 1 58 ? -1.230  11.603  1.821   1.00 17.08  ? 183 ALA A CA  1 
ATOM   431 C C   . ALA A 1 58 ? -0.133  11.511  2.858   1.00 18.89  ? 183 ALA A C   1 
ATOM   432 O O   . ALA A 1 58 ? -0.315  10.888  3.900   1.00 20.25  ? 183 ALA A O   1 
ATOM   433 C CB  . ALA A 1 58 ? -2.536  12.054  2.456   1.00 22.61  ? 183 ALA A CB  1 
ATOM   434 N N   . PRO A 1 59 ? 1.026   12.097  2.550   1.00 20.99  ? 184 PRO A N   1 
ATOM   435 C CA  . PRO A 1 59 ? 2.180   12.063  3.451   1.00 19.76  ? 184 PRO A CA  1 
ATOM   436 C C   . PRO A 1 59 ? 1.803   12.586  4.822   1.00 20.82  ? 184 PRO A C   1 
ATOM   437 O O   . PRO A 1 59 ? 0.839   13.339  4.957   1.00 22.47  ? 184 PRO A O   1 
ATOM   438 C CB  . PRO A 1 59 ? 3.172   13.015  2.782   1.00 26.61  ? 184 PRO A CB  1 
ATOM   439 C CG  . PRO A 1 59 ? 2.818   12.967  1.341   1.00 35.31  ? 184 PRO A CG  1 
ATOM   440 C CD  . PRO A 1 59 ? 1.329   12.779  1.280   1.00 28.60  ? 184 PRO A CD  1 
ATOM   441 N N   . PHE A 1 60 ? 2.569   12.184  5.830   1.00 17.96  ? 185 PHE A N   1 
ATOM   442 C CA  . PHE A 1 60 ? 2.328   12.599  7.203   1.00 25.23  ? 185 PHE A CA  1 
ATOM   443 C C   . PHE A 1 60 ? 2.230   14.113  7.318   1.00 28.23  ? 185 PHE A C   1 
ATOM   444 O O   . PHE A 1 60 ? 3.068   14.842  6.781   1.00 27.38  ? 185 PHE A O   1 
ATOM   445 C CB  . PHE A 1 60 ? 3.459   12.092  8.095   1.00 26.81  ? 185 PHE A CB  1 
ATOM   446 C CG  . PHE A 1 60 ? 3.248   12.360  9.556   1.00 26.97  ? 185 PHE A CG  1 
ATOM   447 C CD1 . PHE A 1 60 ? 2.534   11.468  10.340  1.00 35.71  ? 185 PHE A CD1 1 
ATOM   448 C CD2 . PHE A 1 60 ? 3.774   13.497  10.148  1.00 33.27  ? 185 PHE A CD2 1 
ATOM   449 C CE1 . PHE A 1 60 ? 2.344   11.711  11.689  1.00 36.88  ? 185 PHE A CE1 1 
ATOM   450 C CE2 . PHE A 1 60 ? 3.587   13.743  11.494  1.00 33.24  ? 185 PHE A CE2 1 
ATOM   451 C CZ  . PHE A 1 60 ? 2.872   12.849  12.263  1.00 35.39  ? 185 PHE A CZ  1 
ATOM   452 N N   . GLY A 1 61 ? 1.200   14.578  8.016   1.00 25.57  ? 186 GLY A N   1 
ATOM   453 C CA  . GLY A 1 61 ? 1.079   15.986  8.351   1.00 33.99  ? 186 GLY A CA  1 
ATOM   454 C C   . GLY A 1 61 ? 0.574   16.863  7.225   1.00 35.79  ? 186 GLY A C   1 
ATOM   455 O O   . GLY A 1 61 ? 0.427   18.076  7.389   1.00 36.84  ? 186 GLY A O   1 
ATOM   456 N N   . SER A 1 62 ? 0.303   16.251  6.078   1.00 30.78  ? 187 SER A N   1 
ATOM   457 C CA  . SER A 1 62 ? -0.185  16.987  4.920   1.00 37.83  ? 187 SER A CA  1 
ATOM   458 C C   . SER A 1 62 ? -1.549  16.470  4.476   1.00 38.26  ? 187 SER A C   1 
ATOM   459 O O   . SER A 1 62 ? -1.877  15.295  4.661   1.00 35.34  ? 187 SER A O   1 
ATOM   460 C CB  . SER A 1 62 ? 0.814   16.889  3.766   1.00 40.04  ? 187 SER A CB  1 
ATOM   461 O OG  . SER A 1 62 ? 0.301   17.499  2.597   1.00 46.73  ? 187 SER A OG  1 
ATOM   462 N N   . ASP A 1 63 ? -2.341  17.361  3.895   1.00 45.90  ? 188 ASP A N   1 
ATOM   463 C CA  . ASP A 1 63 ? -3.637  16.996  3.345   1.00 51.65  ? 188 ASP A CA  1 
ATOM   464 C C   . ASP A 1 63 ? -3.521  16.740  1.845   1.00 41.30  ? 188 ASP A C   1 
ATOM   465 O O   . ASP A 1 63 ? -4.454  16.238  1.218   1.00 43.51  ? 188 ASP A O   1 
ATOM   466 C CB  . ASP A 1 63 ? -4.657  18.107  3.614   1.00 71.01  ? 188 ASP A CB  1 
ATOM   467 C CG  . ASP A 1 63 ? -4.134  19.487  3.242   1.00 85.56  ? 188 ASP A CG  1 
ATOM   468 O OD1 . ASP A 1 63 ? -3.005  19.584  2.715   1.00 88.68  ? 188 ASP A OD1 1 
ATOM   469 O OD2 . ASP A 1 63 ? -4.854  20.481  3.481   1.00 92.82  ? 188 ASP A OD2 1 
ATOM   470 N N   . GLN A 1 64 ? -2.368  17.091  1.282   1.00 36.90  ? 189 GLN A N   1 
ATOM   471 C CA  . GLN A 1 64 ? -2.132  16.973  -0.153  1.00 36.39  ? 189 GLN A CA  1 
ATOM   472 C C   . GLN A 1 64 ? -2.007  15.517  -0.590  1.00 28.29  ? 189 GLN A C   1 
ATOM   473 O O   . GLN A 1 64 ? -1.106  14.806  -0.154  1.00 34.15  ? 189 GLN A O   1 
ATOM   474 C CB  . GLN A 1 64 ? -0.874  17.743  -0.555  1.00 45.29  ? 189 GLN A CB  1 
ATOM   475 C CG  . GLN A 1 64 ? -0.985  19.248  -0.369  1.00 66.03  ? 189 GLN A CG  1 
ATOM   476 C CD  . GLN A 1 64 ? -2.057  19.867  -1.247  1.00 76.87  ? 189 GLN A CD  1 
ATOM   477 O OE1 . GLN A 1 64 ? -2.913  20.612  -0.769  1.00 83.14  ? 189 GLN A OE1 1 
ATOM   478 N NE2 . GLN A 1 64 ? -2.021  19.554  -2.537  1.00 76.39  ? 189 GLN A NE2 1 
ATOM   479 N N   . ARG A 1 65 ? -2.920  15.088  -1.452  1.00 21.26  ? 190 ARG A N   1 
ATOM   480 C CA  . ARG A 1 65 ? -2.923  13.722  -1.951  1.00 19.57  ? 190 ARG A CA  1 
ATOM   481 C C   . ARG A 1 65 ? -2.105  13.622  -3.230  1.00 23.01  ? 190 ARG A C   1 
ATOM   482 O O   . ARG A 1 65 ? -2.050  14.560  -4.016  1.00 22.32  ? 190 ARG A O   1 
ATOM   483 C CB  . ARG A 1 65 ? -4.352  13.264  -2.231  1.00 24.97  ? 190 ARG A CB  1 
ATOM   484 C CG  . ARG A 1 65 ? -5.261  13.284  -1.024  1.00 28.85  ? 190 ARG A CG  1 
ATOM   485 C CD  . ARG A 1 65 ? -6.712  13.390  -1.448  1.00 27.00  ? 190 ARG A CD  1 
ATOM   486 N NE  . ARG A 1 65 ? -7.159  12.225  -2.204  1.00 26.86  ? 190 ARG A NE  1 
ATOM   487 C CZ  . ARG A 1 65 ? -7.883  11.238  -1.687  1.00 27.28  ? 190 ARG A CZ  1 
ATOM   488 N NH1 . ARG A 1 65 ? -8.247  11.277  -0.410  1.00 27.30  ? 190 ARG A NH1 1 
ATOM   489 N NH2 . ARG A 1 65 ? -8.249  10.215  -2.444  1.00 23.27  ? 190 ARG A NH2 1 
ATOM   490 N N   . ARG A 1 66 ? -1.478  12.474  -3.447  1.00 15.34  ? 191 ARG A N   1 
ATOM   491 C CA  . ARG A 1 66 ? -0.772  12.255  -4.700  1.00 24.37  ? 191 ARG A CA  1 
ATOM   492 C C   . ARG A 1 66 ? -0.730  10.770  -4.985  1.00 18.48  ? 191 ARG A C   1 
ATOM   493 O O   . ARG A 1 66 ? -0.770  9.958   -4.070  1.00 15.44  ? 191 ARG A O   1 
ATOM   494 C CB  . ARG A 1 66 ? 0.647   12.823  -4.649  1.00 26.76  ? 191 ARG A CB  1 
ATOM   495 C CG  . ARG A 1 66 ? 1.630   11.950  -3.901  1.00 37.52  ? 191 ARG A CG  1 
ATOM   496 C CD  . ARG A 1 66 ? 3.062   12.437  -4.076  1.00 54.82  ? 191 ARG A CD  1 
ATOM   497 N NE  . ARG A 1 66 ? 4.022   11.457  -3.573  1.00 65.16  ? 191 ARG A NE  1 
ATOM   498 C CZ  . ARG A 1 66 ? 4.316   11.294  -2.289  1.00 70.04  ? 191 ARG A CZ  1 
ATOM   499 N NH1 . ARG A 1 66 ? 3.726   12.049  -1.373  1.00 73.03  ? 191 ARG A NH1 1 
ATOM   500 N NH2 . ARG A 1 66 ? 5.198   10.375  -1.916  1.00 70.22  ? 191 ARG A NH2 1 
ATOM   501 N N   . ASP A 1 67 ? -0.658  10.428  -6.264  1.00 15.25  ? 192 ASP A N   1 
ATOM   502 C CA  . ASP A 1 67 ? -0.585  9.035   -6.685  1.00 14.81  ? 192 ASP A CA  1 
ATOM   503 C C   . ASP A 1 67 ? 0.863   8.575   -6.788  1.00 18.31  ? 192 ASP A C   1 
ATOM   504 O O   . ASP A 1 67 ? 1.743   9.351   -7.165  1.00 16.90  ? 192 ASP A O   1 
ATOM   505 C CB  . ASP A 1 67 ? -1.266  8.867   -8.045  1.00 14.73  ? 192 ASP A CB  1 
ATOM   506 C CG  . ASP A 1 67 ? -2.773  8.900   -7.950  1.00 14.91  ? 192 ASP A CG  1 
ATOM   507 O OD1 . ASP A 1 67 ? -3.301  8.783   -6.826  1.00 13.72  ? 192 ASP A OD1 1 
ATOM   508 O OD2 . ASP A 1 67 ? -3.430  9.013   -9.001  1.00 15.55  ? 192 ASP A OD2 1 
ATOM   509 N N   . VAL A 1 68 ? 1.100   7.312   -6.447  1.00 15.84  ? 193 VAL A N   1 
ATOM   510 C CA  . VAL A 1 68 ? 2.388   6.674   -6.695  1.00 14.93  ? 193 VAL A CA  1 
ATOM   511 C C   . VAL A 1 68 ? 2.145   5.299   -7.308  1.00 13.32  ? 193 VAL A C   1 
ATOM   512 O O   . VAL A 1 68 ? 1.209   4.606   -6.929  1.00 17.19  ? 193 VAL A O   1 
ATOM   513 C CB  . VAL A 1 68 ? 3.216   6.511   -5.404  1.00 19.36  ? 193 VAL A CB  1 
ATOM   514 C CG1 . VAL A 1 68 ? 3.462   7.864   -4.753  1.00 21.59  ? 193 VAL A CG1 1 
ATOM   515 C CG2 . VAL A 1 68 ? 2.520   5.581   -4.447  1.00 23.23  ? 193 VAL A CG2 1 
ATOM   516 N N   . LYS A 1 69 ? 2.970   4.924   -8.277  1.00 16.15  ? 194 LYS A N   1 
ATOM   517 C CA  . LYS A 1 69 ? 2.829   3.618   -8.908  1.00 17.13  ? 194 LYS A CA  1 
ATOM   518 C C   . LYS A 1 69 ? 3.669   2.593   -8.173  1.00 22.56  ? 194 LYS A C   1 
ATOM   519 O O   . LYS A 1 69 ? 4.831   2.846   -7.858  1.00 23.31  ? 194 LYS A O   1 
ATOM   520 C CB  . LYS A 1 69 ? 3.273   3.673   -10.365 1.00 20.08  ? 194 LYS A CB  1 
ATOM   521 C CG  . LYS A 1 69 ? 2.200   4.138   -11.341 1.00 30.71  ? 194 LYS A CG  1 
ATOM   522 C CD  . LYS A 1 69 ? 1.403   2.969   -11.909 1.00 30.89  ? 194 LYS A CD  1 
ATOM   523 C CE  . LYS A 1 69 ? 0.548   3.420   -13.091 1.00 38.17  ? 194 LYS A CE  1 
ATOM   524 N NZ  . LYS A 1 69 ? -0.151  2.291   -13.779 1.00 42.44  ? 194 LYS A NZ  1 
ATOM   525 N N   . LEU A 1 70 ? 3.073   1.440   -7.895  1.00 17.81  ? 195 LEU A N   1 
ATOM   526 C CA  . LEU A 1 70 ? 3.825   0.312   -7.378  1.00 16.41  ? 195 LEU A CA  1 
ATOM   527 C C   . LEU A 1 70 ? 4.042   -0.689  -8.498  1.00 17.77  ? 195 LEU A C   1 
ATOM   528 O O   . LEU A 1 70 ? 3.103   -1.055  -9.202  1.00 20.16  ? 195 LEU A O   1 
ATOM   529 C CB  . LEU A 1 70 ? 3.086   -0.360  -6.227  1.00 16.06  ? 195 LEU A CB  1 
ATOM   530 C CG  . LEU A 1 70 ? 2.804   0.475   -4.980  1.00 18.99  ? 195 LEU A CG  1 
ATOM   531 C CD1 . LEU A 1 70 ? 2.297   -0.431  -3.870  1.00 20.52  ? 195 LEU A CD1 1 
ATOM   532 C CD2 . LEU A 1 70 ? 4.038   1.216   -4.526  1.00 25.21  ? 195 LEU A CD2 1 
ATOM   533 N N   . ASP A 1 71 ? 5.282   -1.130  -8.655  1.00 16.03  ? 196 ASP A N   1 
ATOM   534 C CA  . ASP A 1 71 ? 5.617   -2.140  -9.652  1.00 17.43  ? 196 ASP A CA  1 
ATOM   535 C C   . ASP A 1 71 ? 5.385   -3.523  -9.052  1.00 22.41  ? 196 ASP A C   1 
ATOM   536 O O   . ASP A 1 71 ? 6.071   -3.915  -8.108  1.00 25.96  ? 196 ASP A O   1 
ATOM   537 C CB  . ASP A 1 71 ? 7.080   -1.977  -10.061 1.00 20.70  ? 196 ASP A CB  1 
ATOM   538 C CG  . ASP A 1 71 ? 7.496   -2.933  -11.159 1.00 32.65  ? 196 ASP A CG  1 
ATOM   539 O OD1 . ASP A 1 71 ? 6.719   -3.854  -11.488 1.00 32.50  ? 196 ASP A OD1 1 
ATOM   540 O OD2 . ASP A 1 71 ? 8.615   -2.758  -11.687 1.00 32.95  ? 196 ASP A OD2 1 
ATOM   541 N N   . LEU A 1 72 ? 4.415   -4.257  -9.594  1.00 21.55  ? 197 LEU A N   1 
ATOM   542 C CA  . LEU A 1 72 ? 4.064   -5.573  -9.063  1.00 20.70  ? 197 LEU A CA  1 
ATOM   543 C C   . LEU A 1 72 ? 4.602   -6.717  -9.910  1.00 21.24  ? 197 LEU A C   1 
ATOM   544 O O   . LEU A 1 72 ? 4.206   -7.865  -9.718  1.00 28.40  ? 197 LEU A O   1 
ATOM   545 C CB  . LEU A 1 72 ? 2.548   -5.726  -8.963  1.00 17.44  ? 197 LEU A CB  1 
ATOM   546 C CG  . LEU A 1 72 ? 1.836   -4.602  -8.211  1.00 15.60  ? 197 LEU A CG  1 
ATOM   547 C CD1 . LEU A 1 72 ? 0.334   -4.842  -8.249  1.00 18.83  ? 197 LEU A CD1 1 
ATOM   548 C CD2 . LEU A 1 72 ? 2.352   -4.506  -6.782  1.00 19.61  ? 197 LEU A CD2 1 
ATOM   549 N N   . ARG A 1 73 ? 5.493   -6.407  -10.843 1.00 24.09  ? 198 ARG A N   1 
ATOM   550 C CA  . ARG A 1 73 ? 6.001   -7.419  -11.766 1.00 32.08  ? 198 ARG A CA  1 
ATOM   551 C C   . ARG A 1 73 ? 6.610   -8.609  -11.027 1.00 34.14  ? 198 ARG A C   1 
ATOM   552 O O   . ARG A 1 73 ? 6.514   -9.749  -11.485 1.00 38.47  ? 198 ARG A O   1 
ATOM   553 C CB  . ARG A 1 73 ? 7.041   -6.817  -12.711 1.00 33.21  ? 198 ARG A CB  1 
ATOM   554 C CG  . ARG A 1 73 ? 6.492   -5.862  -13.764 1.00 39.38  ? 198 ARG A CG  1 
ATOM   555 C CD  . ARG A 1 73 ? 7.584   -4.880  -14.160 1.00 48.23  ? 198 ARG A CD  1 
ATOM   556 N NE  . ARG A 1 73 ? 7.338   -4.212  -15.432 1.00 65.04  ? 198 ARG A NE  1 
ATOM   557 C CZ  . ARG A 1 73 ? 8.190   -3.359  -15.992 1.00 78.33  ? 198 ARG A CZ  1 
ATOM   558 N NH1 . ARG A 1 73 ? 9.335   -3.074  -15.384 1.00 81.78  ? 198 ARG A NH1 1 
ATOM   559 N NH2 . ARG A 1 73 ? 7.902   -2.791  -17.154 1.00 82.80  ? 198 ARG A NH2 1 
ATOM   560 N N   . HIS A 1 74 ? 7.240   -8.342  -9.887  1.00 31.40  ? 199 HIS A N   1 
ATOM   561 C CA  . HIS A 1 74 ? 7.934   -9.387  -9.139  1.00 41.50  ? 199 HIS A CA  1 
ATOM   562 C C   . HIS A 1 74 ? 7.302   -9.610  -7.770  1.00 38.97  ? 199 HIS A C   1 
ATOM   563 O O   . HIS A 1 74 ? 7.938   -10.124 -6.850  1.00 36.85  ? 199 HIS A O   1 
ATOM   564 C CB  . HIS A 1 74 ? 9.417   -9.041  -8.997  1.00 50.90  ? 199 HIS A CB  1 
ATOM   565 C CG  . HIS A 1 74 ? 10.097  -8.770  -10.302 1.00 59.96  ? 199 HIS A CG  1 
ATOM   566 N ND1 . HIS A 1 74 ? 10.590  -9.774  -11.108 1.00 66.07  ? 199 HIS A ND1 1 
ATOM   567 C CD2 . HIS A 1 74 ? 10.361  -7.608  -10.947 1.00 63.12  ? 199 HIS A CD2 1 
ATOM   568 C CE1 . HIS A 1 74 ? 11.130  -9.244  -12.189 1.00 67.79  ? 199 HIS A CE1 1 
ATOM   569 N NE2 . HIS A 1 74 ? 11.004  -7.930  -12.116 1.00 66.06  ? 199 HIS A NE2 1 
ATOM   570 N N   . TRP A 1 75 ? 6.035   -9.228  -7.656  1.00 32.01  ? 200 TRP A N   1 
ATOM   571 C CA  . TRP A 1 75 ? 5.287   -9.323  -6.408  1.00 25.82  ? 200 TRP A CA  1 
ATOM   572 C C   . TRP A 1 75 ? 4.786   -10.743 -6.163  1.00 29.71  ? 200 TRP A C   1 
ATOM   573 O O   . TRP A 1 75 ? 4.194   -11.358 -7.046  1.00 37.95  ? 200 TRP A O   1 
ATOM   574 C CB  . TRP A 1 75 ? 4.100   -8.369  -6.479  1.00 26.75  ? 200 TRP A CB  1 
ATOM   575 C CG  . TRP A 1 75 ? 3.304   -8.245  -5.230  1.00 24.35  ? 200 TRP A CG  1 
ATOM   576 C CD1 . TRP A 1 75 ? 3.776   -8.215  -3.948  1.00 27.41  ? 200 TRP A CD1 1 
ATOM   577 C CD2 . TRP A 1 75 ? 1.885   -8.076  -5.139  1.00 22.79  ? 200 TRP A CD2 1 
ATOM   578 N NE1 . TRP A 1 75 ? 2.734   -8.061  -3.066  1.00 28.84  ? 200 TRP A NE1 1 
ATOM   579 C CE2 . TRP A 1 75 ? 1.562   -7.971  -3.773  1.00 25.68  ? 200 TRP A CE2 1 
ATOM   580 C CE3 . TRP A 1 75 ? 0.854   -8.019  -6.084  1.00 25.01  ? 200 TRP A CE3 1 
ATOM   581 C CZ2 . TRP A 1 75 ? 0.250   -7.804  -3.324  1.00 26.31  ? 200 TRP A CZ2 1 
ATOM   582 C CZ3 . TRP A 1 75 ? -0.451  -7.858  -5.638  1.00 25.90  ? 200 TRP A CZ3 1 
ATOM   583 C CH2 . TRP A 1 75 ? -0.740  -7.752  -4.271  1.00 27.85  ? 200 TRP A CH2 1 
ATOM   584 N N   . ALA A 1 76 ? 5.019   -11.258 -4.960  1.00 31.77  ? 201 ALA A N   1 
ATOM   585 C CA  . ALA A 1 76 ? 4.565   -12.599 -4.613  1.00 37.72  ? 201 ALA A CA  1 
ATOM   586 C C   . ALA A 1 76 ? 4.368   -12.764 -3.112  1.00 43.40  ? 201 ALA A C   1 
ATOM   587 O O   . ALA A 1 76 ? 5.229   -12.393 -2.318  1.00 47.84  ? 201 ALA A O   1 
ATOM   588 C CB  . ALA A 1 76 ? 5.545   -13.641 -5.136  1.00 37.35  ? 201 ALA A CB  1 
ATOM   589 N N   . PHE A 1 77 ? 3.223   -13.321 -2.732  1.00 38.76  ? 202 PHE A N   1 
ATOM   590 C CA  . PHE A 1 77 ? 2.945   -13.652 -1.339  1.00 38.56  ? 202 PHE A CA  1 
ATOM   591 C C   . PHE A 1 77 ? 1.907   -14.770 -1.295  1.00 40.59  ? 202 PHE A C   1 
ATOM   592 O O   . PHE A 1 77 ? 1.186   -14.988 -2.267  1.00 35.18  ? 202 PHE A O   1 
ATOM   593 C CB  . PHE A 1 77 ? 2.441   -12.419 -0.578  1.00 34.94  ? 202 PHE A CB  1 
ATOM   594 C CG  . PHE A 1 77 ? 1.055   -11.992 -0.971  1.00 29.91  ? 202 PHE A CG  1 
ATOM   595 C CD1 . PHE A 1 77 ? -0.043  -12.381 -0.221  1.00 34.50  ? 202 PHE A CD1 1 
ATOM   596 C CD2 . PHE A 1 77 ? 0.848   -11.221 -2.098  1.00 26.08  ? 202 PHE A CD2 1 
ATOM   597 C CE1 . PHE A 1 77 ? -1.317  -12.000 -0.587  1.00 28.74  ? 202 PHE A CE1 1 
ATOM   598 C CE2 . PHE A 1 77 ? -0.426  -10.842 -2.469  1.00 25.96  ? 202 PHE A CE2 1 
ATOM   599 C CZ  . PHE A 1 77 ? -1.508  -11.234 -1.714  1.00 31.35  ? 202 PHE A CZ  1 
ATOM   600 N N   . GLU A 1 78 ? 1.841   -15.489 -0.180  1.00 42.63  ? 203 GLU A N   1 
ATOM   601 C CA  . GLU A 1 78 ? 0.829   -16.529 -0.012  1.00 51.87  ? 203 GLU A CA  1 
ATOM   602 C C   . GLU A 1 78 ? -0.481  -15.906 0.451   1.00 48.98  ? 203 GLU A C   1 
ATOM   603 O O   . GLU A 1 78 ? -0.647  -15.623 1.638   1.00 42.08  ? 203 GLU A O   1 
ATOM   604 C CB  . GLU A 1 78 ? 1.289   -17.579 0.999   1.00 62.06  ? 203 GLU A CB  1 
ATOM   605 C CG  . GLU A 1 78 ? 2.577   -18.285 0.630   1.00 74.04  ? 203 GLU A CG  1 
ATOM   606 C CD  . GLU A 1 78 ? 2.831   -19.502 1.494   1.00 85.84  ? 203 GLU A CD  1 
ATOM   607 O OE1 . GLU A 1 78 ? 1.847   -20.138 1.929   1.00 89.05  ? 203 GLU A OE1 1 
ATOM   608 O OE2 . GLU A 1 78 ? 4.013   -19.825 1.738   1.00 90.96  ? 203 GLU A OE2 1 
ATOM   609 N N   . PRO A 1 79 ? -1.420  -15.703 -0.485  1.00 46.03  ? 204 PRO A N   1 
ATOM   610 C CA  . PRO A 1 79 ? -2.659  -14.964 -0.214  1.00 51.89  ? 204 PRO A CA  1 
ATOM   611 C C   . PRO A 1 79 ? -3.427  -15.500 0.991   1.00 53.89  ? 204 PRO A C   1 
ATOM   612 O O   . PRO A 1 79 ? -4.135  -14.743 1.654   1.00 52.37  ? 204 PRO A O   1 
ATOM   613 C CB  . PRO A 1 79 ? -3.476  -15.168 -1.495  1.00 51.94  ? 204 PRO A CB  1 
ATOM   614 C CG  . PRO A 1 79 ? -2.464  -15.462 -2.548  1.00 51.69  ? 204 PRO A CG  1 
ATOM   615 C CD  . PRO A 1 79 ? -1.388  -16.239 -1.856  1.00 50.95  ? 204 PRO A CD  1 
ATOM   616 N N   . ASP A 1 80 ? -3.286  -16.789 1.275   1.00 56.61  ? 205 ASP A N   1 
ATOM   617 C CA  . ASP A 1 80 ? -4.041  -17.399 2.360   1.00 64.80  ? 205 ASP A CA  1 
ATOM   618 C C   . ASP A 1 80 ? -3.308  -17.360 3.701   1.00 61.00  ? 205 ASP A C   1 
ATOM   619 O O   . ASP A 1 80 ? -3.925  -17.529 4.749   1.00 61.56  ? 205 ASP A O   1 
ATOM   620 C CB  . ASP A 1 80 ? -4.429  -18.838 2.003   1.00 76.27  ? 205 ASP A CB  1 
ATOM   621 C CG  . ASP A 1 80 ? -5.405  -18.909 0.839   1.00 82.39  ? 205 ASP A CG  1 
ATOM   622 O OD1 . ASP A 1 80 ? -5.857  -17.842 0.370   1.00 82.26  ? 205 ASP A OD1 1 
ATOM   623 O OD2 . ASP A 1 80 ? -5.723  -20.032 0.395   1.00 84.67  ? 205 ASP A OD2 1 
ATOM   624 N N   . LYS A 1 81 ? -1.999  -17.127 3.666   1.00 57.20  ? 206 LYS A N   1 
ATOM   625 C CA  . LYS A 1 81 ? -1.190  -17.172 4.884   1.00 54.01  ? 206 LYS A CA  1 
ATOM   626 C C   . LYS A 1 81 ? -0.336  -15.929 5.139   1.00 47.12  ? 206 LYS A C   1 
ATOM   627 O O   . LYS A 1 81 ? 0.315   -15.826 6.178   1.00 48.69  ? 206 LYS A O   1 
ATOM   628 C CB  . LYS A 1 81 ? -0.292  -18.413 4.888   1.00 65.02  ? 206 LYS A CB  1 
ATOM   629 C CG  . LYS A 1 81 ? -0.941  -19.653 5.476   1.00 73.42  ? 206 LYS A CG  1 
ATOM   630 C CD  . LYS A 1 81 ? 0.114   -20.624 5.984   1.00 83.87  ? 206 LYS A CD  1 
ATOM   631 C CE  . LYS A 1 81 ? -0.489  -21.673 6.903   1.00 90.37  ? 206 LYS A CE  1 
ATOM   632 N NZ  . LYS A 1 81 ? 0.564   -22.498 7.558   1.00 95.49  ? 206 LYS A NZ  1 
ATOM   633 N N   . GLU A 1 82 ? -0.332  -14.992 4.197   1.00 42.37  ? 207 GLU A N   1 
ATOM   634 C CA  . GLU A 1 82 ? 0.503   -13.802 4.331   1.00 38.69  ? 207 GLU A CA  1 
ATOM   635 C C   . GLU A 1 82 ? -0.267  -12.510 4.085   1.00 29.39  ? 207 GLU A C   1 
ATOM   636 O O   . GLU A 1 82 ? -1.295  -12.501 3.408   1.00 29.03  ? 207 GLU A O   1 
ATOM   637 C CB  . GLU A 1 82 ? 1.711   -13.880 3.395   1.00 38.35  ? 207 GLU A CB  1 
ATOM   638 C CG  . GLU A 1 82 ? 2.586   -15.099 3.635   1.00 52.41  ? 207 GLU A CG  1 
ATOM   639 C CD  . GLU A 1 82 ? 3.726   -15.205 2.644   1.00 59.03  ? 207 GLU A CD  1 
ATOM   640 O OE1 . GLU A 1 82 ? 3.767   -14.395 1.693   1.00 55.09  ? 207 GLU A OE1 1 
ATOM   641 O OE2 . GLU A 1 82 ? 4.582   -16.099 2.817   1.00 66.10  ? 207 GLU A OE2 1 
ATOM   642 N N   . ASP A 1 83 ? 0.240   -11.421 4.650   1.00 29.19  ? 208 ASP A N   1 
ATOM   643 C CA  . ASP A 1 83 ? -0.378  -10.116 4.485   1.00 27.66  ? 208 ASP A CA  1 
ATOM   644 C C   . ASP A 1 83 ? 0.153   -9.451  3.217   1.00 16.86  ? 208 ASP A C   1 
ATOM   645 O O   . ASP A 1 83 ? 1.354   -9.225  3.100   1.00 22.20  ? 208 ASP A O   1 
ATOM   646 C CB  . ASP A 1 83 ? -0.077  -9.246  5.708   1.00 25.32  ? 208 ASP A CB  1 
ATOM   647 C CG  . ASP A 1 83 ? -0.707  -7.875  5.619   1.00 23.06  ? 208 ASP A CG  1 
ATOM   648 O OD1 . ASP A 1 83 ? -1.354  -7.581  4.594   1.00 20.06  ? 208 ASP A OD1 1 
ATOM   649 O OD2 . ASP A 1 83 ? -0.560  -7.089  6.580   1.00 22.63  ? 208 ASP A OD2 1 
ATOM   650 N N   . PRO A 1 84 ? -0.744  -9.137  2.265   1.00 20.78  ? 209 PRO A N   1 
ATOM   651 C CA  . PRO A 1 84 ? -0.358  -8.468  1.016   1.00 18.79  ? 209 PRO A CA  1 
ATOM   652 C C   . PRO A 1 84 ? 0.416   -7.186  1.287   1.00 22.83  ? 209 PRO A C   1 
ATOM   653 O O   . PRO A 1 84 ? 1.346   -6.838  0.561   1.00 21.25  ? 209 PRO A O   1 
ATOM   654 C CB  . PRO A 1 84 ? -1.706  -8.120  0.373   1.00 24.78  ? 209 PRO A CB  1 
ATOM   655 C CG  . PRO A 1 84 ? -2.671  -9.082  0.954   1.00 29.91  ? 209 PRO A CG  1 
ATOM   656 C CD  . PRO A 1 84 ? -2.192  -9.398  2.337   1.00 28.95  ? 209 PRO A CD  1 
ATOM   657 N N   . VAL A 1 85 ? 0.019   -6.473  2.330   1.00 17.43  ? 210 VAL A N   1 
ATOM   658 C CA  . VAL A 1 85 ? 0.677   -5.219  2.669   1.00 20.46  ? 210 VAL A CA  1 
ATOM   659 C C   . VAL A 1 85 ? 2.132   -5.456  3.072   1.00 19.68  ? 210 VAL A C   1 
ATOM   660 O O   . VAL A 1 85 ? 3.029   -4.731  2.639   1.00 19.68  ? 210 VAL A O   1 
ATOM   661 C CB  . VAL A 1 85 ? -0.095  -4.477  3.776   1.00 23.37  ? 210 VAL A CB  1 
ATOM   662 C CG1 . VAL A 1 85 ? 0.652   -3.239  4.214   1.00 25.51  ? 210 VAL A CG1 1 
ATOM   663 C CG2 . VAL A 1 85 ? -1.488  -4.115  3.277   1.00 20.32  ? 210 VAL A CG2 1 
ATOM   664 N N   . SER A 1 86 ? 2.367   -6.482  3.887   1.00 19.99  ? 211 SER A N   1 
ATOM   665 C CA  . SER A 1 86 ? 3.722   -6.816  4.311   1.00 21.96  ? 211 SER A CA  1 
ATOM   666 C C   . SER A 1 86 ? 4.598   -7.168  3.120   1.00 22.94  ? 211 SER A C   1 
ATOM   667 O O   . SER A 1 86 ? 5.780   -6.834  3.089   1.00 21.09  ? 211 SER A O   1 
ATOM   668 C CB  . SER A 1 86 ? 3.714   -7.993  5.296   1.00 31.16  ? 211 SER A CB  1 
ATOM   669 O OG  . SER A 1 86 ? 2.885   -7.727  6.408   1.00 40.48  ? 211 SER A OG  1 
ATOM   670 N N   . SER A 1 87 ? 4.020   -7.865  2.145   1.00 23.87  ? 212 SER A N   1 
ATOM   671 C CA  . SER A 1 87 ? 4.792   -8.320  0.994   1.00 24.50  ? 212 SER A CA  1 
ATOM   672 C C   . SER A 1 87 ? 5.239   -7.144  0.130   1.00 19.36  ? 212 SER A C   1 
ATOM   673 O O   . SER A 1 87 ? 6.169   -7.277  -0.665  1.00 22.84  ? 212 SER A O   1 
ATOM   674 C CB  . SER A 1 87 ? 3.997   -9.329  0.157   1.00 26.18  ? 212 SER A CB  1 
ATOM   675 O OG  . SER A 1 87 ? 2.802   -8.737  -0.323  1.00 29.97  ? 212 SER A OG  1 
ATOM   676 N N   . LEU A 1 88 ? 4.582   -5.997  0.298   1.00 18.46  ? 213 LEU A N   1 
ATOM   677 C CA  . LEU A 1 88 ? 4.957   -4.777  -0.420  1.00 19.85  ? 213 LEU A CA  1 
ATOM   678 C C   . LEU A 1 88 ? 6.038   -4.000  0.326   1.00 19.70  ? 213 LEU A C   1 
ATOM   679 O O   . LEU A 1 88 ? 6.579   -3.021  -0.188  1.00 18.21  ? 213 LEU A O   1 
ATOM   680 C CB  . LEU A 1 88 ? 3.737   -3.877  -0.631  1.00 16.89  ? 213 LEU A CB  1 
ATOM   681 C CG  . LEU A 1 88 ? 2.632   -4.440  -1.523  1.00 20.08  ? 213 LEU A CG  1 
ATOM   682 C CD1 . LEU A 1 88 ? 1.400   -3.558  -1.449  1.00 22.57  ? 213 LEU A CD1 1 
ATOM   683 C CD2 . LEU A 1 88 ? 3.129   -4.570  -2.957  1.00 18.15  ? 213 LEU A CD2 1 
ATOM   684 N N   . GLY A 1 89 ? 6.343   -4.436  1.541   1.00 18.79  ? 214 GLY A N   1 
ATOM   685 C CA  . GLY A 1 89 ? 7.344   -3.771  2.351   1.00 18.25  ? 214 GLY A CA  1 
ATOM   686 C C   . GLY A 1 89 ? 6.764   -2.850  3.407   1.00 17.39  ? 214 GLY A C   1 
ATOM   687 O O   . GLY A 1 89 ? 7.502   -2.126  4.072   1.00 20.47  ? 214 GLY A O   1 
ATOM   688 N N   . ILE A 1 90 ? 5.446   -2.885  3.576   1.00 17.24  ? 215 ILE A N   1 
ATOM   689 C CA  . ILE A 1 90 ? 4.768   -1.984  4.506   1.00 16.79  ? 215 ILE A CA  1 
ATOM   690 C C   . ILE A 1 90 ? 4.386   -2.678  5.810   1.00 19.61  ? 215 ILE A C   1 
ATOM   691 O O   . ILE A 1 90 ? 3.767   -3.740  5.796   1.00 17.89  ? 215 ILE A O   1 
ATOM   692 C CB  . ILE A 1 90 ? 3.488   -1.401  3.873   1.00 15.62  ? 215 ILE A CB  1 
ATOM   693 C CG1 . ILE A 1 90 ? 3.832   -0.533  2.665   1.00 16.91  ? 215 ILE A CG1 1 
ATOM   694 C CG2 . ILE A 1 90 ? 2.688   -0.602  4.897   1.00 18.23  ? 215 ILE A CG2 1 
ATOM   695 C CD1 . ILE A 1 90 ? 2.631   -0.227  1.791   1.00 16.81  ? 215 ILE A CD1 1 
ATOM   696 N N   . ARG A 1 91 ? 4.776   -2.085  6.936   1.00 15.68  ? 216 ARG A N   1 
ATOM   697 C CA  . ARG A 1 91 ? 4.233   -2.487  8.229   1.00 16.45  ? 216 ARG A CA  1 
ATOM   698 C C   . ARG A 1 91 ? 3.218   -1.448  8.692   1.00 19.97  ? 216 ARG A C   1 
ATOM   699 O O   . ARG A 1 91 ? 3.572   -0.297  8.912   1.00 18.98  ? 216 ARG A O   1 
ATOM   700 C CB  . ARG A 1 91 ? 5.337   -2.639  9.282   1.00 21.02  ? 216 ARG A CB  1 
ATOM   701 C CG  . ARG A 1 91 ? 4.815   -3.178  10.611  1.00 27.47  ? 216 ARG A CG  1 
ATOM   702 C CD  . ARG A 1 91 ? 5.930   -3.407  11.628  1.00 32.09  ? 216 ARG A CD  1 
ATOM   703 N NE  . ARG A 1 91 ? 5.429   -4.024  12.854  1.00 44.30  ? 216 ARG A NE  1 
ATOM   704 C CZ  . ARG A 1 91 ? 6.187   -4.333  13.903  1.00 55.34  ? 216 ARG A CZ  1 
ATOM   705 N NH1 . ARG A 1 91 ? 7.489   -4.086  13.881  1.00 53.06  ? 216 ARG A NH1 1 
ATOM   706 N NH2 . ARG A 1 91 ? 5.641   -4.890  14.975  1.00 60.86  ? 216 ARG A NH2 1 
ATOM   707 N N   . PRO A 1 92 ? 1.943   -1.845  8.821   1.00 19.82  ? 217 PRO A N   1 
ATOM   708 C CA  . PRO A 1 92 ? 0.919   -0.907  9.294   1.00 20.89  ? 217 PRO A CA  1 
ATOM   709 C C   . PRO A 1 92 ? 1.227   -0.376  10.695  1.00 19.86  ? 217 PRO A C   1 
ATOM   710 O O   . PRO A 1 92 ? 1.779   -1.099  11.528  1.00 22.19  ? 217 PRO A O   1 
ATOM   711 C CB  . PRO A 1 92 ? -0.349  -1.767  9.327   1.00 23.36  ? 217 PRO A CB  1 
ATOM   712 C CG  . PRO A 1 92 ? -0.096  -2.852  8.324   1.00 21.81  ? 217 PRO A CG  1 
ATOM   713 C CD  . PRO A 1 92 ? 1.370   -3.155  8.457   1.00 18.67  ? 217 PRO A CD  1 
ATOM   714 N N   . ARG A 1 93 ? 0.870   0.876   10.958  1.00 16.80  ? 218 ARG A N   1 
ATOM   715 C CA  . ARG A 1 93 ? 0.979   1.407   12.311  1.00 18.76  ? 218 ARG A CA  1 
ATOM   716 C C   . ARG A 1 93 ? -0.065  0.716   13.188  1.00 24.86  ? 218 ARG A C   1 
ATOM   717 O O   . ARG A 1 93 ? -1.201  0.508   12.757  1.00 32.91  ? 218 ARG A O   1 
ATOM   718 C CB  . ARG A 1 93 ? 0.756   2.921   12.329  1.00 19.01  ? 218 ARG A CB  1 
ATOM   719 C CG  . ARG A 1 93 ? 0.929   3.545   13.702  1.00 24.61  ? 218 ARG A CG  1 
ATOM   720 C CD  . ARG A 1 93 ? 0.587   5.023   13.699  1.00 30.92  ? 218 ARG A CD  1 
ATOM   721 N NE  . ARG A 1 93 ? -0.812  5.257   13.354  1.00 30.19  ? 218 ARG A NE  1 
ATOM   722 C CZ  . ARG A 1 93 ? -1.355  6.465   13.238  1.00 38.22  ? 218 ARG A CZ  1 
ATOM   723 N NH1 . ARG A 1 93 ? -0.613  7.546   13.441  1.00 34.41  ? 218 ARG A NH1 1 
ATOM   724 N NH2 . ARG A 1 93 ? -2.638  6.592   12.920  1.00 35.64  ? 218 ARG A NH2 1 
ATOM   725 N N   . GLY A 1 94 ? 0.323   0.353   14.405  1.00 31.65  ? 219 GLY A N   1 
ATOM   726 C CA  . GLY A 1 94 ? 1.674   0.588   14.883  1.00 50.71  ? 219 GLY A CA  1 
ATOM   727 C C   . GLY A 1 94 ? 2.333   -0.664  15.423  1.00 62.02  ? 219 GLY A C   1 
ATOM   728 O O   . GLY A 1 94 ? 2.716   -0.718  16.591  1.00 74.38  ? 219 GLY A O   1 
HETATM 729 O O   . HOH B 2 .  ? -5.375  5.434   -6.509  1.00 14.48  ? 1   HOH A O   1 
HETATM 730 O O   . HOH B 2 .  ? -6.544  -0.486  9.723   1.00 16.24  ? 2   HOH A O   1 
HETATM 731 O O   . HOH B 2 .  ? -9.150  -0.762  -6.848  1.00 22.94  ? 3   HOH A O   1 
HETATM 732 O O   . HOH B 2 .  ? -5.164  6.837   -8.891  1.00 17.03  ? 4   HOH A O   1 
HETATM 733 O O   . HOH B 2 .  ? -11.669 -2.353  -0.349  1.00 21.90  ? 5   HOH A O   1 
HETATM 734 O O   . HOH B 2 .  ? 7.516   -0.232  -6.787  1.00 21.65  ? 6   HOH A O   1 
HETATM 735 O O   . HOH B 2 .  ? -7.331  -7.504  7.029   1.00 19.93  ? 7   HOH A O   1 
HETATM 736 O O   . HOH B 2 .  ? 4.758   10.261  5.453   1.00 19.78  ? 8   HOH A O   1 
HETATM 737 O O   . HOH B 2 .  ? -7.876  6.186   4.057   1.00 20.57  ? 9   HOH A O   1 
HETATM 738 O O   . HOH B 2 .  ? 8.315   -5.794  -1.509  1.00 22.57  ? 10  HOH A O   1 
HETATM 739 O O   . HOH B 2 .  ? 4.765   8.945   1.173   1.00 23.96  ? 11  HOH A O   1 
HETATM 740 O O   . HOH B 2 .  ? -3.970  -2.294  -11.287 1.00 23.80  ? 12  HOH A O   1 
HETATM 741 O O   . HOH B 2 .  ? 5.181   6.684   -8.934  1.00 21.89  ? 13  HOH A O   1 
HETATM 742 O O   . HOH B 2 .  ? 7.720   -6.075  -8.457  1.00 30.25  ? 14  HOH A O   1 
HETATM 743 O O   . HOH B 2 .  ? -12.722 0.139   0.052   1.00 24.80  ? 15  HOH A O   1 
HETATM 744 O O   . HOH B 2 .  ? -12.955 -2.257  5.624   1.00 29.34  ? 16  HOH A O   1 
HETATM 745 O O   . HOH B 2 .  ? 10.511  2.267   8.327   1.00 28.91  ? 17  HOH A O   1 
HETATM 746 O O   . HOH B 2 .  ? -0.874  10.269  8.413   1.00 32.91  ? 18  HOH A O   1 
HETATM 747 O O   . HOH B 2 .  ? -1.787  12.319  6.069   1.00 32.68  ? 19  HOH A O   1 
HETATM 748 O O   . HOH B 2 .  ? -12.390 7.310   -5.713  1.00 23.00  ? 20  HOH A O   1 
HETATM 749 O O   . HOH B 2 .  ? -5.341  2.702   -11.574 1.00 24.47  ? 21  HOH A O   1 
HETATM 750 O O   . HOH B 2 .  ? -10.083 8.136   -4.470  1.00 26.60  ? 22  HOH A O   1 
HETATM 751 O O   . HOH B 2 .  ? -3.234  -4.258  9.954   1.00 20.68  ? 23  HOH A O   1 
HETATM 752 O O   . HOH B 2 .  ? -7.253  -5.351  -11.588 1.00 27.61  ? 24  HOH A O   1 
HETATM 753 O O   . HOH B 2 .  ? 5.910   -2.087  -18.592 1.00 31.83  ? 25  HOH A O   1 
HETATM 754 O O   . HOH B 2 .  ? -11.244 -3.880  -6.848  1.00 33.46  ? 26  HOH A O   1 
HETATM 755 O O   . HOH B 2 .  ? -2.604  1.693   10.673  1.00 29.09  ? 27  HOH A O   1 
HETATM 756 O O   . HOH B 2 .  ? -9.889  7.566   2.819   1.00 34.90  ? 28  HOH A O   1 
HETATM 757 O O   . HOH B 2 .  ? 0.856   -7.547  8.764   1.00 29.64  ? 29  HOH A O   1 
HETATM 758 O O   . HOH B 2 .  ? -6.063  -8.932  -11.718 1.00 29.99  ? 30  HOH A O   1 
HETATM 759 O O   . HOH B 2 .  ? -14.125 4.447   -3.553  1.00 36.89  ? 31  HOH A O   1 
HETATM 760 O O   . HOH B 2 .  ? -1.719  1.242   -11.893 1.00 42.34  ? 32  HOH A O   1 
HETATM 761 O O   . HOH B 2 .  ? -10.432 -0.435  -9.314  1.00 40.52  ? 33  HOH A O   1 
HETATM 762 O O   . HOH B 2 .  ? -7.429  -11.627 -7.470  1.00 37.18  ? 34  HOH A O   1 
HETATM 763 O O   . HOH B 2 .  ? 0.546   -9.620  -10.521 1.00 29.43  ? 35  HOH A O   1 
HETATM 764 O O   . HOH B 2 .  ? 7.704   2.200   -8.228  1.00 40.26  ? 36  HOH A O   1 
HETATM 765 O O   . HOH B 2 .  ? 7.259   -4.412  -19.654 1.00 40.14  ? 37  HOH A O   1 
HETATM 766 O O   . HOH B 2 .  ? -1.651  6.185   -12.615 1.00 34.43  ? 38  HOH A O   1 
HETATM 767 O O   . HOH B 2 .  ? -0.060  18.687  10.186  1.00 40.45  ? 39  HOH A O   1 
HETATM 768 O O   . HOH B 2 .  ? 7.717   -6.112  5.034   1.00 36.23  ? 40  HOH A O   1 
HETATM 769 O O   . HOH B 2 .  ? 8.445   9.612   7.529   1.00 28.26  ? 41  HOH A O   1 
HETATM 770 O O   . HOH B 2 .  ? -12.608 -4.205  4.041   1.00 50.07  ? 42  HOH A O   1 
HETATM 771 O O   . HOH B 2 .  ? -10.781 5.109   11.670  1.00 36.70  ? 43  HOH A O   1 
HETATM 772 O O   . HOH B 2 .  ? -8.226  -8.849  3.623   1.00 33.32  ? 44  HOH A O   1 
HETATM 773 O O   . HOH B 2 .  ? 2.870   -10.303 -9.380  1.00 38.13  ? 45  HOH A O   1 
HETATM 774 O O   . HOH B 2 .  ? -8.394  -9.672  -9.895  1.00 38.89  ? 46  HOH A O   1 
HETATM 775 O O   . HOH B 2 .  ? -4.207  4.342   12.047  1.00 36.68  ? 47  HOH A O   1 
HETATM 776 O O   . HOH B 2 .  ? -10.426 -8.652  -3.141  1.00 31.50  ? 48  HOH A O   1 
HETATM 777 O O   . HOH B 2 .  ? 5.233   14.602  5.152   1.00 37.99  ? 49  HOH A O   1 
HETATM 778 O O   . HOH B 2 .  ? -3.296  9.856   8.890   1.00 40.61  ? 50  HOH A O   1 
HETATM 779 O O   . HOH B 2 .  ? -1.077  13.117  8.925   1.00 46.15  ? 51  HOH A O   1 
HETATM 780 O O   . HOH B 2 .  ? 8.757   10.243  0.181   1.00 64.96  ? 52  HOH A O   1 
HETATM 781 O O   . HOH B 2 .  ? 4.344   -2.434  -16.299 0.50 32.08  ? 53  HOH A O   1 
HETATM 782 O O   . HOH B 2 .  ? -14.796 0.484   1.952   1.00 38.44  ? 54  HOH A O   1 
HETATM 783 O O   . HOH B 2 .  ? 12.155  0.009   8.784   1.00 44.84  ? 55  HOH A O   1 
HETATM 784 O O   . HOH B 2 .  ? -12.951 1.222   8.823   1.00 39.15  ? 56  HOH A O   1 
HETATM 785 O O   . HOH B 2 .  ? -4.468  12.106  5.853   1.00 42.05  ? 57  HOH A O   1 
HETATM 786 O O   . HOH B 2 .  ? 10.536  5.258   2.102   1.00 34.80  ? 58  HOH A O   1 
HETATM 787 O O   . HOH B 2 .  ? -14.390 -0.261  4.334   1.00 43.21  ? 59  HOH A O   1 
HETATM 788 O O   . HOH B 2 .  ? 15.000  0.972   0.397   1.00 49.94  ? 60  HOH A O   1 
HETATM 789 O O   . HOH B 2 .  ? -13.138 9.774   -5.471  1.00 35.62  ? 61  HOH A O   1 
HETATM 790 O O   . HOH B 2 .  ? -3.339  4.300   -12.789 1.00 32.59  ? 62  HOH A O   1 
HETATM 791 O O   . HOH B 2 .  ? 2.693   -11.570 6.200   1.00 30.13  ? 63  HOH A O   1 
HETATM 792 O O   . HOH B 2 .  ? 2.583   -9.861  8.250   1.00 37.86  ? 64  HOH A O   1 
HETATM 793 O O   . HOH B 2 .  ? -1.425  17.440  -4.060  1.00 44.39  ? 65  HOH A O   1 
HETATM 794 O O   . HOH B 2 .  ? 6.551   12.126  4.678   1.00 38.33  ? 66  HOH A O   1 
HETATM 795 O O   . HOH B 2 .  ? -6.899  -13.384 -0.588  1.00 39.45  ? 67  HOH A O   1 
HETATM 796 O O   . HOH B 2 .  ? 8.167   -2.909  6.836   1.00 32.11  ? 68  HOH A O   1 
HETATM 797 O O   . HOH B 2 .  ? -5.003  16.792  -2.661  1.00 34.86  ? 69  HOH A O   1 
HETATM 798 O O   . HOH B 2 .  ? 9.924   -4.796  -20.004 1.00 40.36  ? 70  HOH A O   1 
HETATM 799 O O   . HOH B 2 .  ? -9.107  -11.541 -0.105  1.00 40.39  ? 71  HOH A O   1 
HETATM 800 O O   . HOH B 2 .  ? -14.696 6.756   -4.438  1.00 47.85  ? 72  HOH A O   1 
HETATM 801 O O   . HOH B 2 .  ? -6.446  14.038  2.294   1.00 45.08  ? 73  HOH A O   1 
HETATM 802 O O   . HOH B 2 .  ? -11.625 4.005   9.226   1.00 39.76  ? 74  HOH A O   1 
HETATM 803 O O   . HOH B 2 .  ? -6.658  -14.813 -2.982  1.00 43.15  ? 75  HOH A O   1 
HETATM 804 O O   . HOH B 2 .  ? 10.387  -2.599  8.480   1.00 38.58  ? 76  HOH A O   1 
HETATM 805 O O   . HOH B 2 .  ? -15.177 0.902   6.993   1.00 54.96  ? 77  HOH A O   1 
HETATM 806 O O   . HOH B 2 .  ? -8.191  -6.814  -13.640 1.00 37.55  ? 78  HOH A O   1 
HETATM 807 O O   . HOH B 2 .  ? -7.200  16.866  -1.012  1.00 47.31  ? 79  HOH A O   1 
HETATM 808 O O   . HOH B 2 .  ? 6.631   11.258  1.602   1.00 36.48  ? 80  HOH A O   1 
HETATM 809 O O   . HOH B 2 .  ? 6.102   -10.271 3.943   1.00 49.37  ? 81  HOH A O   1 
HETATM 810 O O   . HOH B 2 .  ? -8.823  13.136  1.776   1.00 44.26  ? 82  HOH A O   1 
HETATM 811 O O   . HOH B 2 .  ? 4.886   -12.205 2.437   1.00 49.97  ? 83  HOH A O   1 
HETATM 812 O O   . HOH B 2 .  ? -7.603  -15.775 0.810   1.00 45.37  ? 84  HOH A O   1 
HETATM 813 O O   . HOH B 2 .  ? 0.330   -3.185  -17.061 0.50 17.85  ? 85  HOH A O   1 
HETATM 814 O O   . HOH B 2 .  ? -4.751  -12.314 0.814   1.00 39.04  ? 86  HOH A O   1 
HETATM 815 O O   . HOH B 2 .  ? 6.220   -6.340  -18.198 1.00 52.11  ? 87  HOH A O   1 
HETATM 816 O O   . HOH B 2 .  ? 7.150   -9.917  -3.511  1.00 37.39  ? 88  HOH A O   1 
HETATM 817 O O   . HOH B 2 .  ? 9.899   3.176   10.708  1.00 34.13  ? 90  HOH A O   1 
HETATM 818 O O   . HOH B 2 .  ? 4.515   -13.835 -8.130  1.00 43.69  ? 91  HOH A O   1 
HETATM 819 O O   . HOH B 2 .  ? -13.775 -3.590  0.366   1.00 48.09  ? 92  HOH A O   1 
HETATM 820 O O   . HOH B 2 .  ? 6.627   -11.924 -0.074  1.00 44.41  ? 93  HOH A O   1 
HETATM 821 O O   . HOH B 2 .  ? 4.346   -5.938  7.708   1.00 46.45  ? 94  HOH A O   1 
HETATM 822 O O   . HOH B 2 .  ? -14.116 -3.248  -4.919  1.00 50.37  ? 95  HOH A O   1 
HETATM 823 O O   . HOH B 2 .  ? 9.240   -7.756  -3.641  1.00 49.45  ? 96  HOH A O   1 
HETATM 824 O O   . HOH B 2 .  ? -5.281  -15.210 -5.178  1.00 39.48  ? 97  HOH A O   1 
HETATM 825 O O   . HOH B 2 .  ? 12.671  -5.928  0.534   1.00 44.94  ? 98  HOH A O   1 
HETATM 826 O O   . HOH B 2 .  ? -3.734  0.312   -13.311 1.00 63.26  ? 99  HOH A O   1 
HETATM 827 O O   . HOH B 2 .  ? -1.739  -2.526  -14.009 1.00 43.67  ? 100 HOH A O   1 
HETATM 828 O O   . HOH B 2 .  ? -1.346  -4.719  -15.559 1.00 37.08  ? 101 HOH A O   1 
HETATM 829 O O   . HOH B 2 .  ? -6.744  6.224   12.375  1.00 35.50  ? 102 HOH A O   1 
HETATM 830 O O   . HOH B 2 .  ? -12.490 12.253  -5.011  1.00 57.33  ? 103 HOH A O   1 
HETATM 831 O O   . HOH B 2 .  ? -10.040 8.185   12.501  1.00 50.78  ? 104 HOH A O   1 
HETATM 832 O O   . HOH B 2 .  ? -8.227  -17.183 -2.441  1.00 71.38  ? 105 HOH A O   1 
HETATM 833 O O   . HOH B 2 .  ? 5.977   -15.501 0.093   1.00 48.24  ? 106 HOH A O   1 
HETATM 834 O O   . HOH B 2 .  ? 3.333   -13.911 7.445   1.00 37.09  ? 107 HOH A O   1 
HETATM 835 O O   . HOH B 2 .  ? -0.651  -19.232 -0.860  1.00 64.34  ? 108 HOH A O   1 
HETATM 836 O O   . HOH B 2 .  ? 5.178   -9.538  8.624   1.00 53.35  ? 109 HOH A O   1 
HETATM 837 O O   . HOH B 2 .  ? 3.511   -13.412 10.513  1.00 52.84  ? 110 HOH A O   1 
HETATM 838 O O   . HOH B 2 .  ? 10.681  8.712   1.098   1.00 57.54  ? 111 HOH A O   1 
HETATM 839 O O   . HOH B 2 .  ? -10.044 11.962  4.046   1.00 58.67  ? 112 HOH A O   1 
HETATM 840 O O   . HOH B 2 .  ? 1.776   14.855  -1.477  1.00 37.24  ? 113 HOH A O   1 
HETATM 841 O O   . HOH B 2 .  ? 11.344  -5.604  -4.032  1.00 49.00  ? 114 HOH A O   1 
HETATM 842 O O   . HOH B 2 .  ? 6.966   4.702   -8.442  1.00 68.08  ? 115 HOH A O   1 
HETATM 843 O O   . HOH B 2 .  ? 7.324   5.318   -11.169 1.00 58.71  ? 116 HOH A O   1 
HETATM 844 O O   . HOH B 2 .  ? 8.191   -13.066 -6.811  1.00 81.46  ? 117 HOH A O   1 
HETATM 845 O O   . HOH B 2 .  ? 14.626  -2.653  6.588   1.00 46.91  ? 118 HOH A O   1 
HETATM 846 O O   . HOH B 2 .  ? 8.061   -9.637  -0.884  1.00 50.64  ? 119 HOH A O   1 
HETATM 847 O O   . HOH B 2 .  ? -7.587  1.307   -12.233 1.00 41.59  ? 120 HOH A O   1 
HETATM 848 O O   . HOH B 2 .  ? 9.697   -6.574  1.695   1.00 54.27  ? 121 HOH A O   1 
HETATM 849 O O   . HOH B 2 .  ? -4.880  -2.113  -14.538 1.00 54.68  ? 122 HOH A O   1 
HETATM 850 O O   . HOH B 2 .  ? 5.922   -1.430  16.762  0.50 26.18  ? 123 HOH A O   1 
HETATM 851 O O   . HOH B 2 .  ? 6.395   9.795   -5.648  1.00 43.48  ? 124 HOH A O   1 
HETATM 852 O O   . HOH B 2 .  ? -7.128  -13.895 3.365   1.00 51.98  ? 125 HOH A O   1 
HETATM 853 O O   . HOH B 2 .  ? -8.922  -11.339 2.553   1.00 60.19  ? 221 HOH A O   1 
HETATM 854 O O   . HOH B 2 .  ? -14.573 -2.969  3.183   1.00 52.05  ? 222 HOH A O   1 
HETATM 855 O O   . HOH B 2 .  ? 6.591   8.456   -3.094  1.00 49.51  ? 223 HOH A O   1 
HETATM 856 O O   . HOH B 2 .  ? -1.615  -17.879 7.994   1.00 44.53  ? 224 HOH A O   1 
HETATM 857 O O   . HOH B 2 .  ? -3.992  -16.840 7.096   1.00 52.07  ? 225 HOH A O   1 
HETATM 858 O O   . HOH B 2 .  ? -10.008 0.997   -13.214 1.00 41.45  ? 226 HOH A O   1 
HETATM 859 O O   . HOH B 2 .  ? -7.767  -1.851  -11.868 1.00 28.97  ? 227 HOH A O   1 
# 
loop_
_atom_site_anisotrop.id 
_atom_site_anisotrop.type_symbol 
_atom_site_anisotrop.pdbx_label_atom_id 
_atom_site_anisotrop.pdbx_label_alt_id 
_atom_site_anisotrop.pdbx_label_comp_id 
_atom_site_anisotrop.pdbx_label_asym_id 
_atom_site_anisotrop.pdbx_label_seq_id 
_atom_site_anisotrop.pdbx_PDB_ins_code 
_atom_site_anisotrop.U[1][1] 
_atom_site_anisotrop.U[2][2] 
_atom_site_anisotrop.U[3][3] 
_atom_site_anisotrop.U[1][2] 
_atom_site_anisotrop.U[1][3] 
_atom_site_anisotrop.U[2][3] 
_atom_site_anisotrop.pdbx_auth_seq_id 
_atom_site_anisotrop.pdbx_auth_comp_id 
_atom_site_anisotrop.pdbx_auth_asym_id 
_atom_site_anisotrop.pdbx_auth_atom_id 
1   N N   . MET A 1  ? 0.8176 0.7638 0.5520 0.0531  0.0191  -0.0530 126 MET A N   
2   C CA  . MET A 1  ? 0.7351 0.6931 0.4662 0.0410  0.0130  -0.0466 126 MET A CA  
3   C C   . MET A 1  ? 0.6068 0.5607 0.3596 0.0264  0.0042  -0.0370 126 MET A C   
4   O O   . MET A 1  ? 0.5733 0.5195 0.3243 0.0173  -0.0046 -0.0370 126 MET A O   
5   C CB  . MET A 1  ? 0.8393 0.8339 0.5679 0.0435  0.0202  -0.0351 126 MET A CB  
6   C CG  . MET A 1  ? 0.9273 0.9396 0.6489 0.0618  0.0332  -0.0382 126 MET A CG  
7   S SD  . MET A 1  ? 1.6232 1.6571 1.3736 0.0636  0.0386  -0.0247 126 MET A SD  
8   C CE  . MET A 1  ? 1.9874 2.0531 1.7518 0.0439  0.0345  -0.0028 126 MET A CE  
9   N N   . VAL A 2  ? 0.5012 0.4617 0.2738 0.0252  0.0065  -0.0289 127 VAL A N   
10  C CA  . VAL A 2  ? 0.4071 0.3648 0.1977 0.0134  -0.0002 -0.0200 127 VAL A CA  
11  C C   . VAL A 2  ? 0.3631 0.3052 0.1674 0.0135  -0.0011 -0.0239 127 VAL A C   
12  O O   . VAL A 2  ? 0.3215 0.2647 0.1404 0.0069  -0.0035 -0.0169 127 VAL A O   
13  C CB  . VAL A 2  ? 0.3796 0.3599 0.1789 0.0074  0.0016  -0.0046 127 VAL A CB  
14  C CG1 . VAL A 2  ? 0.3629 0.3613 0.1489 0.0055  0.0021  0.0021  127 VAL A CG1 
15  C CG2 . VAL A 2  ? 0.4065 0.4034 0.2130 0.0135  0.0098  -0.0016 127 VAL A CG2 
16  N N   . ARG A 3  ? 0.3458 0.2717 0.1432 0.0203  0.0004  -0.0350 128 ARG A N   
17  C CA  . ARG A 3  ? 0.3618 0.2727 0.1705 0.0186  -0.0015 -0.0378 128 ARG A CA  
18  C C   . ARG A 3  ? 0.2668 0.1716 0.0853 0.0081  -0.0094 -0.0360 128 ARG A C   
19  O O   . ARG A 3  ? 0.3334 0.2380 0.1460 0.0040  -0.0148 -0.0366 128 ARG A O   
20  C CB  . ARG A 3  ? 0.4670 0.3559 0.2628 0.0254  -0.0006 -0.0491 128 ARG A CB  
21  C CG  . ARG A 3  ? 0.6284 0.5190 0.4207 0.0396  0.0078  -0.0501 128 ARG A CG  
22  C CD  . ARG A 3  ? 0.8568 0.7208 0.6271 0.0491  0.0087  -0.0630 128 ARG A CD  
23  N NE  . ARG A 3  ? 1.0333 0.8744 0.7942 0.0374  -0.0006 -0.0707 128 ARG A NE  
24  C CZ  . ARG A 3  ? 1.1688 1.0020 0.9091 0.0357  -0.0038 -0.0790 128 ARG A CZ  
25  N NH1 . ARG A 3  ? 1.2633 1.1086 0.9888 0.0464  0.0027  -0.0816 128 ARG A NH1 
26  N NH2 . ARG A 3  ? 1.1581 0.9744 0.8920 0.0227  -0.0136 -0.0841 128 ARG A NH2 
27  N N   . PRO A 4  ? 0.2511 0.1536 0.0842 0.0049  -0.0101 -0.0335 129 PRO A N   
28  C CA  . PRO A 4  ? 0.2550 0.1553 0.0979 -0.0017 -0.0160 -0.0317 129 PRO A CA  
29  C C   . PRO A 4  ? 0.2968 0.1878 0.1382 -0.0048 -0.0206 -0.0381 129 PRO A C   
30  O O   . PRO A 4  ? 0.3395 0.2258 0.1882 -0.0068 -0.0206 -0.0396 129 PRO A O   
31  C CB  . PRO A 4  ? 0.2678 0.1696 0.1229 -0.0030 -0.0139 -0.0284 129 PRO A CB  
32  C CG  . PRO A 4  ? 0.3387 0.2448 0.1922 0.0015  -0.0079 -0.0275 129 PRO A CG  
33  C CD  . PRO A 4  ? 0.3044 0.2080 0.1446 0.0083  -0.0054 -0.0320 129 PRO A CD  
34  N N   . VAL A 5  ? 0.2954 0.1861 0.1269 -0.0069 -0.0253 -0.0404 130 VAL A N   
35  C CA  . VAL A 5  ? 0.2572 0.1419 0.0859 -0.0133 -0.0315 -0.0453 130 VAL A CA  
36  C C   . VAL A 5  ? 0.3194 0.2177 0.1602 -0.0173 -0.0376 -0.0399 130 VAL A C   
37  O O   . VAL A 5  ? 0.3249 0.2319 0.1662 -0.0150 -0.0394 -0.0344 130 VAL A O   
38  C CB  . VAL A 5  ? 0.3645 0.2397 0.1714 -0.0139 -0.0339 -0.0527 130 VAL A CB  
39  C CG1 . VAL A 5  ? 0.3248 0.1952 0.1274 -0.0247 -0.0429 -0.0565 130 VAL A CG1 
40  C CG2 . VAL A 5  ? 0.4138 0.2729 0.2084 -0.0062 -0.0272 -0.0592 130 VAL A CG2 
41  N N   . VAL A 6  ? 0.2565 0.1581 0.1077 -0.0224 -0.0405 -0.0400 131 VAL A N   
42  C CA  . VAL A 6  ? 0.2687 0.1883 0.1336 -0.0235 -0.0454 -0.0343 131 VAL A CA  
43  C C   . VAL A 6  ? 0.2752 0.2030 0.1325 -0.0293 -0.0538 -0.0337 131 VAL A C   
44  O O   . VAL A 6  ? 0.2969 0.2173 0.1424 -0.0384 -0.0582 -0.0391 131 VAL A O   
45  C CB  . VAL A 6  ? 0.2643 0.1921 0.1428 -0.0278 -0.0453 -0.0337 131 VAL A CB  
46  C CG1 . VAL A 6  ? 0.2774 0.2298 0.1709 -0.0265 -0.0495 -0.0274 131 VAL A CG1 
47  C CG2 . VAL A 6  ? 0.2365 0.1582 0.1210 -0.0224 -0.0375 -0.0340 131 VAL A CG2 
48  N N   . GLY A 7  ? 0.2481 0.1889 0.1102 -0.0244 -0.0569 -0.0268 132 GLY A N   
49  C CA  . GLY A 7  ? 0.2775 0.2310 0.1335 -0.0296 -0.0658 -0.0239 132 GLY A CA  
50  C C   . GLY A 7  ? 0.2922 0.2703 0.1655 -0.0327 -0.0720 -0.0182 132 GLY A C   
51  O O   . GLY A 7  ? 0.3259 0.3139 0.1953 -0.0447 -0.0799 -0.0190 132 GLY A O   
52  N N   . GLU A 8  ? 0.2784 0.2670 0.1698 -0.0221 -0.0686 -0.0123 133 GLU A N   
53  C CA  . GLU A 8  ? 0.2877 0.3055 0.1981 -0.0211 -0.0724 -0.0058 133 GLU A CA  
54  C C   . GLU A 8  ? 0.2705 0.2904 0.1954 -0.0121 -0.0641 -0.0066 133 GLU A C   
55  O O   . GLU A 8  ? 0.2892 0.2878 0.2100 -0.0044 -0.0571 -0.0100 133 GLU A O   
56  C CB  . GLU A 8  ? 0.3195 0.3558 0.2366 -0.0116 -0.0782 0.0044  133 GLU A CB  
57  C CG  . GLU A 8  ? 0.4002 0.4367 0.3012 -0.0192 -0.0865 0.0065  133 GLU A CG  
58  C CD  . GLU A 8  ? 0.5206 0.5737 0.4284 -0.0083 -0.0922 0.0190  133 GLU A CD  
59  O OE1 . GLU A 8  ? 0.4769 0.5422 0.4027 0.0060  -0.0903 0.0255  133 GLU A OE1 
60  O OE2 . GLU A 8  ? 0.5618 0.6151 0.4555 -0.0128 -0.0985 0.0225  133 GLU A OE2 
61  N N   . ILE A 9  ? 0.2301 0.2780 0.1709 -0.0145 -0.0652 -0.0029 134 ILE A N   
62  C CA  . ILE A 9  ? 0.2462 0.3034 0.2006 -0.0045 -0.0571 -0.0031 134 ILE A CA  
63  C C   . ILE A 9  ? 0.2809 0.3731 0.2538 0.0087  -0.0586 0.0054  134 ILE A C   
64  O O   . ILE A 9  ? 0.3138 0.4383 0.2964 0.0013  -0.0659 0.0127  134 ILE A O   
65  C CB  . ILE A 9  ? 0.2518 0.3159 0.2093 -0.0182 -0.0550 -0.0055 134 ILE A CB  
66  C CG1 . ILE A 9  ? 0.2403 0.2681 0.1805 -0.0261 -0.0520 -0.0136 134 ILE A CG1 
67  C CG2 . ILE A 9  ? 0.2624 0.3470 0.2350 -0.0080 -0.0472 -0.0040 134 ILE A CG2 
68  C CD1 . ILE A 9  ? 0.2912 0.2979 0.2275 -0.0138 -0.0434 -0.0181 134 ILE A CD1 
69  N N   . ALA A 10 ? 0.2303 0.3160 0.2073 0.0287  -0.0523 0.0049  135 ALA A N   
70  C CA  . ALA A 10 ? 0.2947 0.4105 0.2882 0.0468  -0.0524 0.0125  135 ALA A CA  
71  C C   . ALA A 10 ? 0.2884 0.4419 0.2987 0.0476  -0.0470 0.0139  135 ALA A C   
72  O O   . ALA A 10 ? 0.3436 0.4872 0.3504 0.0451  -0.0393 0.0068  135 ALA A O   
73  C CB  . ALA A 10 ? 0.3189 0.4069 0.3067 0.0688  -0.0479 0.0102  135 ALA A CB  
74  N N   . ALA A 11 ? 0.2751 0.4756 0.3039 0.0504  -0.0514 0.0243  136 ALA A N   
75  C CA  . ALA A 11 ? 0.3151 0.5607 0.3620 0.0503  -0.0462 0.0283  136 ALA A CA  
76  C C   . ALA A 11 ? 0.3395 0.5805 0.3879 0.0744  -0.0334 0.0217  136 ALA A C   
77  O O   . ALA A 11 ? 0.3160 0.5350 0.3593 0.0974  -0.0308 0.0187  136 ALA A O   
78  C CB  . ALA A 11 ? 0.3718 0.6744 0.4403 0.0521  -0.0532 0.0427  136 ALA A CB  
79  N N   . ASN A 12 ? 0.3643 0.6233 0.4171 0.0680  -0.0260 0.0194  137 ASN A N   
80  C CA  . ASN A 12 ? 0.4926 0.7539 0.5454 0.0895  -0.0133 0.0123  137 ASN A CA  
81  C C   . ASN A 12 ? 0.4677 0.6693 0.4973 0.0971  -0.0087 -0.0015 137 ASN A C   
82  O O   . ASN A 12 ? 0.4810 0.6740 0.5052 0.1181  0.0001  -0.0092 137 ASN A O   
83  C CB  . ASN A 12 ? 0.5699 0.8677 0.6388 0.1189  -0.0097 0.0181  137 ASN A CB  
84  C CG  . ASN A 12 ? 0.6902 1.0584 0.7851 0.1118  -0.0131 0.0334  137 ASN A CG  
85  O OD1 . ASN A 12 ? 0.7665 1.1709 0.8779 0.1321  -0.0139 0.0422  137 ASN A OD1 
86  N ND2 . ASN A 12 ? 0.6779 1.0660 0.7767 0.0824  -0.0158 0.0379  137 ASN A ND2 
87  N N   . SER A 13 ? 0.3728 0.5347 0.3878 0.0798  -0.0149 -0.0046 138 SER A N   
88  C CA  . SER A 13 ? 0.2679 0.3781 0.2624 0.0832  -0.0122 -0.0153 138 SER A CA  
89  C C   . SER A 13 ? 0.2450 0.3470 0.2315 0.0710  -0.0061 -0.0220 138 SER A C   
90  O O   . SER A 13 ? 0.2367 0.3690 0.2324 0.0585  -0.0047 -0.0177 138 SER A O   
91  C CB  . SER A 13 ? 0.2223 0.2996 0.2055 0.0718  -0.0208 -0.0141 138 SER A CB  
92  O OG  . SER A 13 ? 0.2755 0.3587 0.2587 0.0485  -0.0253 -0.0115 138 SER A OG  
93  N N   . ILE A 14 ? 0.2625 0.3242 0.2313 0.0733  -0.0035 -0.0311 139 ILE A N   
94  C CA  . ILE A 14 ? 0.2328 0.2857 0.1929 0.0616  0.0010  -0.0365 139 ILE A CA  
95  C C   . ILE A 14 ? 0.2891 0.3422 0.2505 0.0389  -0.0042 -0.0312 139 ILE A C   
96  O O   . ILE A 14 ? 0.2572 0.3256 0.2215 0.0274  -0.0018 -0.0291 139 ILE A O   
97  C CB  . ILE A 14 ? 0.2703 0.2802 0.2109 0.0657  0.0024  -0.0460 139 ILE A CB  
98  C CG1 . ILE A 14 ? 0.3062 0.3110 0.2405 0.0879  0.0084  -0.0539 139 ILE A CG1 
99  C CG2 . ILE A 14 ? 0.2296 0.2314 0.1617 0.0504  0.0047  -0.0488 139 ILE A CG2 
100 C CD1 . ILE A 14 ? 0.3579 0.3149 0.2706 0.0911  0.0071  -0.0627 139 ILE A CD1 
101 N N   . ALA A 15 ? 0.2598 0.2955 0.2178 0.0329  -0.0114 -0.0286 140 ALA A N   
102 C CA  . ALA A 15 ? 0.2209 0.2514 0.1764 0.0142  -0.0163 -0.0256 140 ALA A CA  
103 C C   . ALA A 15 ? 0.2500 0.3134 0.2182 0.0035  -0.0201 -0.0182 140 ALA A C   
104 O O   . ALA A 15 ? 0.2927 0.3550 0.2588 -0.0124 -0.0219 -0.0162 140 ALA A O   
105 C CB  . ALA A 15 ? 0.2024 0.2084 0.1487 0.0122  -0.0223 -0.0258 140 ALA A CB  
106 N N   . ALA A 16 ? 0.2533 0.3459 0.2343 0.0118  -0.0219 -0.0131 141 ALA A N   
107 C CA  . ALA A 16 ? 0.2925 0.4238 0.2878 0.0004  -0.0262 -0.0042 141 ALA A CA  
108 C C   . ALA A 16 ? 0.3542 0.5096 0.3564 -0.0047 -0.0196 -0.0019 141 ALA A C   
109 O O   . ALA A 16 ? 0.3203 0.4897 0.3260 -0.0244 -0.0235 0.0046  141 ALA A O   
110 C CB  . ALA A 16 ? 0.2994 0.4635 0.3094 0.0138  -0.0286 0.0022  141 ALA A CB  
111 N N   . GLU A 17 ? 0.3602 0.5186 0.3621 0.0124  -0.0100 -0.0071 142 GLU A N   
112 C CA  . GLU A 17 ? 0.3807 0.5624 0.3861 0.0097  -0.0023 -0.0057 142 GLU A CA  
113 C C   . GLU A 17 ? 0.3962 0.5550 0.3912 -0.0105 -0.0042 -0.0053 142 GLU A C   
114 O O   . GLU A 17 ? 0.3864 0.5682 0.3869 -0.0246 -0.0037 0.0024  142 GLU A O   
115 C CB  . GLU A 17 ? 0.4442 0.6210 0.4435 0.0324  0.0078  -0.0152 142 GLU A CB  
116 C CG  . GLU A 17 ? 0.6149 0.8151 0.6140 0.0313  0.0168  -0.0153 142 GLU A CG  
117 C CD  . GLU A 17 ? 0.7319 0.9161 0.7174 0.0519  0.0258  -0.0280 142 GLU A CD  
118 O OE1 . GLU A 17 ? 0.6378 0.7858 0.6127 0.0643  0.0240  -0.0364 142 GLU A OE1 
119 O OE2 . GLU A 17 ? 0.8311 1.0381 0.8146 0.0546  0.0341  -0.0295 142 GLU A OE2 
120 N N   . ALA A 18 ? 0.2813 0.3959 0.2610 -0.0114 -0.0064 -0.0122 143 ALA A N   
121 C CA  . ALA A 18 ? 0.2836 0.3745 0.2531 -0.0262 -0.0079 -0.0117 143 ALA A CA  
122 C C   . ALA A 18 ? 0.2987 0.3798 0.2666 -0.0441 -0.0173 -0.0064 143 ALA A C   
123 O O   . ALA A 18 ? 0.3524 0.4102 0.3109 -0.0554 -0.0196 -0.0054 143 ALA A O   
124 C CB  . ALA A 18 ? 0.2825 0.3364 0.2375 -0.0190 -0.0059 -0.0201 143 ALA A CB  
125 N N   . GLN A 19 ? 0.3104 0.4081 0.2862 -0.0460 -0.0231 -0.0031 144 GLN A N   
126 C CA  . GLN A 19 ? 0.3791 0.4694 0.3514 -0.0647 -0.0335 0.0011  144 GLN A CA  
127 C C   . GLN A 19 ? 0.4248 0.4693 0.3784 -0.0666 -0.0374 -0.0062 144 GLN A C   
128 O O   . GLN A 19 ? 0.4723 0.4961 0.4156 -0.0817 -0.0437 -0.0054 144 GLN A O   
129 C CB  . GLN A 19 ? 0.5165 0.6217 0.4925 -0.0846 -0.0358 0.0105  144 GLN A CB  
130 C CG  . GLN A 19 ? 0.6480 0.8086 0.6442 -0.0858 -0.0334 0.0201  144 GLN A CG  
131 C CD  . GLN A 19 ? 0.8309 1.0087 0.8306 -0.1065 -0.0347 0.0313  144 GLN A CD  
132 O OE1 . GLN A 19 ? 0.9130 1.0573 0.8994 -0.1173 -0.0365 0.0314  144 GLN A OE1 
133 N NE2 . GLN A 19 ? 0.8572 1.0892 0.8753 -0.1119 -0.0339 0.0423  144 GLN A NE2 
134 N N   . ILE A 20 ? 0.2937 0.3221 0.2421 -0.0509 -0.0338 -0.0131 145 ILE A N   
135 C CA  . ILE A 20 ? 0.2567 0.2515 0.1894 -0.0506 -0.0370 -0.0189 145 ILE A CA  
136 C C   . ILE A 20 ? 0.2995 0.3013 0.2311 -0.0567 -0.0457 -0.0176 145 ILE A C   
137 O O   . ILE A 20 ? 0.2941 0.3246 0.2384 -0.0519 -0.0473 -0.0133 145 ILE A O   
138 C CB  . ILE A 20 ? 0.2630 0.2446 0.1918 -0.0349 -0.0312 -0.0239 145 ILE A CB  
139 C CG1 . ILE A 20 ? 0.2489 0.2255 0.1774 -0.0312 -0.0239 -0.0252 145 ILE A CG1 
140 C CG2 . ILE A 20 ? 0.3339 0.2892 0.2481 -0.0343 -0.0339 -0.0283 145 ILE A CG2 
141 C CD1 . ILE A 20 ? 0.4211 0.3895 0.3470 -0.0184 -0.0192 -0.0292 145 ILE A CD1 
142 N N   . ALA A 21 ? 0.2689 0.2453 0.1843 -0.0662 -0.0515 -0.0215 146 ALA A N   
143 C CA  . ALA A 21 ? 0.2598 0.2411 0.1698 -0.0755 -0.0614 -0.0211 146 ALA A CA  
144 C C   . ALA A 21 ? 0.2650 0.2244 0.1585 -0.0683 -0.0624 -0.0278 146 ALA A C   
145 O O   . ALA A 21 ? 0.3023 0.2365 0.1848 -0.0606 -0.0567 -0.0334 146 ALA A O   
146 C CB  . ALA A 21 ? 0.3514 0.3221 0.2523 -0.0967 -0.0695 -0.0201 146 ALA A CB  
147 N N   . PRO A 22 ? 0.3066 0.2797 0.1985 -0.0711 -0.0698 -0.0261 147 PRO A N   
148 C CA  . PRO A 22 ? 0.3011 0.2560 0.1748 -0.0666 -0.0712 -0.0317 147 PRO A CA  
149 C C   . PRO A 22 ? 0.3188 0.2372 0.1688 -0.0722 -0.0712 -0.0414 147 PRO A C   
150 O O   . PRO A 22 ? 0.3431 0.2499 0.1868 -0.0860 -0.0762 -0.0432 147 PRO A O   
151 C CB  . PRO A 22 ? 0.2985 0.2756 0.1723 -0.0752 -0.0822 -0.0275 147 PRO A CB  
152 C CG  . PRO A 22 ? 0.3489 0.3639 0.2488 -0.0748 -0.0831 -0.0172 147 PRO A CG  
153 C CD  . PRO A 22 ? 0.3067 0.3169 0.2139 -0.0786 -0.0772 -0.0176 147 PRO A CD  
154 N N   . GLY A 23 ? 0.3348 0.2353 0.1710 -0.0612 -0.0659 -0.0469 148 GLY A N   
155 C CA  . GLY A 23 ? 0.3405 0.2080 0.1536 -0.0612 -0.0642 -0.0567 148 GLY A CA  
156 C C   . GLY A 23 ? 0.3191 0.1720 0.1364 -0.0532 -0.0554 -0.0571 148 GLY A C   
157 O O   . GLY A 23 ? 0.3503 0.1792 0.1514 -0.0464 -0.0511 -0.0638 148 GLY A O   
158 N N   . THR A 24 ? 0.3144 0.1839 0.1527 -0.0528 -0.0523 -0.0499 149 THR A N   
159 C CA  . THR A 24 ? 0.2936 0.1538 0.1367 -0.0463 -0.0446 -0.0489 149 THR A CA  
160 C C   . THR A 24 ? 0.3093 0.1702 0.1516 -0.0320 -0.0367 -0.0494 149 THR A C   
161 O O   . THR A 24 ? 0.3304 0.2067 0.1787 -0.0277 -0.0359 -0.0466 149 THR A O   
162 C CB  . THR A 24 ? 0.3252 0.2062 0.1887 -0.0500 -0.0433 -0.0415 149 THR A CB  
163 O OG1 . THR A 24 ? 0.2991 0.1802 0.1630 -0.0654 -0.0502 -0.0391 149 THR A OG1 
164 C CG2 . THR A 24 ? 0.3235 0.1992 0.1915 -0.0428 -0.0356 -0.0397 149 THR A CG2 
165 N N   . GLU A 25 ? 0.2939 0.1389 0.1292 -0.0251 -0.0313 -0.0515 150 GLU A N   
166 C CA  . GLU A 25 ? 0.3284 0.1804 0.1654 -0.0137 -0.0240 -0.0497 150 GLU A CA  
167 C C   . GLU A 25 ? 0.3019 0.1633 0.1536 -0.0122 -0.0198 -0.0439 150 GLU A C   
168 O O   . GLU A 25 ? 0.3414 0.1952 0.1952 -0.0147 -0.0195 -0.0425 150 GLU A O   
169 C CB  . GLU A 25 ? 0.3481 0.1837 0.1682 -0.0042 -0.0199 -0.0548 150 GLU A CB  
170 C CG  . GLU A 25 ? 0.3663 0.2168 0.1900 0.0063  -0.0125 -0.0508 150 GLU A CG  
171 C CD  . GLU A 25 ? 0.4581 0.2985 0.2675 0.0191  -0.0068 -0.0549 150 GLU A CD  
172 O OE1 . GLU A 25 ? 0.5691 0.3880 0.3600 0.0210  -0.0091 -0.0636 150 GLU A OE1 
173 O OE2 . GLU A 25 ? 0.4944 0.3492 0.3104 0.0276  -0.0005 -0.0495 150 GLU A OE2 
174 N N   . LEU A 26 ? 0.2247 0.1011 0.0850 -0.0094 -0.0172 -0.0401 151 LEU A N   
175 C CA  . LEU A 26 ? 0.2564 0.1404 0.1266 -0.0087 -0.0136 -0.0359 151 LEU A CA  
176 C C   . LEU A 26 ? 0.3489 0.2322 0.2152 -0.0020 -0.0088 -0.0338 151 LEU A C   
177 O O   . LEU A 26 ? 0.4928 0.3805 0.3539 0.0028  -0.0066 -0.0332 151 LEU A O   
178 C CB  . LEU A 26 ? 0.2842 0.1788 0.1614 -0.0092 -0.0140 -0.0335 151 LEU A CB  
179 C CG  . LEU A 26 ? 0.3235 0.2244 0.2091 -0.0122 -0.0165 -0.0341 151 LEU A CG  
180 C CD1 . LEU A 26 ? 0.2851 0.1873 0.1699 -0.0152 -0.0214 -0.0355 151 LEU A CD1 
181 C CD2 . LEU A 26 ? 0.3197 0.2238 0.2087 -0.0094 -0.0163 -0.0329 151 LEU A CD2 
182 N N   . LYS A 27 ? 0.2415 0.1227 0.1109 -0.0012 -0.0070 -0.0312 152 LYS A N   
183 C CA  . LYS A 27 ? 0.3018 0.1850 0.1691 0.0072  -0.0027 -0.0279 152 LYS A CA  
184 C C   . LYS A 27 ? 0.2952 0.1971 0.1717 0.0052  -0.0008 -0.0214 152 LYS A C   
185 O O   . LYS A 27 ? 0.3244 0.2392 0.2018 0.0101  0.0022  -0.0168 152 LYS A O   
186 C CB  . LYS A 27 ? 0.3257 0.1924 0.1888 0.0101  -0.0030 -0.0275 152 LYS A CB  
187 C CG  . LYS A 27 ? 0.3519 0.1936 0.2011 0.0106  -0.0060 -0.0346 152 LYS A CG  
188 C CD  . LYS A 27 ? 0.3396 0.1773 0.1767 0.0225  -0.0025 -0.0393 152 LYS A CD  
189 C CE  . LYS A 27 ? 0.4817 0.2874 0.2997 0.0249  -0.0054 -0.0478 152 LYS A CE  
190 N NZ  . LYS A 27 ? 0.5189 0.3206 0.3220 0.0399  -0.0003 -0.0537 152 LYS A NZ  
191 N N   . ALA A 28 ? 0.2692 0.1745 0.1518 -0.0026 -0.0029 -0.0210 153 ALA A N   
192 C CA  . ALA A 28 ? 0.2405 0.1598 0.1281 -0.0066 -0.0023 -0.0165 153 ALA A CA  
193 C C   . ALA A 28 ? 0.2373 0.1567 0.1269 -0.0133 -0.0043 -0.0201 153 ALA A C   
194 O O   . ALA A 28 ? 0.2570 0.1712 0.1478 -0.0143 -0.0053 -0.0237 153 ALA A O   
195 C CB  . ALA A 28 ? 0.2304 0.1554 0.1205 -0.0040 -0.0009 -0.0105 153 ALA A CB  
196 N N   . VAL A 29 ? 0.2141 0.1398 0.1032 -0.0179 -0.0051 -0.0191 154 VAL A N   
197 C CA  . VAL A 29 ? 0.2492 0.1725 0.1366 -0.0218 -0.0062 -0.0239 154 VAL A CA  
198 C C   . VAL A 29 ? 0.2837 0.2166 0.1693 -0.0271 -0.0062 -0.0213 154 VAL A C   
199 O O   . VAL A 29 ? 0.2484 0.1876 0.1321 -0.0316 -0.0078 -0.0170 154 VAL A O   
200 C CB  . VAL A 29 ? 0.2218 0.1355 0.1046 -0.0234 -0.0087 -0.0268 154 VAL A CB  
201 C CG1 . VAL A 29 ? 0.2643 0.1712 0.1420 -0.0245 -0.0094 -0.0333 154 VAL A CG1 
202 C CG2 . VAL A 29 ? 0.2763 0.1835 0.1605 -0.0184 -0.0095 -0.0279 154 VAL A CG2 
203 N N   . ASP A 30 ? 0.2196 0.1567 0.1055 -0.0278 -0.0047 -0.0228 155 ASP A N   
204 C CA  . ASP A 30 ? 0.2525 0.2012 0.1351 -0.0332 -0.0050 -0.0199 155 ASP A CA  
205 C C   . ASP A 30 ? 0.2387 0.1986 0.1249 -0.0339 -0.0060 -0.0101 155 ASP A C   
206 O O   . ASP A 30 ? 0.2733 0.2436 0.1559 -0.0405 -0.0085 -0.0070 155 ASP A O   
207 C CB  . ASP A 30 ? 0.3087 0.2525 0.1812 -0.0385 -0.0070 -0.0269 155 ASP A CB  
208 C CG  . ASP A 30 ? 0.3899 0.3279 0.2584 -0.0342 -0.0044 -0.0362 155 ASP A CG  
209 O OD1 . ASP A 30 ? 0.3139 0.2624 0.1878 -0.0316 -0.0012 -0.0348 155 ASP A OD1 
210 O OD2 . ASP A 30 ? 0.4273 0.3507 0.2875 -0.0331 -0.0057 -0.0440 155 ASP A OD2 
211 N N   . GLY A 31 ? 0.2253 0.1833 0.1171 -0.0267 -0.0044 -0.0053 156 GLY A N   
212 C CA  . GLY A 31 ? 0.2613 0.2311 0.1572 -0.0226 -0.0042 0.0046  156 GLY A CA  
213 C C   . GLY A 31 ? 0.3099 0.2890 0.2077 -0.0205 -0.0041 0.0081  156 GLY A C   
214 O O   . GLY A 31 ? 0.2797 0.2743 0.1823 -0.0151 -0.0032 0.0172  156 GLY A O   
215 N N   . ILE A 32 ? 0.2504 0.2224 0.1452 -0.0244 -0.0051 0.0025  157 ILE A N   
216 C CA  . ILE A 32 ? 0.2530 0.2354 0.1495 -0.0236 -0.0047 0.0072  157 ILE A CA  
217 C C   . ILE A 32 ? 0.2653 0.2354 0.1605 -0.0143 -0.0018 0.0032  157 ILE A C   
218 O O   . ILE A 32 ? 0.2645 0.2178 0.1558 -0.0158 -0.0029 -0.0043 157 ILE A O   
219 C CB  . ILE A 32 ? 0.2552 0.2375 0.1470 -0.0368 -0.0091 0.0063  157 ILE A CB  
220 C CG1 . ILE A 32 ? 0.3108 0.3042 0.1999 -0.0481 -0.0133 0.0093  157 ILE A CG1 
221 C CG2 . ILE A 32 ? 0.3125 0.3087 0.2065 -0.0378 -0.0088 0.0134  157 ILE A CG2 
222 C CD1 . ILE A 32 ? 0.3958 0.4200 0.2930 -0.0477 -0.0132 0.0219  157 ILE A CD1 
223 N N   . GLU A 33 ? 0.2646 0.2444 0.1620 -0.0035 0.0020  0.0079  158 GLU A N   
224 C CA  . GLU A 33 ? 0.2923 0.2595 0.1846 0.0060  0.0048  0.0027  158 GLU A CA  
225 C C   . GLU A 33 ? 0.2949 0.2630 0.1839 -0.0001 0.0035  0.0012  158 GLU A C   
226 O O   . GLU A 33 ? 0.2799 0.2654 0.1714 -0.0073 0.0024  0.0081  158 GLU A O   
227 C CB  . GLU A 33 ? 0.3682 0.3456 0.2608 0.0213  0.0101  0.0073  158 GLU A CB  
228 C CG  . GLU A 33 ? 0.4561 0.4108 0.3384 0.0330  0.0126  -0.0011 158 GLU A CG  
229 C CD  . GLU A 33 ? 0.5722 0.4996 0.4503 0.0341  0.0103  -0.0057 158 GLU A CD  
230 O OE1 . GLU A 33 ? 0.4870 0.4167 0.3714 0.0286  0.0080  -0.0011 158 GLU A OE1 
231 O OE2 . GLU A 33 ? 0.5512 0.4550 0.4184 0.0391  0.0101  -0.0135 158 GLU A OE2 
232 N N   . THR A 34 ? 0.2598 0.2097 0.1428 0.0015  0.0026  -0.0063 159 THR A N   
233 C CA  . THR A 34 ? 0.2866 0.2348 0.1658 -0.0039 0.0004  -0.0067 159 THR A CA  
234 C C   . THR A 34 ? 0.2950 0.2407 0.1662 0.0043  0.0030  -0.0098 159 THR A C   
235 O O   . THR A 34 ? 0.2752 0.2043 0.1413 0.0069  0.0016  -0.0172 159 THR A O   
236 C CB  . THR A 34 ? 0.2820 0.2130 0.1609 -0.0102 -0.0042 -0.0123 159 THR A CB  
237 O OG1 . THR A 34 ? 0.3159 0.2351 0.1944 -0.0058 -0.0041 -0.0187 159 THR A OG1 
238 C CG2 . THR A 34 ? 0.2585 0.1903 0.1404 -0.0183 -0.0065 -0.0109 159 THR A CG2 
239 N N   . PRO A 35 ? 0.2744 0.2397 0.1439 0.0075  0.0066  -0.0036 160 PRO A N   
240 C CA  . PRO A 35 ? 0.2940 0.2618 0.1533 0.0174  0.0107  -0.0068 160 PRO A CA  
241 C C   . PRO A 35 ? 0.2412 0.2001 0.0925 0.0120  0.0069  -0.0095 160 PRO A C   
242 O O   . PRO A 35 ? 0.3100 0.2638 0.1493 0.0191  0.0086  -0.0154 160 PRO A O   
243 C CB  . PRO A 35 ? 0.3647 0.3651 0.2273 0.0205  0.0161  0.0036  160 PRO A CB  
244 C CG  . PRO A 35 ? 0.4371 0.4508 0.3124 0.0130  0.0143  0.0116  160 PRO A CG  
245 C CD  . PRO A 35 ? 0.3293 0.3198 0.2063 0.0011  0.0072  0.0074  160 PRO A CD  
246 N N   . ASP A 36 ? 0.2755 0.2314 0.1313 0.0005  0.0014  -0.0050 161 ASP A N   
247 C CA  . ASP A 36 ? 0.2435 0.1910 0.0929 -0.0035 -0.0032 -0.0054 161 ASP A CA  
248 C C   . ASP A 36 ? 0.2180 0.1500 0.0733 -0.0110 -0.0097 -0.0054 161 ASP A C   
249 O O   . ASP A 36 ? 0.2212 0.1492 0.0834 -0.0139 -0.0101 -0.0060 161 ASP A O   
250 C CB  . ASP A 36 ? 0.2343 0.2006 0.0779 -0.0064 -0.0019 0.0040  161 ASP A CB  
251 C CG  . ASP A 36 ? 0.2943 0.2764 0.1449 -0.0164 -0.0021 0.0162  161 ASP A CG  
252 O OD1 . ASP A 36 ? 0.2555 0.2266 0.1129 -0.0240 -0.0064 0.0170  161 ASP A OD1 
253 O OD2 . ASP A 36 ? 0.3038 0.3112 0.1522 -0.0176 0.0015  0.0252  161 ASP A OD2 
254 N N   . TRP A 37 ? 0.2767 0.2005 0.1281 -0.0125 -0.0145 -0.0050 162 TRP A N   
255 C CA  . TRP A 37 ? 0.3074 0.2162 0.1637 -0.0153 -0.0198 -0.0054 162 TRP A CA  
256 C C   . TRP A 37 ? 0.3120 0.2157 0.1696 -0.0232 -0.0220 0.0013  162 TRP A C   
257 O O   . TRP A 37 ? 0.2534 0.1440 0.1141 -0.0240 -0.0239 -0.0023 162 TRP A O   
258 C CB  . TRP A 37 ? 0.2769 0.1808 0.1300 -0.0136 -0.0251 -0.0042 162 TRP A CB  
259 C CG  . TRP A 37 ? 0.2624 0.1668 0.1165 -0.0090 -0.0259 -0.0122 162 TRP A CG  
260 C CD1 . TRP A 37 ? 0.2348 0.1446 0.0803 -0.0079 -0.0271 -0.0144 162 TRP A CD1 
261 C CD2 . TRP A 37 ? 0.2702 0.1706 0.1327 -0.0071 -0.0260 -0.0184 162 TRP A CD2 
262 N NE1 . TRP A 37 ? 0.2439 0.1513 0.0923 -0.0072 -0.0293 -0.0215 162 TRP A NE1 
263 C CE2 . TRP A 37 ? 0.2395 0.1433 0.0995 -0.0068 -0.0283 -0.0230 162 TRP A CE2 
264 C CE3 . TRP A 37 ? 0.2531 0.1489 0.1237 -0.0067 -0.0247 -0.0203 162 TRP A CE3 
265 C CZ2 . TRP A 37 ? 0.2699 0.1746 0.1372 -0.0076 -0.0295 -0.0275 162 TRP A CZ2 
266 C CZ3 . TRP A 37 ? 0.2746 0.1732 0.1522 -0.0052 -0.0246 -0.0254 162 TRP A CZ3 
267 C CH2 . TRP A 37 ? 0.2363 0.1402 0.1133 -0.0064 -0.0271 -0.0279 162 TRP A CH2 
268 N N   . ASP A 38 ? 0.3188 0.2335 0.1725 -0.0299 -0.0217 0.0108  163 ASP A N   
269 C CA  . ASP A 38 ? 0.2738 0.1815 0.1267 -0.0413 -0.0255 0.0177  163 ASP A CA  
270 C C   . ASP A 38 ? 0.2665 0.1775 0.1248 -0.0434 -0.0231 0.0133  163 ASP A C   
271 O O   . ASP A 38 ? 0.2980 0.1921 0.1542 -0.0494 -0.0272 0.0113  163 ASP A O   
272 C CB  . ASP A 38 ? 0.2619 0.1863 0.1109 -0.0515 -0.0260 0.0314  163 ASP A CB  
273 C CG  . ASP A 38 ? 0.3259 0.2382 0.1718 -0.0673 -0.0325 0.0393  163 ASP A CG  
274 O OD1 . ASP A 38 ? 0.3486 0.2305 0.1881 -0.0699 -0.0393 0.0390  163 ASP A OD1 
275 O OD2 . ASP A 38 ? 0.3713 0.3037 0.2202 -0.0769 -0.0312 0.0459  163 ASP A OD2 
276 N N   . ALA A 39 ? 0.2508 0.1821 0.1140 -0.0376 -0.0170 0.0116  164 ALA A N   
277 C CA  . ALA A 39 ? 0.2264 0.1641 0.0951 -0.0386 -0.0150 0.0092  164 ALA A CA  
278 C C   . ALA A 39 ? 0.2737 0.1919 0.1434 -0.0351 -0.0164 -0.0008 164 ALA A C   
279 O O   . ALA A 39 ? 0.2783 0.1926 0.1480 -0.0405 -0.0181 -0.0025 164 ALA A O   
280 C CB  . ALA A 39 ? 0.2510 0.2102 0.1242 -0.0289 -0.0081 0.0095  164 ALA A CB  
281 N N   . VAL A 40 ? 0.2653 0.1745 0.1350 -0.0267 -0.0159 -0.0070 165 VAL A N   
282 C CA  . VAL A 40 ? 0.2688 0.1658 0.1408 -0.0230 -0.0166 -0.0152 165 VAL A CA  
283 C C   . VAL A 40 ? 0.2786 0.1580 0.1459 -0.0268 -0.0210 -0.0162 165 VAL A C   
284 O O   . VAL A 40 ? 0.2728 0.1460 0.1391 -0.0274 -0.0209 -0.0216 165 VAL A O   
285 C CB  . VAL A 40 ? 0.2434 0.1387 0.1173 -0.0156 -0.0167 -0.0194 165 VAL A CB  
286 C CG1 . VAL A 40 ? 0.2300 0.1195 0.1083 -0.0121 -0.0173 -0.0253 165 VAL A CG1 
287 C CG2 . VAL A 40 ? 0.2442 0.1482 0.1184 -0.0120 -0.0130 -0.0208 165 VAL A CG2 
288 N N   . ARG A 41 ? 0.2798 0.1492 0.1420 -0.0290 -0.0251 -0.0111 166 ARG A N   
289 C CA  . ARG A 41 ? 0.2568 0.1015 0.1112 -0.0315 -0.0303 -0.0118 166 ARG A CA  
290 C C   . ARG A 41 ? 0.3198 0.1577 0.1674 -0.0431 -0.0325 -0.0117 166 ARG A C   
291 O O   . ARG A 41 ? 0.3365 0.1542 0.1766 -0.0424 -0.0345 -0.0188 166 ARG A O   
292 C CB  . ARG A 41 ? 0.3058 0.1401 0.1546 -0.0339 -0.0354 -0.0030 166 ARG A CB  
293 C CG  . ARG A 41 ? 0.2953 0.1354 0.1487 -0.0233 -0.0351 -0.0030 166 ARG A CG  
294 C CD  . ARG A 41 ? 0.3449 0.1729 0.1918 -0.0246 -0.0410 0.0067  166 ARG A CD  
295 N NE  . ARG A 41 ? 0.3449 0.1834 0.1967 -0.0148 -0.0413 0.0065  166 ARG A NE  
296 C CZ  . ARG A 41 ? 0.3409 0.1990 0.1925 -0.0164 -0.0400 0.0103  166 ARG A CZ  
297 N NH1 . ARG A 41 ? 0.2955 0.1662 0.1433 -0.0248 -0.0372 0.0151  166 ARG A NH1 
298 N NH2 . ARG A 41 ? 0.3028 0.1695 0.1570 -0.0094 -0.0416 0.0093  166 ARG A NH2 
299 N N   . LEU A 42 ? 0.2756 0.1320 0.1250 -0.0534 -0.0321 -0.0036 167 LEU A N   
300 C CA  . LEU A 42 ? 0.3390 0.1938 0.1823 -0.0677 -0.0357 -0.0012 167 LEU A CA  
301 C C   . LEU A 42 ? 0.3536 0.2114 0.1977 -0.0649 -0.0330 -0.0105 167 LEU A C   
302 O O   . LEU A 42 ? 0.3970 0.2393 0.2305 -0.0731 -0.0371 -0.0149 167 LEU A O   
303 C CB  . LEU A 42 ? 0.3448 0.2287 0.1931 -0.0782 -0.0353 0.0115  167 LEU A CB  
304 C CG  . LEU A 42 ? 0.4917 0.3753 0.3367 -0.0848 -0.0386 0.0229  167 LEU A CG  
305 C CD1 . LEU A 42 ? 0.5848 0.5062 0.4365 -0.0934 -0.0363 0.0359  167 LEU A CD1 
306 C CD2 . LEU A 42 ? 0.5764 0.4244 0.4071 -0.0974 -0.0480 0.0248  167 LEU A CD2 
307 N N   . GLN A 43 ? 0.3133 0.1894 0.1680 -0.0540 -0.0266 -0.0133 168 GLN A N   
308 C CA  . GLN A 43 ? 0.3037 0.1840 0.1593 -0.0512 -0.0240 -0.0204 168 GLN A CA  
309 C C   . GLN A 43 ? 0.3112 0.1701 0.1603 -0.0440 -0.0240 -0.0312 168 GLN A C   
310 O O   . GLN A 43 ? 0.3194 0.1722 0.1606 -0.0465 -0.0244 -0.0378 168 GLN A O   
311 C CB  . GLN A 43 ? 0.2857 0.1873 0.1529 -0.0428 -0.0181 -0.0190 168 GLN A CB  
312 C CG  . GLN A 43 ? 0.2833 0.2081 0.1563 -0.0460 -0.0167 -0.0093 168 GLN A CG  
313 C CD  . GLN A 43 ? 0.3386 0.2732 0.2083 -0.0589 -0.0204 -0.0044 168 GLN A CD  
314 O OE1 . GLN A 43 ? 0.3246 0.2570 0.1902 -0.0621 -0.0215 -0.0089 168 GLN A OE1 
315 N NE2 . GLN A 43 ? 0.3234 0.2721 0.1942 -0.0674 -0.0227 0.0055  168 GLN A NE2 
316 N N   . LEU A 44 ? 0.3167 0.1670 0.1688 -0.0339 -0.0234 -0.0329 169 LEU A N   
317 C CA  . LEU A 44 ? 0.3509 0.1858 0.1987 -0.0238 -0.0227 -0.0420 169 LEU A CA  
318 C C   . LEU A 44 ? 0.4083 0.2129 0.2389 -0.0275 -0.0275 -0.0472 169 LEU A C   
319 O O   . LEU A 44 ? 0.4174 0.2119 0.2399 -0.0210 -0.0256 -0.0573 169 LEU A O   
320 C CB  . LEU A 44 ? 0.3089 0.1436 0.1641 -0.0128 -0.0225 -0.0403 169 LEU A CB  
321 C CG  . LEU A 44 ? 0.2881 0.1468 0.1565 -0.0089 -0.0187 -0.0382 169 LEU A CG  
322 C CD1 . LEU A 44 ? 0.3169 0.1755 0.1900 -0.0013 -0.0207 -0.0356 169 LEU A CD1 
323 C CD2 . LEU A 44 ? 0.3337 0.2054 0.2069 -0.0050 -0.0141 -0.0439 169 LEU A CD2 
324 N N   . VAL A 45 ? 0.3920 0.1815 0.2152 -0.0384 -0.0338 -0.0403 170 VAL A N   
325 C CA  . VAL A 45 ? 0.4020 0.1558 0.2054 -0.0453 -0.0403 -0.0446 170 VAL A CA  
326 C C   . VAL A 45 ? 0.4285 0.1827 0.2213 -0.0547 -0.0407 -0.0519 170 VAL A C   
327 O O   . VAL A 45 ? 0.4450 0.1693 0.2187 -0.0539 -0.0434 -0.0626 170 VAL A O   
328 C CB  . VAL A 45 ? 0.4362 0.1776 0.2340 -0.0607 -0.0481 -0.0325 170 VAL A CB  
329 C CG1 . VAL A 45 ? 0.5605 0.2627 0.3349 -0.0737 -0.0566 -0.0365 170 VAL A CG1 
330 C CG2 . VAL A 45 ? 0.4405 0.1754 0.2437 -0.0508 -0.0488 -0.0261 170 VAL A CG2 
331 N N   . ASP A 46 ? 0.4038 0.1913 0.2072 -0.0624 -0.0382 -0.0464 171 ASP A N   
332 C CA  A ASP A 46 ? 0.4326 0.2269 0.2272 -0.0718 -0.0390 -0.0511 171 ASP A CA  
333 C CA  B ASP A 46 ? 0.4392 0.2347 0.2345 -0.0717 -0.0388 -0.0509 171 ASP A CA  
334 C C   . ASP A 46 ? 0.4588 0.2554 0.2512 -0.0580 -0.0324 -0.0634 171 ASP A C   
335 O O   . ASP A 46 ? 0.4638 0.2592 0.2432 -0.0636 -0.0332 -0.0706 171 ASP A O   
336 C CB  A ASP A 46 ? 0.4615 0.2934 0.2699 -0.0816 -0.0381 -0.0395 171 ASP A CB  
337 C CB  B ASP A 46 ? 0.4526 0.2871 0.2631 -0.0796 -0.0371 -0.0394 171 ASP A CB  
338 C CG  A ASP A 46 ? 0.5549 0.3889 0.3593 -0.1011 -0.0460 -0.0288 171 ASP A CG  
339 C CG  B ASP A 46 ? 0.4609 0.3085 0.2645 -0.0897 -0.0387 -0.0414 171 ASP A CG  
340 O OD1 A ASP A 46 ? 0.5797 0.3820 0.3660 -0.1124 -0.0537 -0.0318 171 ASP A OD1 
341 O OD1 B ASP A 46 ? 0.4926 0.3242 0.2789 -0.1053 -0.0464 -0.0435 171 ASP A OD1 
342 O OD2 A ASP A 46 ? 0.5822 0.4494 0.4008 -0.1054 -0.0444 -0.0167 171 ASP A OD2 
343 O OD2 B ASP A 46 ? 0.4596 0.3327 0.2736 -0.0833 -0.0332 -0.0401 171 ASP A OD2 
344 N N   . LYS A 47 ? 0.4180 0.2206 0.2221 -0.0410 -0.0264 -0.0651 172 LYS A N   
345 C CA  . LYS A 47 ? 0.3700 0.1826 0.1749 -0.0280 -0.0194 -0.0743 172 LYS A CA  
346 C C   . LYS A 47 ? 0.4563 0.2399 0.2465 -0.0146 -0.0188 -0.0865 172 LYS A C   
347 O O   . LYS A 47 ? 0.4154 0.2085 0.2051 -0.0015 -0.0123 -0.0945 172 LYS A O   
348 C CB  . LYS A 47 ? 0.3391 0.1799 0.1658 -0.0189 -0.0136 -0.0683 172 LYS A CB  
349 C CG  . LYS A 47 ? 0.3655 0.2273 0.2051 -0.0280 -0.0143 -0.0567 172 LYS A CG  
350 C CD  . LYS A 47 ? 0.4342 0.3080 0.2688 -0.0398 -0.0156 -0.0544 172 LYS A CD  
351 C CE  . LYS A 47 ? 0.4221 0.3145 0.2684 -0.0460 -0.0164 -0.0422 172 LYS A CE  
352 N NZ  . LYS A 47 ? 0.3875 0.2956 0.2305 -0.0566 -0.0184 -0.0377 172 LYS A NZ  
353 N N   . ILE A 48 ? 0.4550 0.2034 0.2327 -0.0173 -0.0256 -0.0869 173 ILE A N   
354 C CA  . ILE A 48 ? 0.5061 0.2183 0.2654 -0.0038 -0.0262 -0.0989 173 ILE A CA  
355 C C   . ILE A 48 ? 0.5726 0.2738 0.3091 -0.0073 -0.0254 -0.1127 173 ILE A C   
356 O O   . ILE A 48 ? 0.5723 0.2660 0.2961 -0.0275 -0.0319 -0.1121 173 ILE A O   
357 C CB  . ILE A 48 ? 0.5343 0.2054 0.2816 -0.0097 -0.0356 -0.0946 173 ILE A CB  
358 C CG1 . ILE A 48 ? 0.4921 0.1752 0.2597 -0.0026 -0.0354 -0.0821 173 ILE A CG1 
359 C CG2 . ILE A 48 ? 0.6002 0.2235 0.3217 0.0029  -0.0376 -0.1087 173 ILE A CG2 
360 C CD1 . ILE A 48 ? 0.5539 0.2066 0.3134 -0.0139 -0.0451 -0.0724 173 ILE A CD1 
361 N N   . GLY A 49 ? 0.5334 0.2382 0.2647 0.0120  -0.0175 -0.1247 174 GLY A N   
362 C CA  . GLY A 49 ? 0.5418 0.2428 0.2509 0.0105  -0.0151 -0.1386 174 GLY A CA  
363 C C   . GLY A 49 ? 0.5042 0.2553 0.2276 0.0078  -0.0077 -0.1351 174 GLY A C   
364 O O   . GLY A 49 ? 0.4985 0.2542 0.2047 0.0053  -0.0051 -0.1448 174 GLY A O   
365 N N   . ASP A 50 ? 0.4059 0.1923 0.1587 0.0075  -0.0047 -0.1210 175 ASP A N   
366 C CA  . ASP A 50 ? 0.3752 0.2057 0.1424 0.0060  0.0020  -0.1157 175 ASP A CA  
367 C C   . ASP A 50 ? 0.4237 0.2769 0.2040 0.0261  0.0112  -0.1174 175 ASP A C   
368 O O   . ASP A 50 ? 0.3866 0.2282 0.1729 0.0399  0.0115  -0.1180 175 ASP A O   
369 C CB  . ASP A 50 ? 0.3583 0.2110 0.1472 -0.0074 -0.0010 -0.0992 175 ASP A CB  
370 C CG  . ASP A 50 ? 0.4311 0.2763 0.2115 -0.0270 -0.0088 -0.0946 175 ASP A CG  
371 O OD1 . ASP A 50 ? 0.5145 0.3390 0.2715 -0.0341 -0.0128 -0.1039 175 ASP A OD1 
372 O OD2 . ASP A 50 ? 0.4437 0.3047 0.2401 -0.0353 -0.0110 -0.0816 175 ASP A OD2 
373 N N   . GLU A 51 ? 0.3540 0.2429 0.1398 0.0269  0.0181  -0.1162 176 GLU A N   
374 C CA  . GLU A 51 ? 0.3603 0.2799 0.1610 0.0428  0.0268  -0.1149 176 GLU A CA  
375 C C   . GLU A 51 ? 0.3568 0.3013 0.1858 0.0377  0.0257  -0.0992 176 GLU A C   
376 O O   . GLU A 51 ? 0.2984 0.2642 0.1427 0.0489  0.0298  -0.0959 176 GLU A O   
377 C CB  . GLU A 51 ? 0.3615 0.3115 0.1548 0.0447  0.0349  -0.1192 176 GLU A CB  
378 C CG  . GLU A 51 ? 0.4141 0.3416 0.1762 0.0543  0.0379  -0.1379 176 GLU A CG  
379 C CD  . GLU A 51 ? 0.4763 0.4404 0.2316 0.0601  0.0479  -0.1423 176 GLU A CD  
380 O OE1 . GLU A 51 ? 0.4685 0.4663 0.2347 0.0459  0.0488  -0.1301 176 GLU A OE1 
381 O OE2 . GLU A 51 ? 0.5067 0.4655 0.2443 0.0797  0.0551  -0.1575 176 GLU A OE2 
382 N N   . SER A 52 ? 0.2914 0.2340 0.1265 0.0208  0.0200  -0.0896 177 SER A N   
383 C CA  . SER A 52 ? 0.2870 0.2473 0.1438 0.0152  0.0184  -0.0766 177 SER A CA  
384 C C   . SER A 52 ? 0.3246 0.2693 0.1825 0.0022  0.0116  -0.0697 177 SER A C   
385 O O   . SER A 52 ? 0.3293 0.2595 0.1740 -0.0052 0.0084  -0.0723 177 SER A O   
386 C CB  . SER A 52 ? 0.3221 0.3176 0.1880 0.0102  0.0231  -0.0692 177 SER A CB  
387 O OG  . SER A 52 ? 0.3528 0.3503 0.2093 -0.0013 0.0221  -0.0670 177 SER A OG  
388 N N   . THR A 53 ? 0.2732 0.2231 0.1458 -0.0006 0.0093  -0.0608 178 THR A N   
389 C CA  . THR A 53 ? 0.2499 0.1910 0.1244 -0.0102 0.0046  -0.0538 178 THR A CA  
390 C C   . THR A 53 ? 0.2906 0.2460 0.1781 -0.0142 0.0047  -0.0447 178 THR A C   
391 O O   . THR A 53 ? 0.2660 0.2333 0.1623 -0.0110 0.0061  -0.0434 178 THR A O   
392 C CB  . THR A 53 ? 0.2870 0.2060 0.1593 -0.0086 0.0001  -0.0547 178 THR A CB  
393 O OG1 . THR A 53 ? 0.3188 0.2355 0.1929 -0.0168 -0.0030 -0.0475 178 THR A OG1 
394 C CG2 . THR A 53 ? 0.2698 0.1905 0.1519 -0.0006 -0.0002 -0.0537 178 THR A CG2 
395 N N   . THR A 54 ? 0.2661 0.2202 0.1539 -0.0212 0.0028  -0.0380 179 THR A N   
396 C CA  . THR A 54 ? 0.1929 0.1517 0.0890 -0.0247 0.0019  -0.0301 179 THR A CA  
397 C C   . THR A 54 ? 0.2223 0.1663 0.1196 -0.0235 -0.0012 -0.0283 179 THR A C   
398 O O   . THR A 54 ? 0.2841 0.2222 0.1775 -0.0239 -0.0022 -0.0266 179 THR A O   
399 C CB  . THR A 54 ? 0.2130 0.1803 0.1079 -0.0307 0.0024  -0.0226 179 THR A CB  
400 O OG1 . THR A 54 ? 0.2319 0.2161 0.1236 -0.0322 0.0059  -0.0244 179 THR A OG1 
401 C CG2 . THR A 54 ? 0.2292 0.1941 0.1298 -0.0344 0.0006  -0.0147 179 THR A CG2 
402 N N   . ILE A 55 ? 0.2258 0.1668 0.1275 -0.0225 -0.0028 -0.0283 180 ILE A N   
403 C CA  A ILE A 55 ? 0.2293 0.1571 0.1292 -0.0209 -0.0054 -0.0279 180 ILE A CA  
404 C CA  B ILE A 55 ? 0.2445 0.1721 0.1442 -0.0209 -0.0053 -0.0277 180 ILE A CA  
405 C C   . ILE A 55 ? 0.2723 0.1932 0.1717 -0.0241 -0.0069 -0.0235 180 ILE A C   
406 O O   . ILE A 55 ? 0.2402 0.1656 0.1429 -0.0296 -0.0082 -0.0212 180 ILE A O   
407 C CB  A ILE A 55 ? 0.1848 0.1105 0.0864 -0.0178 -0.0076 -0.0315 180 ILE A CB  
408 C CB  B ILE A 55 ? 0.1958 0.1199 0.0964 -0.0173 -0.0073 -0.0316 180 ILE A CB  
409 C CG1 A ILE A 55 ? 0.2587 0.1862 0.1598 -0.0130 -0.0065 -0.0357 180 ILE A CG1 
410 C CG1 B ILE A 55 ? 0.2085 0.1420 0.1153 -0.0192 -0.0090 -0.0314 180 ILE A CG1 
411 C CG2 A ILE A 55 ? 0.1842 0.0980 0.0807 -0.0159 -0.0095 -0.0315 180 ILE A CG2 
412 C CG2 B ILE A 55 ? 0.2152 0.1376 0.1131 -0.0134 -0.0067 -0.0353 180 ILE A CG2 
413 C CD1 A ILE A 55 ? 0.2525 0.1738 0.1533 -0.0083 -0.0094 -0.0371 180 ILE A CD1 
414 C CD1 B ILE A 55 ? 0.3284 0.2601 0.2362 -0.0163 -0.0124 -0.0331 180 ILE A CD1 
415 N N   . THR A 56 ? 0.2386 0.1486 0.1331 -0.0205 -0.0069 -0.0218 181 THR A N   
416 C CA  . THR A 56 ? 0.2273 0.1227 0.1173 -0.0206 -0.0085 -0.0194 181 THR A CA  
417 C C   . THR A 56 ? 0.2624 0.1460 0.1468 -0.0194 -0.0112 -0.0248 181 THR A C   
418 O O   . THR A 56 ? 0.2697 0.1540 0.1515 -0.0140 -0.0101 -0.0277 181 THR A O   
419 C CB  . THR A 56 ? 0.2364 0.1272 0.1230 -0.0134 -0.0063 -0.0151 181 THR A CB  
420 O OG1 . THR A 56 ? 0.2330 0.1386 0.1243 -0.0155 -0.0048 -0.0095 181 THR A OG1 
421 C CG2 . THR A 56 ? 0.2669 0.1357 0.1458 -0.0109 -0.0081 -0.0133 181 THR A CG2 
422 N N   . VAL A 57 ? 0.2745 0.1478 0.1557 -0.0262 -0.0153 -0.0253 182 VAL A N   
423 C CA  . VAL A 57 ? 0.2658 0.1289 0.1396 -0.0273 -0.0192 -0.0309 182 VAL A CA  
424 C C   . VAL A 57 ? 0.2614 0.0967 0.1212 -0.0296 -0.0229 -0.0328 182 VAL A C   
425 O O   . VAL A 57 ? 0.2988 0.1227 0.1571 -0.0330 -0.0239 -0.0279 182 VAL A O   
426 C CB  . VAL A 57 ? 0.3065 0.1856 0.1880 -0.0355 -0.0230 -0.0310 182 VAL A CB  
427 C CG1 . VAL A 57 ? 0.2587 0.1582 0.1504 -0.0298 -0.0195 -0.0309 182 VAL A CG1 
428 C CG2 . VAL A 57 ? 0.3102 0.1945 0.1969 -0.0471 -0.0259 -0.0255 182 VAL A CG2 
429 N N   . ALA A 58 ? 0.2758 0.0976 0.1233 -0.0276 -0.0254 -0.0397 183 ALA A N   
430 C CA  . ALA A 58 ? 0.3432 0.1330 0.1727 -0.0309 -0.0302 -0.0441 183 ALA A CA  
431 C C   . ALA A 58 ? 0.3680 0.1582 0.1914 -0.0417 -0.0374 -0.0491 183 ALA A C   
432 O O   . ALA A 58 ? 0.3849 0.1814 0.2033 -0.0362 -0.0367 -0.0543 183 ALA A O   
433 C CB  . ALA A 58 ? 0.4246 0.1951 0.2393 -0.0147 -0.0254 -0.0496 183 ALA A CB  
434 N N   . PRO A 59 ? 0.3949 0.1829 0.2197 -0.0584 -0.0450 -0.0459 184 PRO A N   
435 C CA  . PRO A 59 ? 0.3787 0.1724 0.1995 -0.0717 -0.0536 -0.0485 184 PRO A CA  
436 C C   . PRO A 59 ? 0.4101 0.1754 0.2056 -0.0687 -0.0568 -0.0598 184 PRO A C   
437 O O   . PRO A 59 ? 0.4471 0.1812 0.2256 -0.0585 -0.0537 -0.0655 184 PRO A O   
438 C CB  . PRO A 59 ? 0.4671 0.2549 0.2892 -0.0914 -0.0614 -0.0420 184 PRO A CB  
439 C CG  . PRO A 59 ? 0.5689 0.3671 0.4055 -0.0876 -0.0550 -0.0333 184 PRO A CG  
440 C CD  . PRO A 59 ? 0.4899 0.2751 0.3216 -0.0673 -0.0462 -0.0373 184 PRO A CD  
441 N N   . PHE A 60 ? 0.3709 0.1488 0.1628 -0.0761 -0.0630 -0.0627 185 PHE A N   
442 C CA  . PHE A 60 ? 0.4796 0.2344 0.2449 -0.0747 -0.0668 -0.0741 185 PHE A CA  
443 C C   . PHE A 60 ? 0.5423 0.2493 0.2811 -0.0815 -0.0725 -0.0818 185 PHE A C   
444 O O   . PHE A 60 ? 0.5348 0.2315 0.2741 -0.0998 -0.0808 -0.0772 185 PHE A O   
445 C CB  . PHE A 60 ? 0.4914 0.2693 0.2580 -0.0876 -0.0758 -0.0733 185 PHE A CB  
446 C CG  . PHE A 60 ? 0.5087 0.2689 0.2471 -0.0867 -0.0798 -0.0848 185 PHE A CG  
447 C CD1 . PHE A 60 ? 0.6155 0.3901 0.3515 -0.0716 -0.0731 -0.0870 185 PHE A CD1 
448 C CD2 . PHE A 60 ? 0.6077 0.3366 0.3197 -0.1024 -0.0906 -0.0934 185 PHE A CD2 
449 C CE1 . PHE A 60 ? 0.6438 0.4054 0.3520 -0.0706 -0.0761 -0.0975 185 PHE A CE1 
450 C CE2 . PHE A 60 ? 0.6229 0.3349 0.3052 -0.1014 -0.0943 -0.1057 185 PHE A CE2 
451 C CZ  . PHE A 60 ? 0.6446 0.3750 0.3252 -0.0848 -0.0864 -0.1078 185 PHE A CZ  
452 N N   . GLY A 61 ? 0.5266 0.2037 0.2414 -0.0662 -0.0678 -0.0931 186 GLY A N   
453 C CA  . GLY A 61 ? 0.6614 0.2855 0.3443 -0.0692 -0.0735 -0.1037 186 GLY A CA  
454 C C   . GLY A 61 ? 0.6937 0.2890 0.3772 -0.0644 -0.0709 -0.0990 186 GLY A C   
455 O O   . GLY A 61 ? 0.7331 0.2773 0.3893 -0.0653 -0.0758 -0.1068 186 GLY A O   
456 N N   . SER A 62 ? 0.6103 0.2360 0.3232 -0.0590 -0.0639 -0.0863 187 SER A N   
457 C CA  . SER A 62 ? 0.7051 0.3107 0.4217 -0.0545 -0.0615 -0.0790 187 SER A CA  
458 C C   . SER A 62 ? 0.7007 0.3234 0.4295 -0.0292 -0.0483 -0.0759 187 SER A C   
459 O O   . SER A 62 ? 0.6457 0.3068 0.3902 -0.0217 -0.0416 -0.0744 187 SER A O   
460 C CB  . SER A 62 ? 0.7182 0.3458 0.4572 -0.0750 -0.0666 -0.0646 187 SER A CB  
461 O OG  . SER A 62 ? 0.8061 0.4197 0.5498 -0.0705 -0.0639 -0.0555 187 SER A OG  
462 N N   . ASP A 63 ? 0.8100 0.4034 0.5308 -0.0171 -0.0455 -0.0738 188 ASP A N   
463 C CA  . ASP A 63 ? 0.8720 0.4844 0.6059 0.0053  -0.0343 -0.0683 188 ASP A CA  
464 C C   . ASP A 63 ? 0.7249 0.3608 0.4835 -0.0021 -0.0337 -0.0527 188 ASP A C   
465 O O   . ASP A 63 ? 0.7395 0.4007 0.5131 0.0112  -0.0258 -0.0457 188 ASP A O   
466 C CB  . ASP A 63 ? 1.1389 0.7095 0.8499 0.0272  -0.0308 -0.0743 188 ASP A CB  
467 C CG  . ASP A 63 ? 1.3477 0.8637 1.0393 0.0174  -0.0405 -0.0739 188 ASP A CG  
468 O OD1 . ASP A 63 ? 1.3850 0.9011 1.0833 -0.0084 -0.0497 -0.0669 188 ASP A OD1 
469 O OD2 . ASP A 63 ? 1.4616 0.9344 1.1306 0.0359  -0.0389 -0.0797 188 ASP A OD2 
470 N N   . GLN A 64 ? 0.6701 0.3001 0.4318 -0.0245 -0.0423 -0.0467 189 GLN A N   
471 C CA  . GLN A 64 ? 0.6499 0.3011 0.4316 -0.0332 -0.0422 -0.0320 189 GLN A CA  
472 C C   . GLN A 64 ? 0.5215 0.2256 0.3280 -0.0343 -0.0364 -0.0281 189 GLN A C   
473 O O   . GLN A 64 ? 0.5865 0.3113 0.3996 -0.0450 -0.0388 -0.0311 189 GLN A O   
474 C CB  . GLN A 64 ? 0.7694 0.4042 0.5470 -0.0584 -0.0529 -0.0258 189 GLN A CB  
475 C CG  . GLN A 64 ? 1.0610 0.6357 0.8121 -0.0601 -0.0603 -0.0274 189 GLN A CG  
476 C CD  . GLN A 64 ? 1.2044 0.7616 0.9547 -0.0432 -0.0559 -0.0187 189 GLN A CD  
477 O OE1 . GLN A 64 ? 1.3036 0.8210 1.0341 -0.0244 -0.0545 -0.0251 189 GLN A OE1 
478 N NE2 . GLN A 64 ? 1.1808 0.7697 0.9520 -0.0485 -0.0536 -0.0036 189 GLN A NE2 
479 N N   . ARG A 65 ? 0.4212 0.1459 0.2405 -0.0229 -0.0295 -0.0211 190 ARG A N   
480 C CA  . ARG A 65 ? 0.3789 0.1468 0.2178 -0.0233 -0.0245 -0.0183 190 ARG A CA  
481 C C   . ARG A 65 ? 0.4117 0.1991 0.2633 -0.0376 -0.0263 -0.0085 190 ARG A C   
482 O O   . ARG A 65 ? 0.4086 0.1820 0.2573 -0.0430 -0.0291 0.0001  190 ARG A O   
483 C CB  . ARG A 65 ? 0.4408 0.2229 0.2851 -0.0063 -0.0171 -0.0159 190 ARG A CB  
484 C CG  . ARG A 65 ? 0.4967 0.2691 0.3302 0.0095  -0.0133 -0.0239 190 ARG A CG  
485 C CD  . ARG A 65 ? 0.4690 0.2507 0.3063 0.0265  -0.0072 -0.0178 190 ARG A CD  
486 N NE  . ARG A 65 ? 0.4488 0.2685 0.3032 0.0241  -0.0040 -0.0115 190 ARG A NE  
487 C CZ  . ARG A 65 ? 0.4448 0.2876 0.3041 0.0296  0.0002  -0.0130 190 ARG A CZ  
488 N NH1 . ARG A 65 ? 0.4502 0.2870 0.3000 0.0390  0.0029  -0.0200 190 ARG A NH1 
489 N NH2 . ARG A 65 ? 0.3804 0.2517 0.2521 0.0244  0.0015  -0.0075 190 ARG A NH2 
490 N N   . ARG A 66 ? 0.2994 0.1193 0.1643 -0.0429 -0.0244 -0.0093 191 ARG A N   
491 C CA  . ARG A 66 ? 0.4019 0.2460 0.2782 -0.0532 -0.0240 -0.0011 191 ARG A CA  
492 C C   . ARG A 66 ? 0.3129 0.1889 0.2005 -0.0486 -0.0187 -0.0044 191 ARG A C   
493 O O   . ARG A 66 ? 0.2734 0.1521 0.1612 -0.0429 -0.0178 -0.0120 191 ARG A O   
494 C CB  . ARG A 66 ? 0.4318 0.2763 0.3088 -0.0709 -0.0305 0.0024  191 ARG A CB  
495 C CG  . ARG A 66 ? 0.5588 0.4241 0.4427 -0.0745 -0.0315 -0.0036 191 ARG A CG  
496 C CD  . ARG A 66 ? 0.7719 0.6503 0.6607 -0.0934 -0.0376 0.0031  191 ARG A CD  
497 N NE  . ARG A 66 ? 0.8890 0.7977 0.7891 -0.0941 -0.0376 -0.0001 191 ARG A NE  
498 C CZ  . ARG A 66 ? 0.9549 0.8564 0.8500 -0.0943 -0.0422 -0.0070 191 ARG A CZ  
499 N NH1 . ARG A 66 ? 1.0112 0.8752 0.8885 -0.0940 -0.0466 -0.0130 191 ARG A NH1 
500 N NH2 . ARG A 66 ? 0.9431 0.8750 0.8500 -0.0934 -0.0424 -0.0076 191 ARG A NH2 
501 N N   . ASP A 67 ? 0.2623 0.1600 0.1572 -0.0510 -0.0155 0.0012  192 ASP A N   
502 C CA  . ASP A 67 ? 0.2460 0.1687 0.1479 -0.0466 -0.0108 -0.0031 192 ASP A CA  
503 C C   . ASP A 67 ? 0.2805 0.2247 0.1903 -0.0528 -0.0108 -0.0040 192 ASP A C   
504 O O   . ASP A 67 ? 0.2594 0.2109 0.1720 -0.0637 -0.0133 0.0029  192 ASP A O   
505 C CB  . ASP A 67 ? 0.2407 0.1762 0.1429 -0.0456 -0.0074 0.0020  192 ASP A CB  
506 C CG  . ASP A 67 ? 0.2478 0.1731 0.1457 -0.0373 -0.0066 0.0028  192 ASP A CG  
507 O OD1 . ASP A 67 ? 0.2381 0.1501 0.1333 -0.0305 -0.0071 -0.0020 192 ASP A OD1 
508 O OD2 . ASP A 67 ? 0.2529 0.1876 0.1504 -0.0376 -0.0055 0.0092  192 ASP A OD2 
509 N N   . VAL A 68 ? 0.2445 0.1995 0.1577 -0.0454 -0.0084 -0.0113 193 VAL A N   
510 C CA  . VAL A 68 ? 0.2215 0.2022 0.1434 -0.0459 -0.0067 -0.0122 193 VAL A CA  
511 C C   . VAL A 68 ? 0.1982 0.1884 0.1193 -0.0354 -0.0011 -0.0188 193 VAL A C   
512 O O   . VAL A 68 ? 0.2544 0.2290 0.1696 -0.0291 -0.0011 -0.0240 193 VAL A O   
513 C CB  . VAL A 68 ? 0.2761 0.2573 0.2021 -0.0462 -0.0110 -0.0146 193 VAL A CB  
514 C CG1 . VAL A 68 ? 0.3105 0.2771 0.2328 -0.0585 -0.0178 -0.0101 193 VAL A CG1 
515 C CG2 . VAL A 68 ? 0.3319 0.2976 0.2532 -0.0359 -0.0111 -0.0219 193 VAL A CG2 
516 N N   . LYS A 69 ? 0.2243 0.2399 0.1496 -0.0342 0.0033  -0.0184 194 LYS A N   
517 C CA  . LYS A 69 ? 0.2368 0.2567 0.1572 -0.0234 0.0084  -0.0267 194 LYS A CA  
518 C C   . LYS A 69 ? 0.3026 0.3269 0.2278 -0.0123 0.0089  -0.0324 194 LYS A C   
519 O O   . LYS A 69 ? 0.3012 0.3469 0.2375 -0.0127 0.0085  -0.0283 194 LYS A O   
520 C CB  . LYS A 69 ? 0.2661 0.3114 0.1853 -0.0246 0.0142  -0.0250 194 LYS A CB  
521 C CG  . LYS A 69 ? 0.4058 0.4454 0.3157 -0.0311 0.0144  -0.0218 194 LYS A CG  
522 C CD  . LYS A 69 ? 0.4158 0.4455 0.3125 -0.0243 0.0166  -0.0320 194 LYS A CD  
523 C CE  . LYS A 69 ? 0.5091 0.5440 0.3971 -0.0318 0.0169  -0.0273 194 LYS A CE  
524 N NZ  . LYS A 69 ? 0.5709 0.5982 0.4432 -0.0283 0.0180  -0.0376 194 LYS A NZ  
525 N N   . LEU A 70 ? 0.2517 0.2562 0.1686 -0.0031 0.0089  -0.0404 195 LEU A N   
526 C CA  . LEU A 70 ? 0.2331 0.2382 0.1523 0.0101  0.0096  -0.0456 195 LEU A CA  
527 C C   . LEU A 70 ? 0.2520 0.2608 0.1624 0.0214  0.0159  -0.0542 195 LEU A C   
528 O O   . LEU A 70 ? 0.2923 0.2847 0.1888 0.0192  0.0166  -0.0596 195 LEU A O   
529 C CB  . LEU A 70 ? 0.2401 0.2165 0.1538 0.0126  0.0045  -0.0478 195 LEU A CB  
530 C CG  . LEU A 70 ? 0.2778 0.2479 0.1959 0.0042  -0.0012 -0.0417 195 LEU A CG  
531 C CD1 . LEU A 70 ? 0.3062 0.2547 0.2188 0.0089  -0.0050 -0.0434 195 LEU A CD1 
532 C CD2 . LEU A 70 ? 0.3448 0.3377 0.2752 0.0013  -0.0030 -0.0362 195 LEU A CD2 
533 N N   . ASP A 71 ? 0.2199 0.2514 0.1376 0.0340  0.0203  -0.0556 196 ASP A N   
534 C CA  . ASP A 71 ? 0.2404 0.2742 0.1475 0.0491  0.0273  -0.0658 196 ASP A CA  
535 C C   . ASP A 71 ? 0.3186 0.3177 0.2150 0.0629  0.0247  -0.0743 196 ASP A C   
536 O O   . ASP A 71 ? 0.3597 0.3609 0.2657 0.0730  0.0225  -0.0713 196 ASP A O   
537 C CB  . ASP A 71 ? 0.2625 0.3409 0.1833 0.0590  0.0340  -0.0625 196 ASP A CB  
538 C CG  . ASP A 71 ? 0.4158 0.5006 0.3241 0.0776  0.0432  -0.0740 196 ASP A CG  
539 O OD1 . ASP A 71 ? 0.4333 0.4811 0.3205 0.0833  0.0428  -0.0861 196 ASP A OD1 
540 O OD2 . ASP A 71 ? 0.4019 0.5296 0.3206 0.0861  0.0505  -0.0710 196 ASP A OD2 
541 N N   . LEU A 72 ? 0.3253 0.2923 0.2009 0.0622  0.0240  -0.0837 197 LEU A N   
542 C CA  . LEU A 72 ? 0.3326 0.2595 0.1945 0.0715  0.0198  -0.0908 197 LEU A CA  
543 C C   . LEU A 72 ? 0.3491 0.2637 0.1942 0.0913  0.0255  -0.1045 197 LEU A C   
544 O O   . LEU A 72 ? 0.4597 0.3324 0.2872 0.0978  0.0217  -0.1122 197 LEU A O   
545 C CB  . LEU A 72 ? 0.3068 0.2012 0.1548 0.0548  0.0131  -0.0914 197 LEU A CB  
546 C CG  . LEU A 72 ? 0.2760 0.1801 0.1369 0.0376  0.0085  -0.0795 197 LEU A CG  
547 C CD1 . LEU A 72 ? 0.3293 0.2089 0.1773 0.0232  0.0031  -0.0795 197 LEU A CD1 
548 C CD2 . LEU A 72 ? 0.3210 0.2278 0.1962 0.0414  0.0049  -0.0718 197 LEU A CD2 
549 N N   . ARG A 73 ? 0.3721 0.3219 0.2212 0.1008  0.0347  -0.1073 198 ARG A N   
550 C CA  . ARG A 73 ? 0.4826 0.4234 0.3129 0.1220  0.0420  -0.1223 198 ARG A CA  
551 C C   . ARG A 73 ? 0.5182 0.4333 0.3456 0.1457  0.0408  -0.1267 198 ARG A C   
552 O O   . ARG A 73 ? 0.5940 0.4714 0.3964 0.1603  0.0420  -0.1411 198 ARG A O   
553 C CB  . ARG A 73 ? 0.4759 0.4702 0.3157 0.1304  0.0532  -0.1216 198 ARG A CB  
554 C CG  . ARG A 73 ? 0.5487 0.5640 0.3838 0.1109  0.0555  -0.1195 198 ARG A CG  
555 C CD  . ARG A 73 ? 0.6331 0.7097 0.4899 0.1114  0.0633  -0.1088 198 ARG A CD  
556 N NE  . ARG A 73 ? 0.8407 0.9413 0.6889 0.0997  0.0683  -0.1085 198 ARG A NE  
557 C CZ  . ARG A 73 ? 0.9863 1.1405 0.8492 0.0969  0.0752  -0.0985 198 ARG A CZ  
558 N NH1 . ARG A 73 ? 1.0097 1.2004 0.8972 0.1041  0.0775  -0.0884 198 ARG A NH1 
559 N NH2 . ARG A 73 ? 1.0398 1.2135 0.8926 0.0856  0.0791  -0.0972 198 ARG A NH2 
560 N N   . HIS A 74 ? 0.4693 0.4031 0.3205 0.1493  0.0378  -0.1140 199 HIS A N   
561 C CA  . HIS A 74 ? 0.6028 0.5193 0.4548 0.1734  0.0365  -0.1147 199 HIS A CA  
562 C C   . HIS A 74 ? 0.5802 0.4652 0.4352 0.1626  0.0248  -0.1055 199 HIS A C   
563 O O   . HIS A 74 ? 0.5511 0.4338 0.4152 0.1774  0.0217  -0.0991 199 HIS A O   
564 C CB  . HIS A 74 ? 0.6944 0.6674 0.5722 0.1915  0.0434  -0.1066 199 HIS A CB  
565 C CG  . HIS A 74 ? 0.7959 0.8090 0.6732 0.2018  0.0559  -0.1133 199 HIS A CG  
566 N ND1 . HIS A 74 ? 0.8828 0.8857 0.7420 0.2305  0.0647  -0.1281 199 HIS A ND1 
567 C CD2 . HIS A 74 ? 0.8150 0.8779 0.7054 0.1874  0.0611  -0.1068 199 HIS A CD2 
568 C CE1 . HIS A 74 ? 0.8881 0.9375 0.7502 0.2336  0.0758  -0.1306 199 HIS A CE1 
569 N NE2 . HIS A 74 ? 0.8473 0.9340 0.7288 0.2066  0.0733  -0.1167 199 HIS A NE2 
570 N N   . TRP A 75 ? 0.5019 0.3657 0.3489 0.1371  0.0185  -0.1039 200 TRP A N   
571 C CA  . TRP A 75 ? 0.4309 0.2704 0.2797 0.1237  0.0083  -0.0945 200 TRP A CA  
572 C C   . TRP A 75 ? 0.5070 0.2891 0.3327 0.1305  0.0022  -0.1003 200 TRP A C   
573 O O   . TRP A 75 ? 0.6303 0.3799 0.4320 0.1285  0.0024  -0.1124 200 TRP A O   
574 C CB  . TRP A 75 ? 0.4415 0.2845 0.2904 0.0962  0.0052  -0.0906 200 TRP A CB  
575 C CG  . TRP A 75 ? 0.4146 0.2434 0.2673 0.0817  -0.0033 -0.0803 200 TRP A CG  
576 C CD1 . TRP A 75 ? 0.4465 0.2826 0.3122 0.0855  -0.0076 -0.0701 200 TRP A CD1 
577 C CD2 . TRP A 75 ? 0.4039 0.2149 0.2473 0.0609  -0.0083 -0.0780 200 TRP A CD2 
578 N NE1 . TRP A 75 ? 0.4702 0.2923 0.3335 0.0688  -0.0142 -0.0628 200 TRP A NE1 
579 C CE2 . TRP A 75 ? 0.4390 0.2471 0.2897 0.0541  -0.0144 -0.0671 200 TRP A CE2 
580 C CE3 . TRP A 75 ? 0.4400 0.2407 0.2696 0.0474  -0.0084 -0.0836 200 TRP A CE3 
581 C CZ2 . TRP A 75 ? 0.4521 0.2497 0.2979 0.0358  -0.0192 -0.0616 200 TRP A CZ2 
582 C CZ3 . TRP A 75 ? 0.4555 0.2465 0.2819 0.0285  -0.0142 -0.0771 200 TRP A CZ3 
583 C CH2 . TRP A 75 ? 0.4776 0.2682 0.3125 0.0236  -0.0189 -0.0662 200 TRP A CH2 
584 N N   . ALA A 76 ? 0.5359 0.3041 0.3670 0.1368  -0.0042 -0.0910 201 ALA A N   
585 C CA  . ALA A 76 ? 0.6376 0.3485 0.4470 0.1415  -0.0114 -0.0933 201 ALA A CA  
586 C C   . ALA A 76 ? 0.7094 0.4123 0.5272 0.1351  -0.0205 -0.0776 201 ALA A C   
587 O O   . ALA A 76 ? 0.7480 0.4832 0.5866 0.1444  -0.0202 -0.0677 201 ALA A O   
588 C CB  . ALA A 76 ? 0.6435 0.3344 0.4414 0.1732  -0.0069 -0.1038 201 ALA A CB  
589 N N   . PHE A 77 ? 0.6696 0.3322 0.4708 0.1175  -0.0290 -0.0746 202 PHE A N   
590 C CA  . PHE A 77 ? 0.6699 0.3205 0.4746 0.1108  -0.0379 -0.0593 202 PHE A CA  
591 C C   . PHE A 77 ? 0.7238 0.3163 0.5021 0.0982  -0.0469 -0.0591 202 PHE A C   
592 O O   . PHE A 77 ? 0.6688 0.2388 0.4291 0.0874  -0.0469 -0.0699 202 PHE A O   
593 C CB  . PHE A 77 ? 0.6046 0.2956 0.4273 0.0905  -0.0383 -0.0487 202 PHE A CB  
594 C CG  . PHE A 77 ? 0.5450 0.2320 0.3595 0.0652  -0.0394 -0.0503 202 PHE A CG  
595 C CD1 . PHE A 77 ? 0.6127 0.2796 0.4185 0.0468  -0.0470 -0.0406 202 PHE A CD1 
596 C CD2 . PHE A 77 ? 0.4895 0.1959 0.3056 0.0600  -0.0327 -0.0600 202 PHE A CD2 
597 C CE1 . PHE A 77 ? 0.5407 0.2103 0.3411 0.0247  -0.0479 -0.0405 202 PHE A CE1 
598 C CE2 . PHE A 77 ? 0.4902 0.1962 0.3000 0.0382  -0.0341 -0.0599 202 PHE A CE2 
599 C CZ  . PHE A 77 ? 0.5665 0.2555 0.3692 0.0211  -0.0417 -0.0503 202 PHE A CZ  
600 N N   . GLU A 78 ? 0.7588 0.3274 0.5336 0.0980  -0.0554 -0.0459 203 GLU A N   
601 C CA  . GLU A 78 ? 0.9021 0.4164 0.6525 0.0817  -0.0657 -0.0421 203 GLU A CA  
602 C C   . GLU A 78 ? 0.8577 0.3913 0.6122 0.0497  -0.0691 -0.0322 203 GLU A C   
603 O O   . GLU A 78 ? 0.7598 0.3135 0.5258 0.0424  -0.0722 -0.0167 203 GLU A O   
604 C CB  . GLU A 78 ? 1.0446 0.5246 0.7888 0.0941  -0.0740 -0.0296 203 GLU A CB  
605 C CG  . GLU A 78 ? 1.2044 0.6641 0.9447 0.1297  -0.0710 -0.0377 203 GLU A CG  
606 C CD  . GLU A 78 ? 1.3739 0.7856 1.1018 0.1409  -0.0812 -0.0251 203 GLU A CD  
607 O OE1 . GLU A 78 ? 1.4341 0.8055 1.1441 0.1183  -0.0917 -0.0158 203 GLU A OE1 
608 O OE2 . GLU A 78 ? 1.4346 0.8507 1.1709 0.1719  -0.0791 -0.0228 203 GLU A OE2 
609 N N   . PRO A 79 ? 0.8250 0.3547 0.5691 0.0316  -0.0683 -0.0407 204 PRO A N   
610 C CA  . PRO A 79 ? 0.8873 0.4454 0.6386 0.0043  -0.0695 -0.0321 204 PRO A CA  
611 C C   . PRO A 79 ? 0.9183 0.4639 0.6655 -0.0130 -0.0788 -0.0136 204 PRO A C   
612 O O   . PRO A 79 ? 0.8826 0.4649 0.6425 -0.0276 -0.0775 -0.0029 204 PRO A O   
613 C CB  . PRO A 79 ? 0.9001 0.4397 0.6335 -0.0103 -0.0708 -0.0437 204 PRO A CB  
614 C CG  . PRO A 79 ? 0.9060 0.4280 0.6300 0.0127  -0.0653 -0.0617 204 PRO A CG  
615 C CD  . PRO A 79 ? 0.9053 0.4024 0.6282 0.0365  -0.0670 -0.0587 204 PRO A CD  
616 N N   . ASP A 80 ? 0.9762 0.4700 0.7047 -0.0107 -0.0877 -0.0093 205 ASP A N   
617 C CA  . ASP A 80 ? 1.0870 0.5661 0.8091 -0.0299 -0.0976 0.0102  205 ASP A CA  
618 C C   . ASP A 80 ? 1.0292 0.5240 0.7643 -0.0166 -0.0982 0.0244  205 ASP A C   
619 O O   . ASP A 80 ? 1.0341 0.5354 0.7694 -0.0326 -0.1039 0.0425  205 ASP A O   
620 C CB  . ASP A 80 ? 1.2656 0.6751 0.9571 -0.0400 -0.1094 0.0101  205 ASP A CB  
621 C CG  . ASP A 80 ? 1.3527 0.7493 1.0286 -0.0617 -0.1117 -0.0005 205 ASP A CG  
622 O OD1 . ASP A 80 ? 1.3299 0.7748 1.0209 -0.0689 -0.1041 -0.0052 205 ASP A OD1 
623 O OD2 . ASP A 80 ? 1.4110 0.7477 1.0585 -0.0718 -0.1219 -0.0038 205 ASP A OD2 
624 N N   . LYS A 81 ? 0.9740 0.4792 0.7202 0.0117  -0.0926 0.0174  206 LYS A N   
625 C CA  . LYS A 81 ? 0.9250 0.4444 0.6825 0.0255  -0.0946 0.0309  206 LYS A CA  
626 C C   . LYS A 81 ? 0.8105 0.3872 0.5929 0.0393  -0.0856 0.0274  206 LYS A C   
627 O O   . LYS A 81 ? 0.8204 0.4165 0.6130 0.0481  -0.0876 0.0386  206 LYS A O   
628 C CB  . LYS A 81 ? 1.0857 0.5548 0.8301 0.0479  -0.1006 0.0318  206 LYS A CB  
629 C CG  . LYS A 81 ? 1.2171 0.6330 0.9397 0.0337  -0.1136 0.0471  206 LYS A CG  
630 C CD  . LYS A 81 ? 1.3630 0.7438 1.0799 0.0599  -0.1196 0.0550  206 LYS A CD  
631 C CE  . LYS A 81 ? 1.4656 0.8034 1.1646 0.0435  -0.1334 0.0766  206 LYS A CE  
632 N NZ  . LYS A 81 ? 1.5400 0.8511 1.2370 0.0705  -0.1394 0.0880  206 LYS A NZ  
633 N N   . GLU A 82 ? 0.7385 0.3417 0.5296 0.0396  -0.0767 0.0128  207 GLU A N   
634 C CA  . GLU A 82 ? 0.6680 0.3212 0.4808 0.0502  -0.0691 0.0093  207 GLU A CA  
635 C C   . GLU A 82 ? 0.5354 0.2244 0.3568 0.0337  -0.0631 0.0049  207 GLU A C   
636 O O   . GLU A 82 ? 0.5372 0.2159 0.3499 0.0188  -0.0624 0.0006  207 GLU A O   
637 C CB  . GLU A 82 ? 0.6618 0.3158 0.4798 0.0748  -0.0635 -0.0034 207 GLU A CB  
638 C CG  . GLU A 82 ? 0.8529 0.4743 0.6640 0.0973  -0.0684 0.0006  207 GLU A CG  
639 C CD  . GLU A 82 ? 0.9337 0.5596 0.7493 0.1239  -0.0612 -0.0125 207 GLU A CD  
640 O OE1 . GLU A 82 ? 0.8734 0.5245 0.6951 0.1219  -0.0529 -0.0247 207 GLU A OE1 
641 O OE2 . GLU A 82 ? 1.0311 0.6366 0.8438 0.1479  -0.0637 -0.0097 207 GLU A OE2 
642 N N   . ASP A 83 ? 0.5140 0.2438 0.3514 0.0365  -0.0593 0.0066  208 ASP A N   
643 C CA  . ASP A 83 ? 0.4819 0.2426 0.3267 0.0241  -0.0536 0.0025  208 ASP A CA  
644 C C   . ASP A 83 ? 0.3383 0.1118 0.1905 0.0316  -0.0465 -0.0110 208 ASP A C   
645 O O   . ASP A 83 ? 0.3974 0.1863 0.2599 0.0459  -0.0443 -0.0139 208 ASP A O   
646 C CB  . ASP A 83 ? 0.4386 0.2309 0.2925 0.0226  -0.0541 0.0095  208 ASP A CB  
647 C CG  . ASP A 83 ? 0.3998 0.2181 0.2584 0.0125  -0.0484 0.0049  208 ASP A CG  
648 O OD1 . ASP A 83 ? 0.3630 0.1786 0.2205 0.0070  -0.0442 -0.0022 208 ASP A OD1 
649 O OD2 . ASP A 83 ? 0.3860 0.2260 0.2479 0.0103  -0.0487 0.0081  208 ASP A OD2 
650 N N   . PRO A 84 ? 0.3904 0.1612 0.2379 0.0210  -0.0431 -0.0176 209 PRO A N   
651 C CA  . PRO A 84 ? 0.3589 0.1432 0.2118 0.0256  -0.0364 -0.0288 209 PRO A CA  
652 C C   . PRO A 84 ? 0.3927 0.2130 0.2616 0.0292  -0.0325 -0.0287 209 PRO A C   
653 O O   . PRO A 84 ? 0.3653 0.2002 0.2420 0.0383  -0.0282 -0.0346 209 PRO A O   
654 C CB  . PRO A 84 ? 0.4372 0.2206 0.2837 0.0093  -0.0352 -0.0306 209 PRO A CB  
655 C CG  . PRO A 84 ? 0.5144 0.2736 0.3486 -0.0020 -0.0418 -0.0228 209 PRO A CG  
656 C CD  . PRO A 84 ? 0.5012 0.2603 0.3383 0.0030  -0.0459 -0.0128 209 PRO A CD  
657 N N   . VAL A 85 ? 0.3186 0.1530 0.1909 0.0208  -0.0341 -0.0220 210 VAL A N   
658 C CA  . VAL A 85 ? 0.3439 0.2061 0.2274 0.0210  -0.0321 -0.0224 210 VAL A CA  
659 C C   . VAL A 85 ? 0.3269 0.2012 0.2194 0.0331  -0.0344 -0.0202 210 VAL A C   
660 O O   . VAL A 85 ? 0.3161 0.2124 0.2191 0.0361  -0.0319 -0.0230 210 VAL A O   
661 C CB  . VAL A 85 ? 0.3792 0.2492 0.2596 0.0111  -0.0335 -0.0174 210 VAL A CB  
662 C CG1 . VAL A 85 ? 0.3970 0.2881 0.2843 0.0104  -0.0333 -0.0190 210 VAL A CG1 
663 C CG2 . VAL A 85 ? 0.3435 0.2099 0.2187 0.0016  -0.0301 -0.0188 210 VAL A CG2 
664 N N   . SER A 86 ? 0.3362 0.1983 0.2251 0.0395  -0.0397 -0.0134 211 SER A N   
665 C CA  . SER A 86 ? 0.3534 0.2293 0.2518 0.0531  -0.0427 -0.0091 211 SER A CA  
666 C C   . SER A 86 ? 0.3622 0.2424 0.2672 0.0679  -0.0379 -0.0157 211 SER A C   
667 O O   . SER A 86 ? 0.3245 0.2337 0.2432 0.0764  -0.0371 -0.0142 211 SER A O   
668 C CB  . SER A 86 ? 0.4784 0.3354 0.3699 0.0589  -0.0496 0.0009  211 SER A CB  
669 O OG  . SER A 86 ? 0.5992 0.4557 0.4833 0.0453  -0.0534 0.0078  211 SER A OG  
670 N N   . SER A 87 ? 0.3866 0.2396 0.2806 0.0706  -0.0347 -0.0229 212 SER A N   
671 C CA  . SER A 87 ? 0.3937 0.2474 0.2895 0.0869  -0.0292 -0.0309 212 SER A CA  
672 C C   . SER A 87 ? 0.3133 0.2017 0.2206 0.0830  -0.0226 -0.0360 212 SER A C   
673 O O   . SER A 87 ? 0.3495 0.2548 0.2634 0.0972  -0.0172 -0.0402 212 SER A O   
674 C CB  . SER A 87 ? 0.4354 0.2475 0.3117 0.0883  -0.0285 -0.0392 212 SER A CB  
675 O OG  . SER A 87 ? 0.4872 0.2948 0.3566 0.0691  -0.0272 -0.0427 212 SER A OG  
676 N N   . LEU A 88 ? 0.2978 0.1968 0.2069 0.0648  -0.0227 -0.0348 213 LEU A N   
677 C CA  . LEU A 88 ? 0.3023 0.2305 0.2213 0.0582  -0.0181 -0.0371 213 LEU A CA  
678 C C   . LEU A 88 ? 0.2842 0.2459 0.2186 0.0567  -0.0211 -0.0298 213 LEU A C   
679 O O   . LEU A 88 ? 0.2534 0.2415 0.1971 0.0504  -0.0186 -0.0295 213 LEU A O   
680 C CB  . LEU A 88 ? 0.2697 0.1900 0.1822 0.0409  -0.0173 -0.0387 213 LEU A CB  
681 C CG  . LEU A 88 ? 0.3228 0.2184 0.2215 0.0382  -0.0150 -0.0448 213 LEU A CG  
682 C CD1 . LEU A 88 ? 0.3565 0.2494 0.2515 0.0228  -0.0154 -0.0431 213 LEU A CD1 
683 C CD2 . LEU A 88 ? 0.2959 0.1998 0.1941 0.0454  -0.0086 -0.0522 213 LEU A CD2 
684 N N   . GLY A 89 ? 0.2725 0.2332 0.2084 0.0604  -0.0274 -0.0230 214 GLY A N   
685 C CA  . GLY A 89 ? 0.2509 0.2433 0.1993 0.0569  -0.0323 -0.0157 214 GLY A CA  
686 C C   . GLY A 89 ? 0.2435 0.2318 0.1855 0.0396  -0.0379 -0.0134 214 GLY A C   
687 O O   . GLY A 89 ? 0.2725 0.2840 0.2212 0.0323  -0.0431 -0.0088 214 GLY A O   
688 N N   . ILE A 90 ? 0.2556 0.2158 0.1838 0.0330  -0.0370 -0.0166 215 ILE A N   
689 C CA  . ILE A 90 ? 0.2544 0.2097 0.1738 0.0195  -0.0403 -0.0162 215 ILE A CA  
690 C C   . ILE A 90 ? 0.2966 0.2414 0.2071 0.0207  -0.0456 -0.0105 215 ILE A C   
691 O O   . ILE A 90 ? 0.2832 0.2087 0.1878 0.0262  -0.0450 -0.0084 215 ILE A O   
692 C CB  . ILE A 90 ? 0.2483 0.1864 0.1589 0.0119  -0.0351 -0.0221 215 ILE A CB  
693 C CG1 . ILE A 90 ? 0.2586 0.2076 0.1762 0.0083  -0.0309 -0.0260 215 ILE A CG1 
694 C CG2 . ILE A 90 ? 0.2873 0.2185 0.1868 0.0027  -0.0372 -0.0223 215 ILE A CG2 
695 C CD1 . ILE A 90 ? 0.2645 0.1987 0.1755 0.0044  -0.0256 -0.0301 215 ILE A CD1 
696 N N   . ARG A 91 ? 0.2436 0.2009 0.1516 0.0141  -0.0515 -0.0073 216 ARG A N   
697 C CA  . ARG A 91 ? 0.2597 0.2093 0.1558 0.0121  -0.0558 -0.0021 216 ARG A CA  
698 C C   . ARG A 91 ? 0.3115 0.2533 0.1938 0.0013  -0.0538 -0.0077 216 ARG A C   
699 O O   . ARG A 91 ? 0.2976 0.2467 0.1770 -0.0064 -0.0556 -0.0125 216 ARG A O   
700 C CB  . ARG A 91 ? 0.3096 0.2798 0.2093 0.0133  -0.0644 0.0057  216 ARG A CB  
701 C CG  . ARG A 91 ? 0.3978 0.3619 0.2842 0.0118  -0.0691 0.0128  216 ARG A CG  
702 C CD  . ARG A 91 ? 0.4475 0.4343 0.3376 0.0134  -0.0785 0.0222  216 ARG A CD  
703 N NE  . ARG A 91 ? 0.6084 0.5900 0.4849 0.0123  -0.0831 0.0309  216 ARG A NE  
704 C CZ  . ARG A 91 ? 0.7422 0.7421 0.6183 0.0130  -0.0921 0.0412  216 ARG A CZ  
705 N NH1 . ARG A 91 ? 0.7000 0.7267 0.5894 0.0151  -0.0979 0.0442  216 ARG A NH1 
706 N NH2 . ARG A 91 ? 0.8184 0.8135 0.6805 0.0111  -0.0957 0.0501  216 ARG A NH2 
707 N N   . PRO A 92 ? 0.3180 0.2445 0.1907 0.0009  -0.0500 -0.0071 217 PRO A N   
708 C CA  . PRO A 92 ? 0.3371 0.2597 0.1969 -0.0054 -0.0467 -0.0119 217 PRO A CA  
709 C C   . PRO A 92 ? 0.3253 0.2564 0.1728 -0.0097 -0.0519 -0.0117 217 PRO A C   
710 O O   . PRO A 92 ? 0.3524 0.2917 0.1991 -0.0086 -0.0579 -0.0040 217 PRO A O   
711 C CB  . PRO A 92 ? 0.3731 0.2865 0.2278 -0.0047 -0.0432 -0.0067 217 PRO A CB  
712 C CG  . PRO A 92 ? 0.3534 0.2573 0.2180 -0.0001 -0.0433 -0.0040 217 PRO A CG  
713 C CD  . PRO A 92 ? 0.3080 0.2202 0.1813 0.0059  -0.0487 -0.0017 217 PRO A CD  
714 N N   . ARG A 93 ? 0.2918 0.2190 0.1276 -0.0142 -0.0500 -0.0204 218 ARG A N   
715 C CA  . ARG A 93 ? 0.3211 0.2524 0.1392 -0.0184 -0.0542 -0.0228 218 ARG A CA  
716 C C   . ARG A 93 ? 0.4011 0.3353 0.2082 -0.0156 -0.0512 -0.0169 218 ARG A C   
717 O O   . ARG A 93 ? 0.5041 0.4340 0.3123 -0.0123 -0.0438 -0.0158 218 ARG A O   
718 C CB  . ARG A 93 ? 0.3331 0.2519 0.1375 -0.0222 -0.0525 -0.0353 218 ARG A CB  
719 C CG  . ARG A 93 ? 0.4116 0.3305 0.1929 -0.0269 -0.0574 -0.0409 218 ARG A CG  
720 C CD  . ARG A 93 ? 0.5046 0.4023 0.2678 -0.0285 -0.0552 -0.0548 218 ARG A CD  
721 N NE  . ARG A 93 ? 0.5001 0.3883 0.2589 -0.0180 -0.0442 -0.0581 218 ARG A NE  
722 C CZ  . ARG A 93 ? 0.6137 0.4809 0.3577 -0.0142 -0.0402 -0.0691 218 ARG A CZ  
723 N NH1 . ARG A 93 ? 0.5767 0.4246 0.3061 -0.0221 -0.0471 -0.0788 218 ARG A NH1 
724 N NH2 . ARG A 93 ? 0.5818 0.4471 0.3251 -0.0025 -0.0300 -0.0697 218 ARG A NH2 
725 N N   . GLY A 94 ? 0.4869 0.4318 0.2841 -0.0180 -0.0573 -0.0115 219 GLY A N   
726 C CA  . GLY A 94 ? 0.7249 0.6794 0.5223 -0.0229 -0.0670 -0.0114 219 GLY A CA  
727 C C   . GLY A 94 ? 0.8612 0.8293 0.6662 -0.0208 -0.0742 0.0032  219 GLY A C   
728 O O   . GLY A 94 ? 1.0175 0.9982 0.8105 -0.0247 -0.0810 0.0074  219 GLY A O   
# 
